data_8FDU
#
_entry.id   8FDU
#
loop_
_entity.id
_entity.type
_entity.pdbx_description
1 polymer 'Cytoplasmic dynein 1 heavy chain 1,Serine--tRNA ligase'
2 polymer 'Platelet-activating factor acetylhydrolase IB subunit beta,Platelet-activating factor acetylhydrolase IB subunit beta,human LIS1 protein with a SNAP tag'
3 non-polymer "ADENOSINE-5'-DIPHOSPHATE"
#
loop_
_entity_poly.entity_id
_entity_poly.type
_entity_poly.pdbx_seq_one_letter_code
_entity_poly.pdbx_strand_id
1 'polypeptide(L)'
;GSALEEFLKQIREVWNTYELDLVNYQNKCRLIRGWDDLFNKVKEHINSVSAMKLSPYYKVFEEDALSWEDKLNRIMALFD
VWIDVQRRWVYLEGIFTGSADIKHLLPVETQRFQSISTEFLALMKKVSKSPLVMDVLNIQGVQRSLERLADLLGKIQKAL
GEYLERERSSFPRFYFVGDEDLLEIIGNSKNVAKLQKHFKKMFAGVSSIILNEDNSVVLGISSREGEEVMFKTPVSITEH
PKINEWLTLVEKEMRVTLAKLLAESVTEVEIFGKATSIDPNTYITWIDKYQAQLVVLSAQIAWSENVETALSSMGGGGDA
APLHSVLSNVEVTLNVLADSVLMEQPPLRRRKLEHLITELVHQRDVTRSLIKSKIDNAKSFEWLSQMRFYFDPKQTDVLQ
QLSIQMANAKFNYGFEYLGVQDKLVQTPLTDRCYLTMTQALEARLGGSPFGPAGTGKTESVKALGHQLGRFVLVFNCDET
FDFQAMGRIFVGLCQVGAWGCFDEFNRLEERMLSAVSQQVQCIQEALREHSNPNYDKTSAPITCELLNKQVKVSPDMAIF
ITMNPGYAGRSNLPDNLKKLFRSLAMTKPDRQLIAQVMLYSQGFRTAEVLANKIVPFFKLCDEQLSSQSHYDFGLRALKS
VLVSAGNVKRERIQKIKREKEERGEAVDEGEIAENLPEQEILIQSVCETMVPKLVAEDIPLLFSLLSDVFPGVQYHRGEM
TALREELKKVCQEMYLTYGDGEEVGGMWVEKVLQLYQITQINHGLMMVGPSGSGKSMAWRVLLKALERLEGVEGVAHIID
PKAISKDHLYGTLDPNTREWTDGLFTHVLRKIIDSVRGELQKRQWIVFDGDVDPEWVENLNSVLDDNKLLTLPNGERLSL
PPNVRIMFEVQDLKYATLATVSRCGMVWFSEDVLSTDMIFNNFLARLRSIPLDEGEDEAQRRRKGKEDEGEEAASPMLQI
QRDAATIMQPYFTSNGLVTKALEHAFQLEHIMDLTRLRCLGSLFSMLHQACRNVAQYNANHPDFPMQIEQLERYIQRYLV
YAILWSLSGDSRLKMRAELGEYIRRITTVPLPTAPNIPIIDYEVSISGEWSPWQAKVPQIEVETHKVAAPDVVVPTLDTV
RHEALLYTWLAEHKPLVLCGPPGSGKTMTLFSALRALPDMEVVGLNFSSATTPELLLKTFDHYCEYRRTPNGVVLAPVQL
GKWLVLFCDEINLPDMDKYGTQRVISFIRQMVEHGGFYRTSDQTWVKLERIQFVGACNPPTDPGRKPLSHRFLRHVPVVY
VDYPGPASLTQIYGTFNRAMLRLIPSLRTYAEPLTAAMVEFYTMSQERFTQDTQPHYIYSPREMTRWVRGIFEALRPLET
LPVEGLIRIWAHEALRLFQDRLVEDEERRWTDENIDTVALKHFPNIDREKAMSRPILYSNWLSKDYIPVDQEELRDYVKA
RLKVFYEEELDVPLVLFNEVLDHVLRIDRIFRQPQGHLLLIGVSGAGKTTLSRFVAWMNGLSVYQIKVHRKYTGEDFDED
LRTVLRRSGCKNEKIAFIMDESNVLDSGFLERMNTLLANGEVPGLFEGDEYATLMTQCKEGAQKEGLMLDSHEELYKWFT
SQVIRNLHVVFTMNPSSEGLKDRAATSPALFNRCVLNWFGDWSTEALYQVGKEFTSKMDLEKPNYIVPDYMPVVYDKLPQ
PPSHREAIVNSCVFVHQTLHQANARLAKRGGRTMAITPRHYLDFINHYANLFHEKRSELEEQQMHLNVGLRKIKETVDQV
EELRRDLRIKSQELEVKNAAANDKLKKMVKDQQEAEKKKVMSQEIQEQLHKQQEVIADKQMSLLALDQEVQELKKRLQEV
QTERNQVAKRVPKAPPEEKEALIARGRALGEEAKRLEEALREKEAQLEALRNELQKLEDDAKDNQQKANEVEQMIRDLEA
SIARYKEEYAVLISEAQAIKADLAAVEAKVNRSTALLKSLSAERERWEKTSETFKNQMSTIAGDCLLSAAFIAYAGYFDQ
QMRQNLFTTWSHHLQQANIQFRTDIARTEYLSNADERLRWQASSLPADDLCTENAIMLKRFNRYPLIIDPSGQATEFIMN
EYKDRKITRTSFLDDAFRKNLESALRFGNPLLVQDVESYDPVLNPVLNREVRRTGGRVLITLGDQDIDLSPSFVIFLSTR
DPTVEFPPDLCSRVTFVNFTVTRSSLQSQCLNEVLKAERPDVDEKRSDLLKLQGEFQLRLRQLEKSLLQALNEVKGRILD
DDTIITTLENLKREAAEVTRKVEETDIVMQEVETVSQQYLPLSTACSSIYFTMESLKQIHFLYQYSLQFFLDIYHNVLYE
NPNLKGVTDHTQRLSIITKDLFQVAFNRVARGMLHQDHITFAMLLARIKLKGTVGEPTYDAEFQHFLRGNEIVLSAGSTP
RIQGLTVEQAEAVVRLSCLPAFKDLIAKVQADEQFGIWLDSSSPEQTVPYLWSEETPATPIGQAIHRLLLIQAFRPDRLL
AMAHMFVSTNLGESFMSIMEQPLDLTHIVGTEVKPNTPVLMCSVPGYDASGHVEDLAAEQNTQITSIAIGSAEGFNQADK
AINTAVKSGRWVMLKNVHLAPGWLMQLEKKLHSLQPHACFRLFLTMEINPKVPVNLLRAGRIFVFEPPPGVKANMLRTFS
SIPVSRICKSPNERARLYFLLAWFHAIIQERLRYAPLGWSKKYEFGESDLRSACDTVDTWLDDTAKGRQNISPDKIPWSA
LKTLMAQSIYGGRVDNEFDQRLLNTFLERLFTTRSFDSEFKLACKVDGHKDIQMPDGIRREEFVQWVELLPDTQTPSWLG
LPNNAERVLLTTQGVDMISKMLKMQMLEDEDDLAYAETEKKTRTDSTSDGRPAWMRTLHTTASNWLHLIPQTLSHLKRTV
ENIKDPLFRFFEREVKMGAKLLQDVRQDLADVVQVCEGKKKQTNYLRTLINELVKGILPRSWSHYTVPAGMTVIQWVSDF
SERIKQLQNISLAAASGGAKELKNIHVCLGGLFVPEAYITATRQYVAQANSWSLEELCLEVNVTTSQGATLDACSFGVTG
LKLQGATCNNNKLSLSNAISTALPLTQLRWVKQTNTEKKASVVTLPVYLNFTRADLIFTVDFEIATKEDPRSFYERGVAV
LCTEEF
;
A
2 'polypeptide(L)'
;GSVLSQRQRDELNRAIADYLRSNGYEEAYSVFKKEAELDVNEELDKKYAGLLEKKWTSVIRLQKKVMELESKLNEAKEEF
TSGGPLGQKRDPKEWIPRPPEKYALSGHRSPVTRVIFHPVFSVMVSASEDATIKVWDYETGDFERTLKGHTDSVQDISFD
HSGKLLASCSADMTIKLWDFQGFECIRTMHGHDHNVSSVAIMPNGDHIVSASRDKTIKMWEVQTGYCVKTFTGHREWVRM
VRPNQDGTLIASCSNDQTVRVWVVATKECKAELREHEHVVECISWAPESSYSSISEATGSETKKSGKPGPFLLSGSRDKT
IKMWDVSTGMCLMTLVGHDNWVRGVLFHSGGKFILSCADDKTLRVWDYKNKRCMKTLNAHEHFVTSLDFHKTAPYVVTGS
VDQTVKVWECRGAGAGADKDCEMKRTTLDSPLGKLELSGCEQGLHRIIFLGKGTSAADAVEVPAPAAVLGGPEPLMQATA
WLNAYFHQPEAIEEFPVPALHHPVFQQESFTRQVLWKLLKVVKFGEVISYSHLAALAGNPAATAAVKTALSGNPVPILIP
CHRVVQGDLDVGGYEGGLAVKEWLLAHEGHRLGKPGLG
;
B,C
#
loop_
_chem_comp.id
_chem_comp.type
_chem_comp.name
_chem_comp.formula
ADP non-polymer ADENOSINE-5'-DIPHOSPHATE 'C10 H15 N5 O10 P2'
#
# COMPACT_ATOMS: atom_id res chain seq x y z
N ALA A 1095 16.55 -26.90 52.63
CA ALA A 1095 17.81 -27.44 53.13
C ALA A 1095 18.79 -27.69 51.98
N LYS A 1096 18.32 -28.44 50.99
CA LYS A 1096 19.12 -28.75 49.81
C LYS A 1096 18.78 -27.83 48.64
N VAL A 1097 18.31 -26.63 48.92
CA VAL A 1097 17.94 -25.66 47.88
C VAL A 1097 18.92 -24.50 47.89
N PRO A 1098 20.06 -24.61 47.21
CA PRO A 1098 21.01 -23.50 47.18
C PRO A 1098 20.43 -22.28 46.48
N GLN A 1099 20.80 -21.11 46.97
CA GLN A 1099 20.36 -19.84 46.37
C GLN A 1099 21.37 -19.47 45.29
N ILE A 1100 21.36 -20.27 44.22
CA ILE A 1100 22.34 -20.10 43.15
C ILE A 1100 22.14 -18.75 42.48
N GLU A 1101 23.20 -18.22 41.87
CA GLU A 1101 23.12 -16.98 41.12
C GLU A 1101 23.36 -17.31 39.66
N VAL A 1102 22.31 -17.18 38.84
CA VAL A 1102 22.42 -17.48 37.42
C VAL A 1102 23.36 -16.48 36.77
N GLU A 1103 24.03 -16.92 35.71
CA GLU A 1103 24.89 -16.04 34.95
C GLU A 1103 24.06 -14.87 34.41
N THR A 1104 24.74 -13.74 34.17
CA THR A 1104 24.04 -12.58 33.65
C THR A 1104 23.48 -12.82 32.26
N HIS A 1105 24.03 -13.78 31.53
CA HIS A 1105 23.46 -14.24 30.27
C HIS A 1105 22.67 -15.51 30.52
N LYS A 1106 22.10 -16.06 29.45
CA LYS A 1106 21.28 -17.27 29.46
C LYS A 1106 20.30 -17.29 30.64
N VAL A 1107 19.74 -16.14 30.97
CA VAL A 1107 18.71 -16.06 32.00
C VAL A 1107 17.39 -16.51 31.39
N ALA A 1108 16.61 -17.27 32.16
CA ALA A 1108 15.34 -17.84 31.71
C ALA A 1108 15.54 -18.73 30.48
N ALA A 1109 16.71 -19.37 30.38
CA ALA A 1109 16.97 -20.27 29.29
C ALA A 1109 16.17 -21.57 29.47
N PRO A 1110 15.96 -22.32 28.40
CA PRO A 1110 15.24 -23.59 28.52
C PRO A 1110 15.90 -24.58 29.47
N ASP A 1111 17.24 -24.55 29.53
CA ASP A 1111 17.97 -25.54 30.37
C ASP A 1111 18.42 -24.89 31.68
N VAL A 1112 17.51 -24.23 32.40
CA VAL A 1112 17.88 -23.66 33.74
C VAL A 1112 16.64 -23.68 34.65
N VAL A 1113 16.84 -23.89 35.96
CA VAL A 1113 15.71 -23.88 36.93
C VAL A 1113 16.26 -23.52 38.32
N VAL A 1114 15.64 -22.53 38.98
CA VAL A 1114 16.08 -22.14 40.35
C VAL A 1114 15.65 -23.23 41.32
N PRO A 1115 16.58 -23.89 42.05
CA PRO A 1115 16.23 -25.00 42.95
C PRO A 1115 15.25 -24.56 44.06
N THR A 1116 14.00 -24.99 43.98
CA THR A 1116 13.04 -24.67 45.02
C THR A 1116 12.62 -25.96 45.71
N LEU A 1117 11.91 -25.82 46.82
CA LEU A 1117 11.53 -26.98 47.62
C LEU A 1117 10.73 -27.99 46.79
N ASP A 1118 9.69 -27.49 46.12
CA ASP A 1118 8.85 -28.38 45.27
C ASP A 1118 9.73 -29.03 44.20
N THR A 1119 10.58 -28.25 43.53
CA THR A 1119 11.42 -28.81 42.43
C THR A 1119 12.30 -29.94 42.96
N VAL A 1120 13.02 -29.73 44.07
CA VAL A 1120 13.97 -30.77 44.56
C VAL A 1120 13.19 -31.98 45.10
N ARG A 1121 11.99 -31.78 45.66
CA ARG A 1121 11.20 -32.91 46.12
C ARG A 1121 10.69 -33.74 44.94
N HIS A 1122 10.08 -33.07 43.96
CA HIS A 1122 9.52 -33.79 42.82
C HIS A 1122 10.60 -34.42 41.97
N GLU A 1123 11.75 -33.75 41.83
CA GLU A 1123 12.85 -34.32 41.07
C GLU A 1123 13.39 -35.58 41.74
N ALA A 1124 13.51 -35.56 43.07
CA ALA A 1124 13.95 -36.76 43.79
C ALA A 1124 12.95 -37.89 43.60
N LEU A 1125 11.65 -37.59 43.70
CA LEU A 1125 10.65 -38.62 43.51
C LEU A 1125 10.71 -39.21 42.10
N LEU A 1126 10.85 -38.34 41.09
CA LEU A 1126 10.94 -38.82 39.71
C LEU A 1126 12.19 -39.64 39.49
N TYR A 1127 13.30 -39.24 40.11
CA TYR A 1127 14.53 -40.03 40.00
C TYR A 1127 14.33 -41.42 40.62
N THR A 1128 13.68 -41.47 41.79
CA THR A 1128 13.42 -42.74 42.43
C THR A 1128 12.59 -43.65 41.53
N TRP A 1129 11.54 -43.09 40.91
CA TRP A 1129 10.66 -43.92 40.09
C TRP A 1129 11.30 -44.30 38.76
N LEU A 1130 12.11 -43.41 38.18
CA LEU A 1130 12.72 -43.68 36.88
C LEU A 1130 13.87 -44.67 37.00
N ALA A 1131 14.65 -44.57 38.08
CA ALA A 1131 15.73 -45.53 38.28
C ALA A 1131 15.18 -46.95 38.42
N GLU A 1132 13.94 -47.09 38.88
CA GLU A 1132 13.26 -48.37 38.97
C GLU A 1132 12.60 -48.76 37.66
N HIS A 1133 12.70 -47.91 36.63
CA HIS A 1133 12.13 -48.17 35.30
C HIS A 1133 10.62 -48.43 35.37
N LYS A 1134 9.93 -47.65 36.20
CA LYS A 1134 8.49 -47.80 36.36
C LYS A 1134 7.78 -46.68 35.62
N PRO A 1135 6.88 -46.97 34.69
CA PRO A 1135 6.18 -45.89 33.98
C PRO A 1135 5.36 -45.05 34.95
N LEU A 1136 5.28 -43.74 34.66
CA LEU A 1136 4.67 -42.83 35.62
C LEU A 1136 3.98 -41.69 34.89
N VAL A 1137 3.28 -40.84 35.66
CA VAL A 1137 2.50 -39.75 35.09
C VAL A 1137 2.55 -38.53 36.01
N LEU A 1138 2.64 -37.34 35.40
CA LEU A 1138 2.64 -36.06 36.08
C LEU A 1138 1.36 -35.33 35.68
N CYS A 1139 0.48 -35.12 36.65
CA CYS A 1139 -0.79 -34.44 36.39
C CYS A 1139 -0.78 -33.07 37.06
N GLY A 1140 -0.82 -32.02 36.25
CA GLY A 1140 -0.86 -30.67 36.76
C GLY A 1140 -1.38 -29.68 35.74
N PRO A 1141 -1.73 -28.42 36.13
CA PRO A 1141 -2.15 -27.41 35.15
C PRO A 1141 -1.01 -27.05 34.18
N PRO A 1142 -1.31 -26.66 32.92
CA PRO A 1142 -0.28 -26.36 31.93
C PRO A 1142 0.66 -25.24 32.39
N GLY A 1143 1.97 -25.46 32.31
CA GLY A 1143 2.95 -24.42 32.70
C GLY A 1143 3.40 -24.55 34.15
N SER A 1144 2.86 -25.52 34.89
CA SER A 1144 3.24 -25.73 36.31
C SER A 1144 4.74 -26.02 36.40
N GLY A 1145 5.28 -26.78 35.45
CA GLY A 1145 6.72 -27.12 35.47
C GLY A 1145 6.92 -28.64 35.44
N LYS A 1146 6.04 -29.36 34.74
CA LYS A 1146 6.14 -30.83 34.67
C LYS A 1146 7.30 -31.23 33.76
N THR A 1147 7.38 -30.64 32.55
CA THR A 1147 8.43 -31.01 31.58
C THR A 1147 9.82 -30.69 32.15
N MET A 1148 9.99 -29.49 32.73
CA MET A 1148 11.33 -29.09 33.24
C MET A 1148 11.77 -30.02 34.38
N THR A 1149 10.85 -30.39 35.27
CA THR A 1149 11.18 -31.30 36.40
C THR A 1149 11.58 -32.66 35.82
N LEU A 1150 10.87 -33.13 34.79
CA LEU A 1150 11.21 -34.40 34.17
C LEU A 1150 12.61 -34.37 33.59
N PHE A 1151 12.96 -33.30 32.88
CA PHE A 1151 14.30 -33.23 32.29
C PHE A 1151 15.37 -33.08 33.35
N SER A 1152 15.08 -32.36 34.43
CA SER A 1152 16.04 -32.25 35.53
C SER A 1152 16.29 -33.60 36.18
N ALA A 1153 15.23 -34.38 36.39
CA ALA A 1153 15.40 -35.72 36.91
C ALA A 1153 16.17 -36.59 35.93
N LEU A 1154 15.90 -36.44 34.64
CA LEU A 1154 16.51 -37.30 33.63
C LEU A 1154 17.99 -37.02 33.46
N ARG A 1155 18.39 -35.74 33.46
CA ARG A 1155 19.80 -35.41 33.24
C ARG A 1155 20.69 -35.96 34.35
N ALA A 1156 20.13 -36.23 35.53
CA ALA A 1156 20.91 -36.91 36.57
C ALA A 1156 21.30 -38.31 36.11
N LEU A 1157 20.39 -39.02 35.45
CA LEU A 1157 20.72 -40.33 34.90
C LEU A 1157 21.52 -40.13 33.62
N PRO A 1158 22.76 -40.63 33.56
CA PRO A 1158 23.60 -40.40 32.38
C PRO A 1158 23.43 -41.40 31.25
N ASP A 1159 22.75 -42.52 31.48
CA ASP A 1159 22.52 -43.53 30.46
C ASP A 1159 21.06 -43.52 30.02
N MET A 1160 20.43 -42.36 30.06
CA MET A 1160 18.98 -42.25 29.93
C MET A 1160 18.70 -41.16 28.90
N GLU A 1161 18.13 -41.53 27.76
CA GLU A 1161 17.91 -40.60 26.67
C GLU A 1161 16.42 -40.55 26.36
N VAL A 1162 15.89 -39.35 26.11
CA VAL A 1162 14.45 -39.13 26.03
C VAL A 1162 14.04 -38.88 24.59
N VAL A 1163 12.83 -39.30 24.25
CA VAL A 1163 12.23 -39.06 22.94
C VAL A 1163 10.86 -38.43 23.16
N GLY A 1164 10.65 -37.26 22.57
CA GLY A 1164 9.40 -36.52 22.78
C GLY A 1164 8.25 -37.14 22.01
N LEU A 1165 7.04 -36.91 22.51
CA LEU A 1165 5.83 -37.38 21.88
C LEU A 1165 4.66 -36.53 22.35
N ASN A 1166 3.88 -36.04 21.39
CA ASN A 1166 2.77 -35.14 21.66
C ASN A 1166 1.47 -35.82 21.27
N PHE A 1167 0.53 -35.88 22.21
CA PHE A 1167 -0.74 -36.55 22.01
C PHE A 1167 -1.82 -35.52 21.74
N SER A 1168 -2.49 -35.65 20.60
CA SER A 1168 -3.67 -34.87 20.30
C SER A 1168 -4.90 -35.70 20.67
N SER A 1169 -6.08 -35.22 20.29
CA SER A 1169 -7.31 -35.96 20.51
C SER A 1169 -7.66 -36.85 19.33
N ALA A 1170 -6.81 -36.91 18.32
CA ALA A 1170 -7.04 -37.74 17.14
C ALA A 1170 -5.81 -38.58 16.85
N THR A 1171 -5.21 -39.13 17.90
CA THR A 1171 -4.01 -39.93 17.76
C THR A 1171 -4.34 -41.41 17.93
N THR A 1172 -3.54 -42.25 17.28
CA THR A 1172 -3.71 -43.70 17.26
C THR A 1172 -2.37 -44.34 17.60
N PRO A 1173 -2.38 -45.62 18.01
CA PRO A 1173 -1.12 -46.30 18.27
C PRO A 1173 -0.15 -46.29 17.09
N GLU A 1174 -0.62 -45.94 15.89
CA GLU A 1174 0.29 -45.81 14.76
C GLU A 1174 1.38 -44.78 15.01
N LEU A 1175 1.07 -43.75 15.80
CA LEU A 1175 2.09 -42.78 16.18
C LEU A 1175 3.22 -43.44 16.95
N LEU A 1176 2.88 -44.24 17.96
CA LEU A 1176 3.90 -44.94 18.72
C LEU A 1176 4.65 -45.94 17.85
N LEU A 1177 3.93 -46.62 16.95
CA LEU A 1177 4.60 -47.57 16.06
C LEU A 1177 5.62 -46.88 15.17
N LYS A 1178 5.26 -45.71 14.63
CA LYS A 1178 6.23 -44.95 13.83
C LYS A 1178 7.38 -44.49 14.70
N THR A 1179 7.11 -44.08 15.93
CA THR A 1179 8.18 -43.63 16.82
C THR A 1179 9.17 -44.76 17.10
N PHE A 1180 8.66 -45.97 17.36
CA PHE A 1180 9.54 -47.11 17.56
C PHE A 1180 10.27 -47.50 16.29
N ASP A 1181 9.62 -47.44 15.14
CA ASP A 1181 10.29 -47.80 13.89
C ASP A 1181 11.42 -46.82 13.60
N HIS A 1182 11.25 -45.55 13.96
CA HIS A 1182 12.22 -44.52 13.64
C HIS A 1182 13.45 -44.59 14.55
N TYR A 1183 13.23 -44.82 15.85
CA TYR A 1183 14.35 -44.77 16.80
C TYR A 1183 14.76 -46.17 17.27
N CYS A 1184 13.81 -47.08 17.39
CA CYS A 1184 14.12 -48.46 17.80
C CYS A 1184 14.11 -49.38 16.58
N GLU A 1185 15.16 -49.27 15.77
CA GLU A 1185 15.24 -50.04 14.54
C GLU A 1185 15.26 -51.54 14.83
N TYR A 1186 16.00 -51.96 15.85
CA TYR A 1186 16.17 -53.38 16.10
C TYR A 1186 14.83 -54.02 16.45
N ARG A 1187 14.33 -54.87 15.56
CA ARG A 1187 13.15 -55.68 15.77
C ARG A 1187 13.55 -57.14 15.86
N ARG A 1188 14.71 -57.40 16.46
CA ARG A 1188 15.31 -58.72 16.44
C ARG A 1188 14.45 -59.74 17.17
N THR A 1189 14.55 -61.00 16.72
CA THR A 1189 13.77 -62.10 17.28
C THR A 1189 14.67 -63.31 17.60
N PRO A 1190 15.59 -63.17 18.55
CA PRO A 1190 16.24 -64.37 19.09
C PRO A 1190 15.38 -64.95 20.20
N ASN A 1191 15.02 -66.22 20.06
CA ASN A 1191 14.15 -66.96 20.98
C ASN A 1191 13.00 -66.10 21.49
N GLY A 1192 12.41 -65.33 20.57
CA GLY A 1192 11.35 -64.40 20.91
C GLY A 1192 11.62 -63.01 20.37
N VAL A 1193 10.56 -62.33 19.92
CA VAL A 1193 10.72 -61.03 19.30
C VAL A 1193 10.89 -59.97 20.38
N VAL A 1194 11.97 -59.19 20.27
CA VAL A 1194 12.29 -58.16 21.25
C VAL A 1194 12.55 -56.84 20.52
N LEU A 1195 12.12 -55.75 21.13
CA LEU A 1195 12.29 -54.41 20.58
C LEU A 1195 13.30 -53.63 21.41
N ALA A 1196 14.38 -53.18 20.77
CA ALA A 1196 15.44 -52.45 21.47
C ALA A 1196 15.98 -51.32 20.60
N PRO A 1197 16.43 -50.23 21.23
CA PRO A 1197 17.03 -49.13 20.46
C PRO A 1197 18.42 -49.48 19.95
N VAL A 1198 18.91 -48.65 19.02
CA VAL A 1198 20.24 -48.85 18.47
C VAL A 1198 21.31 -48.61 19.54
N GLN A 1199 21.18 -47.52 20.29
CA GLN A 1199 22.22 -47.14 21.23
C GLN A 1199 22.23 -48.14 22.38
N LEU A 1200 23.15 -49.09 22.31
CA LEU A 1200 23.19 -50.17 23.29
C LEU A 1200 23.64 -49.66 24.66
N GLY A 1201 23.12 -50.28 25.70
CA GLY A 1201 23.43 -49.87 27.05
C GLY A 1201 22.70 -48.64 27.53
N LYS A 1202 21.80 -48.10 26.71
CA LYS A 1202 21.05 -46.90 27.05
C LYS A 1202 19.57 -47.21 27.01
N TRP A 1203 18.85 -46.73 28.01
CA TRP A 1203 17.41 -46.92 28.06
C TRP A 1203 16.74 -45.86 27.19
N LEU A 1204 15.41 -45.88 27.13
CA LEU A 1204 14.67 -44.92 26.33
C LEU A 1204 13.41 -44.52 27.08
N VAL A 1205 13.20 -43.21 27.22
CA VAL A 1205 12.03 -42.67 27.89
C VAL A 1205 11.16 -42.01 26.83
N LEU A 1206 9.97 -42.55 26.61
CA LEU A 1206 9.04 -42.00 25.62
C LEU A 1206 8.16 -40.99 26.33
N PHE A 1207 8.55 -39.72 26.26
CA PHE A 1207 7.80 -38.69 26.97
C PHE A 1207 6.49 -38.38 26.24
N CYS A 1208 5.39 -38.94 26.72
CA CYS A 1208 4.08 -38.73 26.10
C CYS A 1208 3.40 -37.59 26.83
N ASP A 1209 3.14 -36.50 26.11
CA ASP A 1209 2.58 -35.31 26.74
C ASP A 1209 1.11 -35.22 26.38
N GLU A 1210 0.31 -34.70 27.32
CA GLU A 1210 -1.15 -34.60 27.17
C GLU A 1210 -1.76 -35.97 26.86
N ILE A 1211 -1.41 -36.95 27.69
CA ILE A 1211 -1.83 -38.32 27.43
C ILE A 1211 -3.33 -38.52 27.52
N ASN A 1212 -4.05 -37.65 28.22
CA ASN A 1212 -5.48 -37.87 28.40
C ASN A 1212 -6.33 -37.14 27.36
N LEU A 1213 -5.71 -36.45 26.41
CA LEU A 1213 -6.46 -35.91 25.28
C LEU A 1213 -7.04 -36.99 24.37
N PRO A 1214 -6.25 -38.04 23.98
CA PRO A 1214 -6.77 -39.04 23.04
C PRO A 1214 -8.21 -39.44 23.29
N ASP A 1215 -9.06 -39.21 22.29
CA ASP A 1215 -10.49 -39.35 22.46
C ASP A 1215 -10.89 -40.80 22.71
N MET A 1216 -11.91 -40.98 23.55
CA MET A 1216 -12.48 -42.30 23.82
C MET A 1216 -13.67 -42.49 22.88
N ASP A 1217 -13.64 -43.58 22.12
CA ASP A 1217 -14.75 -43.88 21.22
C ASP A 1217 -16.00 -44.23 22.03
N LYS A 1218 -17.07 -44.58 21.31
CA LYS A 1218 -18.27 -45.02 21.97
C LYS A 1218 -17.98 -46.21 22.88
N TYR A 1219 -18.82 -46.37 23.92
CA TYR A 1219 -18.66 -47.40 24.94
C TYR A 1219 -17.45 -47.11 25.84
N GLY A 1220 -16.85 -45.94 25.68
CA GLY A 1220 -15.82 -45.46 26.59
C GLY A 1220 -14.51 -46.22 26.61
N THR A 1221 -13.74 -46.13 25.53
CA THR A 1221 -12.44 -46.79 25.48
C THR A 1221 -11.47 -45.94 24.68
N GLN A 1222 -10.27 -45.75 25.23
CA GLN A 1222 -9.20 -45.02 24.56
C GLN A 1222 -8.23 -46.02 23.97
N ARG A 1223 -8.02 -45.95 22.65
CA ARG A 1223 -7.23 -46.98 21.98
C ARG A 1223 -5.77 -46.94 22.41
N VAL A 1224 -5.17 -45.75 22.42
CA VAL A 1224 -3.75 -45.67 22.77
C VAL A 1224 -3.53 -45.96 24.26
N ILE A 1225 -4.48 -45.58 25.11
CA ILE A 1225 -4.37 -45.91 26.53
C ILE A 1225 -4.44 -47.42 26.73
N SER A 1226 -5.34 -48.08 26.01
CA SER A 1226 -5.41 -49.54 26.07
C SER A 1226 -4.13 -50.17 25.55
N PHE A 1227 -3.54 -49.61 24.48
CA PHE A 1227 -2.27 -50.09 23.97
C PHE A 1227 -1.18 -49.97 25.02
N ILE A 1228 -1.12 -48.84 25.72
CA ILE A 1228 -0.12 -48.64 26.75
C ILE A 1228 -0.33 -49.63 27.90
N ARG A 1229 -1.58 -49.84 28.30
CA ARG A 1229 -1.86 -50.80 29.37
C ARG A 1229 -1.41 -52.20 28.95
N GLN A 1230 -1.63 -52.56 27.70
CA GLN A 1230 -1.19 -53.87 27.20
C GLN A 1230 0.33 -53.97 27.22
N MET A 1231 1.02 -52.96 26.67
CA MET A 1231 2.46 -53.07 26.49
C MET A 1231 3.22 -52.75 27.76
N VAL A 1232 2.53 -52.34 28.82
CA VAL A 1232 3.14 -52.18 30.13
C VAL A 1232 2.84 -53.39 31.00
N GLU A 1233 1.56 -53.68 31.21
CA GLU A 1233 1.18 -54.78 32.09
C GLU A 1233 1.69 -56.12 31.57
N HIS A 1234 1.46 -56.39 30.29
CA HIS A 1234 1.94 -57.62 29.68
C HIS A 1234 3.36 -57.48 29.12
N GLY A 1235 3.94 -56.29 29.20
CA GLY A 1235 5.31 -56.08 28.77
C GLY A 1235 5.55 -56.37 27.31
N GLY A 1236 4.61 -55.98 26.45
CA GLY A 1236 4.77 -56.18 25.03
C GLY A 1236 3.44 -56.05 24.32
N PHE A 1237 3.51 -56.27 23.01
CA PHE A 1237 2.35 -56.08 22.14
C PHE A 1237 2.35 -57.15 21.07
N TYR A 1238 1.38 -57.06 20.16
CA TYR A 1238 1.27 -57.95 19.01
C TYR A 1238 1.43 -57.11 17.75
N ARG A 1239 2.54 -57.32 17.03
CA ARG A 1239 2.71 -56.62 15.77
C ARG A 1239 1.74 -57.17 14.74
N THR A 1240 1.24 -56.27 13.88
CA THR A 1240 0.25 -56.67 12.88
C THR A 1240 0.87 -57.36 11.68
N SER A 1241 2.18 -57.24 11.49
CA SER A 1241 2.80 -57.84 10.31
C SER A 1241 2.77 -59.36 10.36
N ASP A 1242 3.10 -59.95 11.51
CA ASP A 1242 3.17 -61.40 11.64
C ASP A 1242 2.34 -61.94 12.78
N GLN A 1243 1.58 -61.09 13.50
CA GLN A 1243 0.81 -61.52 14.66
C GLN A 1243 1.70 -62.20 15.70
N THR A 1244 2.91 -61.68 15.88
CA THR A 1244 3.87 -62.21 16.82
C THR A 1244 4.05 -61.27 17.99
N TRP A 1245 4.31 -61.84 19.16
CA TRP A 1245 4.47 -61.05 20.37
C TRP A 1245 5.84 -60.38 20.40
N VAL A 1246 5.83 -59.07 20.58
CA VAL A 1246 7.05 -58.27 20.68
C VAL A 1246 7.18 -57.79 22.12
N LYS A 1247 8.32 -58.07 22.73
CA LYS A 1247 8.57 -57.72 24.11
C LYS A 1247 9.48 -56.49 24.18
N LEU A 1248 9.13 -55.54 25.05
CA LEU A 1248 9.90 -54.31 25.17
C LEU A 1248 11.25 -54.57 25.82
N GLU A 1249 12.27 -53.89 25.33
CA GLU A 1249 13.59 -53.89 25.95
C GLU A 1249 14.10 -52.46 26.04
N ARG A 1250 14.49 -52.06 27.25
CA ARG A 1250 15.04 -50.72 27.50
C ARG A 1250 14.08 -49.62 27.05
N ILE A 1251 12.80 -49.79 27.38
CA ILE A 1251 11.75 -48.84 27.01
C ILE A 1251 10.92 -48.54 28.24
N GLN A 1252 10.64 -47.26 28.48
CA GLN A 1252 9.79 -46.86 29.58
C GLN A 1252 8.98 -45.64 29.18
N PHE A 1253 7.86 -45.43 29.88
CA PHE A 1253 6.91 -44.39 29.55
C PHE A 1253 6.61 -43.48 30.73
N VAL A 1254 6.67 -42.19 30.46
CA VAL A 1254 6.24 -41.16 31.38
C VAL A 1254 5.28 -40.23 30.65
N GLY A 1255 4.15 -39.96 31.27
CA GLY A 1255 3.12 -39.13 30.69
C GLY A 1255 2.95 -37.81 31.44
N ALA A 1256 2.45 -36.82 30.72
CA ALA A 1256 2.16 -35.52 31.30
C ALA A 1256 0.74 -35.15 30.93
N CYS A 1257 -0.08 -34.82 31.91
CA CYS A 1257 -1.51 -34.60 31.65
C CYS A 1257 -2.00 -33.46 32.53
N ASN A 1258 -3.32 -33.32 32.62
CA ASN A 1258 -4.01 -32.26 33.32
C ASN A 1258 -5.14 -32.80 34.18
N PRO A 1259 -5.65 -31.99 35.11
CA PRO A 1259 -6.79 -32.43 35.93
C PRO A 1259 -7.99 -32.79 35.07
N PRO A 1260 -8.76 -33.80 35.47
CA PRO A 1260 -9.95 -34.17 34.68
C PRO A 1260 -10.98 -33.06 34.57
N THR A 1261 -11.12 -32.21 35.59
CA THR A 1261 -12.11 -31.14 35.53
C THR A 1261 -11.76 -30.08 34.50
N ASP A 1262 -10.51 -30.07 34.01
CA ASP A 1262 -10.13 -29.18 32.93
C ASP A 1262 -10.95 -29.51 31.68
N PRO A 1263 -11.65 -28.53 31.12
CA PRO A 1263 -12.44 -28.80 29.91
C PRO A 1263 -11.55 -29.30 28.77
N GLY A 1264 -12.07 -30.25 28.02
CA GLY A 1264 -11.32 -30.94 27.00
C GLY A 1264 -10.57 -32.16 27.49
N ARG A 1265 -10.58 -32.43 28.80
CA ARG A 1265 -9.83 -33.52 29.39
C ARG A 1265 -10.77 -34.65 29.75
N LYS A 1266 -10.27 -35.88 29.74
CA LYS A 1266 -11.07 -37.05 30.07
C LYS A 1266 -10.27 -37.99 30.97
N PRO A 1267 -10.88 -38.56 32.01
CA PRO A 1267 -10.13 -39.39 32.94
C PRO A 1267 -9.68 -40.70 32.33
N LEU A 1268 -8.61 -41.26 32.87
CA LEU A 1268 -8.09 -42.54 32.42
C LEU A 1268 -8.75 -43.69 33.16
N SER A 1269 -8.65 -44.88 32.59
CA SER A 1269 -9.27 -46.06 33.19
C SER A 1269 -8.46 -46.52 34.41
N HIS A 1270 -9.17 -46.97 35.44
CA HIS A 1270 -8.51 -47.45 36.64
C HIS A 1270 -7.64 -48.67 36.39
N ARG A 1271 -7.99 -49.49 35.40
CA ARG A 1271 -7.16 -50.63 35.06
C ARG A 1271 -5.82 -50.20 34.47
N PHE A 1272 -5.70 -48.95 34.06
CA PHE A 1272 -4.42 -48.43 33.57
C PHE A 1272 -3.63 -47.74 34.68
N LEU A 1273 -4.33 -47.08 35.61
CA LEU A 1273 -3.64 -46.30 36.63
C LEU A 1273 -2.86 -47.18 37.60
N ARG A 1274 -3.09 -48.49 37.57
CA ARG A 1274 -2.41 -49.39 38.50
C ARG A 1274 -0.90 -49.35 38.30
N HIS A 1275 -0.44 -49.38 37.05
CA HIS A 1275 0.97 -49.50 36.76
C HIS A 1275 1.71 -48.17 36.72
N VAL A 1276 1.00 -47.05 36.78
CA VAL A 1276 1.66 -45.74 36.69
C VAL A 1276 1.33 -44.90 37.92
N PRO A 1277 2.30 -44.59 38.76
CA PRO A 1277 2.06 -43.64 39.85
C PRO A 1277 1.90 -42.23 39.31
N VAL A 1278 1.07 -41.46 40.01
CA VAL A 1278 0.71 -40.10 39.60
C VAL A 1278 1.32 -39.12 40.59
N VAL A 1279 1.91 -38.05 40.07
CA VAL A 1279 2.44 -36.97 40.90
C VAL A 1279 1.80 -35.65 40.45
N TYR A 1280 1.34 -34.88 41.42
CA TYR A 1280 0.58 -33.66 41.17
C TYR A 1280 1.50 -32.46 41.35
N VAL A 1281 1.72 -31.72 40.27
CA VAL A 1281 2.59 -30.54 40.26
C VAL A 1281 1.69 -29.32 40.14
N ASP A 1282 1.65 -28.50 41.18
CA ASP A 1282 0.81 -27.33 41.19
C ASP A 1282 1.59 -26.09 40.73
N TYR A 1283 0.87 -24.99 40.51
CA TYR A 1283 1.54 -23.72 40.12
C TYR A 1283 2.43 -23.25 41.28
N PRO A 1284 3.69 -22.82 41.03
CA PRO A 1284 4.54 -22.29 42.09
C PRO A 1284 3.81 -21.20 42.91
N GLY A 1285 3.92 -21.25 44.24
CA GLY A 1285 3.21 -20.29 45.10
C GLY A 1285 3.78 -18.89 45.03
N PRO A 1286 3.14 -17.88 45.66
CA PRO A 1286 3.59 -16.48 45.57
C PRO A 1286 5.05 -16.32 45.99
N ALA A 1287 5.43 -16.81 47.16
CA ALA A 1287 6.83 -16.71 47.59
C ALA A 1287 7.74 -17.51 46.67
N SER A 1288 7.27 -18.68 46.22
CA SER A 1288 8.08 -19.50 45.33
C SER A 1288 8.35 -18.76 44.02
N LEU A 1289 7.31 -18.20 43.41
CA LEU A 1289 7.51 -17.39 42.21
C LEU A 1289 8.43 -16.22 42.48
N THR A 1290 8.24 -15.56 43.62
CA THR A 1290 9.08 -14.42 43.98
C THR A 1290 10.54 -14.79 43.97
N GLN A 1291 10.89 -15.89 44.65
CA GLN A 1291 12.32 -16.29 44.76
C GLN A 1291 12.82 -16.83 43.42
N ILE A 1292 12.04 -17.66 42.73
CA ILE A 1292 12.49 -18.29 41.45
C ILE A 1292 12.82 -17.18 40.44
N TYR A 1293 11.89 -16.25 40.22
CA TYR A 1293 12.10 -15.19 39.18
C TYR A 1293 12.93 -14.06 39.77
N GLY A 1294 13.01 -13.94 41.10
CA GLY A 1294 13.90 -12.93 41.71
C GLY A 1294 15.33 -13.22 41.33
N THR A 1295 15.73 -14.49 41.36
CA THR A 1295 17.10 -14.88 40.94
C THR A 1295 17.29 -14.51 39.46
N PHE A 1296 16.27 -14.74 38.64
CA PHE A 1296 16.36 -14.41 37.19
C PHE A 1296 16.52 -12.90 37.00
N ASN A 1297 15.74 -12.10 37.74
CA ASN A 1297 15.79 -10.62 37.57
C ASN A 1297 17.16 -10.10 38.05
N ARG A 1298 17.67 -10.60 39.17
CA ARG A 1298 18.97 -10.18 39.64
C ARG A 1298 20.08 -10.62 38.70
N ALA A 1299 19.90 -11.74 38.02
CA ALA A 1299 20.87 -12.11 37.00
C ALA A 1299 20.78 -11.19 35.79
N MET A 1300 19.57 -10.76 35.42
CA MET A 1300 19.38 -9.97 34.21
C MET A 1300 19.84 -8.53 34.40
N LEU A 1301 19.50 -7.92 35.53
CA LEU A 1301 19.82 -6.50 35.73
C LEU A 1301 21.30 -6.25 35.97
N ARG A 1302 22.10 -7.30 36.09
CA ARG A 1302 23.54 -7.13 36.22
C ARG A 1302 24.17 -6.55 34.96
N LEU A 1303 23.45 -6.58 33.83
CA LEU A 1303 23.96 -5.94 32.61
C LEU A 1303 24.13 -4.45 32.81
N ILE A 1304 23.16 -3.81 33.46
CA ILE A 1304 23.20 -2.37 33.69
C ILE A 1304 23.51 -2.13 35.16
N PRO A 1305 24.74 -1.77 35.52
CA PRO A 1305 25.07 -1.67 36.95
C PRO A 1305 24.55 -0.39 37.58
N SER A 1306 23.30 -0.05 37.27
CA SER A 1306 22.62 1.08 37.91
C SER A 1306 21.18 0.78 38.27
N LEU A 1307 20.62 -0.32 37.81
CA LEU A 1307 19.27 -0.75 38.15
C LEU A 1307 19.27 -1.96 39.07
N ARG A 1308 20.43 -2.33 39.61
CA ARG A 1308 20.51 -3.47 40.52
C ARG A 1308 19.52 -3.33 41.67
N THR A 1309 19.46 -2.13 42.24
CA THR A 1309 18.54 -1.87 43.35
C THR A 1309 17.10 -2.08 42.94
N TYR A 1310 16.81 -2.07 41.64
CA TYR A 1310 15.45 -2.27 41.15
C TYR A 1310 15.13 -3.73 40.88
N ALA A 1311 16.04 -4.66 41.17
CA ALA A 1311 15.76 -6.07 40.94
C ALA A 1311 14.64 -6.57 41.85
N GLU A 1312 14.68 -6.21 43.13
CA GLU A 1312 13.68 -6.76 44.04
C GLU A 1312 12.30 -6.11 43.90
N PRO A 1313 12.16 -4.82 43.55
CA PRO A 1313 10.81 -4.32 43.27
C PRO A 1313 10.22 -4.92 42.02
N LEU A 1314 10.98 -4.83 40.90
CA LEU A 1314 10.49 -5.30 39.61
C LEU A 1314 9.85 -6.68 39.73
N THR A 1315 10.62 -7.66 40.22
CA THR A 1315 10.09 -9.01 40.40
C THR A 1315 8.73 -8.99 41.09
N ALA A 1316 8.67 -8.37 42.27
CA ALA A 1316 7.41 -8.33 42.99
C ALA A 1316 6.30 -7.79 42.11
N ALA A 1317 6.55 -6.65 41.46
CA ALA A 1317 5.54 -6.07 40.58
C ALA A 1317 5.05 -7.09 39.57
N MET A 1318 5.99 -7.73 38.86
CA MET A 1318 5.57 -8.74 37.88
C MET A 1318 4.68 -9.77 38.55
N VAL A 1319 5.15 -10.35 39.64
CA VAL A 1319 4.36 -11.38 40.32
C VAL A 1319 3.00 -10.82 40.67
N GLU A 1320 2.98 -9.63 41.28
CA GLU A 1320 1.71 -9.00 41.60
C GLU A 1320 0.80 -9.00 40.39
N PHE A 1321 1.24 -8.39 39.30
CA PHE A 1321 0.41 -8.31 38.11
C PHE A 1321 0.04 -9.70 37.64
N TYR A 1322 1.02 -10.61 37.61
CA TYR A 1322 0.74 -11.95 37.13
C TYR A 1322 -0.38 -12.59 37.94
N THR A 1323 -0.33 -12.44 39.27
CA THR A 1323 -1.35 -13.06 40.09
C THR A 1323 -2.73 -12.54 39.71
N MET A 1324 -2.83 -11.24 39.45
CA MET A 1324 -4.12 -10.68 39.07
C MET A 1324 -4.62 -11.33 37.79
N SER A 1325 -3.76 -11.53 36.81
CA SER A 1325 -4.20 -12.11 35.55
C SER A 1325 -4.67 -13.55 35.74
N GLN A 1326 -4.24 -14.20 36.81
CA GLN A 1326 -4.75 -15.54 37.07
C GLN A 1326 -6.12 -15.49 37.73
N GLU A 1327 -6.38 -14.47 38.54
CA GLU A 1327 -7.65 -14.41 39.26
C GLU A 1327 -8.70 -13.57 38.56
N ARG A 1328 -8.43 -13.08 37.35
CA ARG A 1328 -9.38 -12.29 36.60
C ARG A 1328 -9.76 -12.94 35.27
N PHE A 1329 -8.78 -13.40 34.49
CA PHE A 1329 -9.04 -14.00 33.19
C PHE A 1329 -8.97 -15.52 33.33
N THR A 1330 -10.02 -16.11 33.89
CA THR A 1330 -10.08 -17.55 34.05
C THR A 1330 -10.39 -18.23 32.73
N GLN A 1331 -10.09 -19.53 32.67
CA GLN A 1331 -10.45 -20.33 31.51
C GLN A 1331 -11.95 -20.56 31.42
N ASP A 1332 -12.71 -20.22 32.46
CA ASP A 1332 -14.15 -20.35 32.44
C ASP A 1332 -14.82 -19.38 31.48
N THR A 1333 -14.09 -18.40 30.95
CA THR A 1333 -14.64 -17.42 30.03
C THR A 1333 -14.32 -17.74 28.58
N GLN A 1334 -13.05 -17.93 28.25
CA GLN A 1334 -12.64 -18.48 26.97
C GLN A 1334 -11.53 -19.50 27.19
N PRO A 1335 -11.43 -20.50 26.31
CA PRO A 1335 -10.48 -21.59 26.56
C PRO A 1335 -9.02 -21.18 26.55
N HIS A 1336 -8.66 -20.07 25.93
CA HIS A 1336 -7.26 -19.69 25.80
C HIS A 1336 -6.80 -18.74 26.91
N TYR A 1337 -7.62 -18.51 27.93
CA TYR A 1337 -7.23 -17.67 29.05
C TYR A 1337 -6.56 -18.52 30.13
N ILE A 1338 -5.39 -19.05 29.77
CA ILE A 1338 -4.56 -19.81 30.69
C ILE A 1338 -3.25 -19.05 30.86
N TYR A 1339 -2.98 -18.61 32.08
CA TYR A 1339 -1.77 -17.86 32.41
C TYR A 1339 -0.91 -18.71 33.33
N SER A 1340 0.29 -19.05 32.88
CA SER A 1340 1.16 -19.96 33.68
C SER A 1340 2.51 -19.28 33.95
N PRO A 1341 3.38 -19.81 34.83
CA PRO A 1341 4.73 -19.26 35.02
C PRO A 1341 5.48 -19.16 33.69
N ARG A 1342 5.05 -19.91 32.66
CA ARG A 1342 5.66 -19.81 31.31
C ARG A 1342 5.54 -18.37 30.83
N GLU A 1343 4.41 -17.71 31.11
CA GLU A 1343 4.23 -16.27 30.72
C GLU A 1343 5.28 -15.41 31.43
N MET A 1344 5.53 -15.68 32.72
CA MET A 1344 6.57 -14.93 33.47
C MET A 1344 7.96 -15.25 32.92
N THR A 1345 8.17 -16.48 32.45
CA THR A 1345 9.47 -16.86 31.84
C THR A 1345 9.71 -16.03 30.57
N ARG A 1346 8.71 -16.00 29.67
CA ARG A 1346 8.85 -15.23 28.41
C ARG A 1346 8.85 -13.74 28.74
N TRP A 1347 8.28 -13.35 29.89
CA TRP A 1347 8.37 -11.95 30.30
C TRP A 1347 9.80 -11.56 30.62
N VAL A 1348 10.45 -12.34 31.49
CA VAL A 1348 11.84 -12.06 31.84
C VAL A 1348 12.72 -12.15 30.61
N ARG A 1349 12.46 -13.13 29.74
CA ARG A 1349 13.26 -13.26 28.53
C ARG A 1349 13.10 -12.03 27.64
N GLY A 1350 11.89 -11.52 27.50
CA GLY A 1350 11.67 -10.33 26.69
C GLY A 1350 12.33 -9.10 27.27
N ILE A 1351 12.21 -8.91 28.59
CA ILE A 1351 12.87 -7.77 29.22
C ILE A 1351 14.38 -7.87 29.05
N PHE A 1352 14.93 -9.07 29.23
CA PHE A 1352 16.37 -9.25 29.12
C PHE A 1352 16.85 -9.00 27.70
N GLU A 1353 16.09 -9.46 26.71
CA GLU A 1353 16.47 -9.23 25.32
C GLU A 1353 16.38 -7.76 24.97
N ALA A 1354 15.38 -7.07 25.52
CA ALA A 1354 15.26 -5.64 25.28
C ALA A 1354 16.35 -4.85 25.99
N LEU A 1355 17.08 -5.49 26.90
CA LEU A 1355 18.15 -4.83 27.65
C LEU A 1355 19.54 -5.30 27.25
N ARG A 1356 19.65 -6.23 26.29
CA ARG A 1356 20.97 -6.78 25.98
C ARG A 1356 21.87 -5.79 25.24
N PRO A 1357 21.50 -5.29 24.05
CA PRO A 1357 22.44 -4.43 23.32
C PRO A 1357 22.57 -3.04 23.91
N LEU A 1358 21.59 -2.61 24.71
CA LEU A 1358 21.53 -1.25 25.19
C LEU A 1358 22.53 -1.03 26.32
N GLU A 1359 23.12 0.15 26.35
CA GLU A 1359 24.25 0.41 27.25
C GLU A 1359 23.81 0.99 28.59
N THR A 1360 23.11 2.12 28.57
CA THR A 1360 22.67 2.78 29.79
C THR A 1360 21.19 3.12 29.69
N LEU A 1361 20.48 3.02 30.81
CA LEU A 1361 19.04 3.16 30.80
C LEU A 1361 18.51 3.53 32.18
N PRO A 1362 17.73 4.59 32.29
CA PRO A 1362 17.18 4.98 33.59
C PRO A 1362 16.06 4.06 34.00
N VAL A 1363 15.59 4.24 35.24
CA VAL A 1363 14.49 3.42 35.74
C VAL A 1363 13.26 3.58 34.86
N GLU A 1364 13.08 4.77 34.27
CA GLU A 1364 11.92 5.00 33.42
C GLU A 1364 11.90 4.04 32.24
N GLY A 1365 13.05 3.85 31.60
CA GLY A 1365 13.12 2.93 30.48
C GLY A 1365 12.83 1.50 30.90
N LEU A 1366 13.32 1.10 32.07
CA LEU A 1366 13.05 -0.26 32.55
C LEU A 1366 11.56 -0.46 32.80
N ILE A 1367 10.90 0.52 33.42
CA ILE A 1367 9.46 0.40 33.65
C ILE A 1367 8.72 0.35 32.32
N ARG A 1368 9.15 1.16 31.36
CA ARG A 1368 8.49 1.17 30.06
C ARG A 1368 8.64 -0.18 29.36
N ILE A 1369 9.83 -0.77 29.40
CA ILE A 1369 10.05 -2.07 28.77
C ILE A 1369 9.21 -3.14 29.47
N TRP A 1370 9.16 -3.09 30.80
CA TRP A 1370 8.36 -4.03 31.56
C TRP A 1370 6.88 -3.94 31.19
N ALA A 1371 6.36 -2.72 31.07
CA ALA A 1371 4.96 -2.55 30.69
C ALA A 1371 4.72 -3.00 29.26
N HIS A 1372 5.66 -2.72 28.36
CA HIS A 1372 5.51 -3.16 26.98
C HIS A 1372 5.45 -4.68 26.90
N GLU A 1373 6.32 -5.36 27.65
CA GLU A 1373 6.30 -6.82 27.64
C GLU A 1373 5.00 -7.36 28.23
N ALA A 1374 4.52 -6.75 29.32
CA ALA A 1374 3.26 -7.20 29.89
C ALA A 1374 2.10 -6.99 28.91
N LEU A 1375 2.14 -5.92 28.14
CA LEU A 1375 1.14 -5.71 27.10
C LEU A 1375 1.30 -6.71 25.96
N ARG A 1376 2.51 -7.14 25.64
CA ARG A 1376 2.71 -8.15 24.62
C ARG A 1376 2.42 -9.55 25.11
N LEU A 1377 2.21 -9.73 26.42
CA LEU A 1377 1.93 -11.04 26.96
C LEU A 1377 0.56 -11.17 27.59
N PHE A 1378 -0.09 -10.06 27.93
CA PHE A 1378 -1.37 -10.09 28.62
C PHE A 1378 -2.44 -9.26 27.95
N GLN A 1379 -2.12 -8.54 26.87
CA GLN A 1379 -3.05 -7.63 26.23
C GLN A 1379 -3.44 -8.11 24.84
N ASP A 1380 -2.84 -9.19 24.36
CA ASP A 1380 -3.08 -9.65 23.00
C ASP A 1380 -4.11 -10.77 22.93
N ARG A 1381 -3.98 -11.80 23.78
CA ARG A 1381 -4.93 -12.90 23.74
C ARG A 1381 -6.33 -12.48 24.16
N LEU A 1382 -6.48 -11.31 24.76
CA LEU A 1382 -7.80 -10.85 25.16
C LEU A 1382 -8.69 -10.63 23.94
N VAL A 1383 -9.97 -10.87 24.12
CA VAL A 1383 -10.94 -10.85 23.04
C VAL A 1383 -11.70 -9.53 22.98
N GLU A 1384 -12.19 -9.06 24.12
CA GLU A 1384 -13.02 -7.86 24.15
C GLU A 1384 -12.26 -6.68 24.74
N ASP A 1385 -12.77 -5.48 24.46
CA ASP A 1385 -12.08 -4.25 24.85
C ASP A 1385 -12.20 -3.94 26.32
N GLU A 1386 -13.25 -4.40 27.00
CA GLU A 1386 -13.36 -4.15 28.43
C GLU A 1386 -12.20 -4.77 29.18
N GLU A 1387 -11.86 -6.02 28.86
CA GLU A 1387 -10.72 -6.67 29.51
C GLU A 1387 -9.43 -5.92 29.19
N ARG A 1388 -9.32 -5.39 27.97
CA ARG A 1388 -8.12 -4.65 27.58
C ARG A 1388 -7.96 -3.38 28.41
N ARG A 1389 -9.06 -2.65 28.59
CA ARG A 1389 -9.02 -1.46 29.42
C ARG A 1389 -8.67 -1.80 30.86
N TRP A 1390 -9.23 -2.89 31.38
CA TRP A 1390 -8.90 -3.33 32.73
C TRP A 1390 -7.41 -3.65 32.85
N THR A 1391 -6.87 -4.36 31.86
CA THR A 1391 -5.46 -4.72 31.87
C THR A 1391 -4.57 -3.48 31.85
N ASP A 1392 -4.90 -2.50 31.00
CA ASP A 1392 -4.08 -1.29 30.95
C ASP A 1392 -4.16 -0.52 32.27
N GLU A 1393 -5.36 -0.40 32.83
CA GLU A 1393 -5.50 0.29 34.11
C GLU A 1393 -4.65 -0.37 35.18
N ASN A 1394 -4.71 -1.71 35.28
CA ASN A 1394 -3.99 -2.36 36.35
C ASN A 1394 -2.49 -2.44 36.11
N ILE A 1395 -2.05 -2.50 34.85
CA ILE A 1395 -0.62 -2.45 34.59
C ILE A 1395 -0.05 -1.12 35.07
N ASP A 1396 -0.72 -0.01 34.71
CA ASP A 1396 -0.24 1.28 35.18
C ASP A 1396 -0.34 1.39 36.70
N THR A 1397 -1.41 0.85 37.27
CA THR A 1397 -1.60 0.93 38.72
C THR A 1397 -0.48 0.19 39.46
N VAL A 1398 -0.17 -1.03 39.05
CA VAL A 1398 0.86 -1.80 39.74
C VAL A 1398 2.23 -1.16 39.53
N ALA A 1399 2.48 -0.61 38.33
CA ALA A 1399 3.75 0.08 38.11
C ALA A 1399 3.88 1.28 39.05
N LEU A 1400 2.80 2.03 39.24
CA LEU A 1400 2.87 3.19 40.13
C LEU A 1400 2.99 2.75 41.58
N LYS A 1401 2.34 1.66 41.95
CA LYS A 1401 2.40 1.18 43.33
C LYS A 1401 3.80 0.71 43.69
N HIS A 1402 4.46 0.00 42.78
CA HIS A 1402 5.75 -0.60 43.12
C HIS A 1402 6.91 0.36 42.89
N PHE A 1403 6.66 1.52 42.28
CA PHE A 1403 7.68 2.53 42.03
C PHE A 1403 7.11 3.91 42.34
N PRO A 1404 6.96 4.24 43.63
CA PRO A 1404 6.30 5.51 43.98
C PRO A 1404 7.01 6.74 43.45
N ASN A 1405 8.34 6.69 43.37
CA ASN A 1405 9.14 7.81 42.87
C ASN A 1405 9.54 7.54 41.43
N ILE A 1406 8.58 7.79 40.53
CA ILE A 1406 8.78 7.53 39.11
C ILE A 1406 8.14 8.67 38.33
N ASP A 1407 8.64 8.91 37.13
CA ASP A 1407 8.03 9.87 36.23
C ASP A 1407 7.01 9.13 35.35
N ARG A 1408 5.73 9.26 35.71
CA ARG A 1408 4.71 8.44 35.09
C ARG A 1408 4.66 8.64 33.58
N GLU A 1409 4.71 9.90 33.13
CA GLU A 1409 4.54 10.19 31.71
C GLU A 1409 5.68 9.60 30.89
N LYS A 1410 6.92 9.73 31.37
CA LYS A 1410 8.06 9.19 30.63
C LYS A 1410 7.99 7.68 30.51
N ALA A 1411 7.63 6.99 31.60
CA ALA A 1411 7.57 5.54 31.57
C ALA A 1411 6.26 5.07 30.94
N MET A 1412 5.14 5.65 31.36
CA MET A 1412 3.82 5.23 30.91
C MET A 1412 3.25 6.27 29.93
N SER A 1413 3.64 6.13 28.67
CA SER A 1413 2.95 6.82 27.60
C SER A 1413 1.88 5.91 27.03
N ARG A 1414 1.00 6.49 26.22
CA ARG A 1414 -0.09 5.64 25.75
C ARG A 1414 0.38 4.73 24.61
N PRO A 1415 0.94 5.25 23.52
CA PRO A 1415 1.39 4.29 22.47
C PRO A 1415 2.74 3.67 22.82
N ILE A 1416 2.70 2.63 23.65
CA ILE A 1416 3.91 1.94 24.09
C ILE A 1416 4.35 1.04 22.94
N LEU A 1417 5.22 1.57 22.08
CA LEU A 1417 5.66 0.88 20.88
C LEU A 1417 7.16 0.67 20.94
N TYR A 1418 7.60 -0.42 20.32
CA TYR A 1418 9.02 -0.76 20.22
C TYR A 1418 9.26 -1.39 18.85
N SER A 1419 10.40 -1.08 18.24
CA SER A 1419 10.73 -1.66 16.95
C SER A 1419 12.24 -1.67 16.77
N ASN A 1420 12.69 -2.53 15.85
CA ASN A 1420 14.09 -2.57 15.44
C ASN A 1420 14.23 -2.29 13.95
N TRP A 1421 13.25 -1.63 13.34
CA TRP A 1421 13.32 -1.20 11.95
C TRP A 1421 13.94 0.19 11.83
N LEU A 1422 13.41 1.15 12.56
CA LEU A 1422 13.95 2.52 12.51
C LEU A 1422 15.38 2.56 13.01
N SER A 1423 15.69 1.82 14.07
CA SER A 1423 17.02 1.77 14.65
C SER A 1423 17.58 0.37 14.51
N LYS A 1424 18.88 0.22 14.80
CA LYS A 1424 19.53 -1.07 14.82
C LYS A 1424 19.40 -1.78 16.16
N ASP A 1425 18.90 -1.11 17.19
CA ASP A 1425 18.70 -1.68 18.51
C ASP A 1425 17.24 -1.55 18.87
N TYR A 1426 16.68 -2.61 19.47
CA TYR A 1426 15.29 -2.60 19.89
C TYR A 1426 15.05 -1.45 20.87
N ILE A 1427 14.32 -0.42 20.44
CA ILE A 1427 14.15 0.80 21.24
C ILE A 1427 12.72 1.32 21.02
N PRO A 1428 12.22 2.19 21.89
CA PRO A 1428 10.90 2.79 21.63
C PRO A 1428 10.91 3.65 20.39
N VAL A 1429 9.76 3.73 19.73
CA VAL A 1429 9.58 4.52 18.52
C VAL A 1429 8.29 5.30 18.62
N ASP A 1430 8.33 6.56 18.18
CA ASP A 1430 7.11 7.36 18.12
C ASP A 1430 6.20 6.87 17.01
N GLN A 1431 4.89 7.08 17.21
CA GLN A 1431 3.90 6.50 16.30
C GLN A 1431 4.01 7.11 14.89
N GLU A 1432 4.20 8.43 14.80
CA GLU A 1432 4.16 9.08 13.50
C GLU A 1432 5.36 8.71 12.63
N GLU A 1433 6.56 8.65 13.22
CA GLU A 1433 7.72 8.24 12.45
C GLU A 1433 7.57 6.80 11.97
N LEU A 1434 7.04 5.93 12.83
CA LEU A 1434 6.79 4.55 12.41
C LEU A 1434 5.78 4.50 11.27
N ARG A 1435 4.74 5.33 11.34
CA ARG A 1435 3.74 5.35 10.28
C ARG A 1435 4.35 5.78 8.95
N ASP A 1436 5.17 6.83 8.99
CA ASP A 1436 5.81 7.29 7.76
C ASP A 1436 6.76 6.23 7.20
N TYR A 1437 7.54 5.61 8.08
CA TYR A 1437 8.48 4.60 7.63
C TYR A 1437 7.77 3.40 7.04
N VAL A 1438 6.71 2.94 7.70
CA VAL A 1438 5.98 1.78 7.20
C VAL A 1438 5.25 2.14 5.91
N LYS A 1439 4.85 3.39 5.74
CA LYS A 1439 4.26 3.81 4.48
C LYS A 1439 5.27 3.70 3.35
N ALA A 1440 6.49 4.19 3.57
CA ALA A 1440 7.51 4.10 2.54
C ALA A 1440 7.89 2.65 2.25
N ARG A 1441 8.07 1.84 3.30
CA ARG A 1441 8.40 0.44 3.11
C ARG A 1441 7.29 -0.30 2.39
N LEU A 1442 6.04 0.04 2.69
CA LEU A 1442 4.91 -0.57 2.02
C LEU A 1442 4.85 -0.15 0.56
N LYS A 1443 5.25 1.08 0.25
CA LYS A 1443 5.37 1.49 -1.14
C LYS A 1443 6.38 0.63 -1.88
N VAL A 1444 7.52 0.34 -1.23
CA VAL A 1444 8.48 -0.57 -1.85
C VAL A 1444 7.90 -1.97 -1.98
N PHE A 1445 7.18 -2.41 -0.94
CA PHE A 1445 6.61 -3.75 -0.92
C PHE A 1445 5.65 -3.96 -2.08
N TYR A 1446 4.83 -2.94 -2.37
CA TYR A 1446 3.93 -3.01 -3.51
C TYR A 1446 4.66 -3.41 -4.77
N GLU A 1447 5.77 -2.72 -5.08
CA GLU A 1447 6.56 -3.09 -6.24
C GLU A 1447 7.13 -4.49 -6.09
N GLU A 1448 7.45 -4.89 -4.85
CA GLU A 1448 7.94 -6.25 -4.64
C GLU A 1448 6.84 -7.27 -4.85
N GLU A 1449 5.76 -7.21 -4.06
CA GLU A 1449 4.63 -8.11 -4.23
C GLU A 1449 3.35 -7.36 -3.88
N LEU A 1450 2.21 -7.98 -4.18
CA LEU A 1450 0.91 -7.51 -3.72
C LEU A 1450 0.67 -6.03 -3.98
N ASP A 1451 0.50 -5.65 -5.25
CA ASP A 1451 0.24 -4.25 -5.58
C ASP A 1451 -1.08 -3.76 -5.00
N VAL A 1452 -1.79 -4.61 -4.27
CA VAL A 1452 -3.03 -4.20 -3.61
C VAL A 1452 -2.69 -3.18 -2.51
N PRO A 1453 -3.28 -2.00 -2.55
CA PRO A 1453 -2.94 -0.97 -1.57
C PRO A 1453 -3.46 -1.33 -0.19
N LEU A 1454 -2.82 -0.75 0.84
CA LEU A 1454 -3.23 -0.93 2.22
C LEU A 1454 -3.24 0.43 2.93
N VAL A 1455 -4.25 0.63 3.77
CA VAL A 1455 -4.28 1.78 4.66
C VAL A 1455 -3.53 1.44 5.93
N LEU A 1456 -2.85 2.41 6.50
CA LEU A 1456 -2.03 2.21 7.69
C LEU A 1456 -2.64 2.96 8.85
N PHE A 1457 -3.58 2.30 9.56
CA PHE A 1457 -4.17 2.93 10.77
C PHE A 1457 -3.41 2.46 12.03
N ASN A 1458 -3.78 2.97 13.20
CA ASN A 1458 -3.06 2.65 14.46
C ASN A 1458 -2.99 1.13 14.68
N GLU A 1459 -4.10 0.42 14.47
CA GLU A 1459 -4.13 -1.04 14.76
C GLU A 1459 -3.09 -1.76 13.89
N VAL A 1460 -3.06 -1.48 12.59
CA VAL A 1460 -2.11 -2.16 11.65
C VAL A 1460 -0.69 -2.08 12.24
N LEU A 1461 -0.25 -0.90 12.65
CA LEU A 1461 1.09 -0.72 13.20
C LEU A 1461 1.32 -1.64 14.39
N ASP A 1462 0.37 -1.69 15.32
CA ASP A 1462 0.52 -2.57 16.47
C ASP A 1462 0.69 -4.02 16.04
N HIS A 1463 -0.16 -4.48 15.12
CA HIS A 1463 -0.13 -5.87 14.71
C HIS A 1463 1.15 -6.22 13.97
N VAL A 1464 1.61 -5.32 13.10
CA VAL A 1464 2.84 -5.60 12.36
C VAL A 1464 4.02 -5.64 13.31
N LEU A 1465 4.01 -4.80 14.36
CA LEU A 1465 5.07 -4.88 15.35
C LEU A 1465 5.04 -6.21 16.10
N ARG A 1466 3.85 -6.67 16.49
CA ARG A 1466 3.75 -7.95 17.18
C ARG A 1466 4.27 -9.09 16.31
N ILE A 1467 3.85 -9.12 15.05
CA ILE A 1467 4.26 -10.21 14.17
C ILE A 1467 5.75 -10.15 13.90
N ASP A 1468 6.32 -8.95 13.80
CA ASP A 1468 7.77 -8.85 13.63
C ASP A 1468 8.50 -9.40 14.86
N ARG A 1469 8.01 -9.05 16.06
CA ARG A 1469 8.58 -9.63 17.27
C ARG A 1469 8.60 -11.14 17.18
N ILE A 1470 7.49 -11.74 16.75
CA ILE A 1470 7.42 -13.20 16.76
C ILE A 1470 8.32 -13.79 15.69
N PHE A 1471 8.37 -13.18 14.50
CA PHE A 1471 9.29 -13.68 13.48
C PHE A 1471 10.75 -13.56 13.87
N ARG A 1472 11.10 -12.63 14.75
CA ARG A 1472 12.51 -12.53 15.13
C ARG A 1472 12.95 -13.63 16.09
N GLN A 1473 12.03 -14.33 16.74
CA GLN A 1473 12.38 -15.39 17.66
C GLN A 1473 12.84 -16.64 16.91
N PRO A 1474 13.63 -17.50 17.55
CA PRO A 1474 14.16 -18.67 16.81
C PRO A 1474 13.09 -19.64 16.35
N GLN A 1475 12.24 -20.09 17.25
CA GLN A 1475 11.11 -20.96 16.91
C GLN A 1475 9.85 -20.15 17.17
N GLY A 1476 9.47 -19.31 16.21
CA GLY A 1476 8.37 -18.40 16.39
C GLY A 1476 7.11 -18.81 15.66
N HIS A 1477 6.15 -19.34 16.39
CA HIS A 1477 4.89 -19.78 15.81
C HIS A 1477 3.78 -18.85 16.27
N LEU A 1478 2.99 -18.35 15.32
CA LEU A 1478 2.00 -17.32 15.60
C LEU A 1478 0.62 -17.83 15.23
N LEU A 1479 -0.38 -17.40 15.97
CA LEU A 1479 -1.76 -17.82 15.76
C LEU A 1479 -2.64 -16.57 15.77
N LEU A 1480 -3.05 -16.12 14.58
CA LEU A 1480 -3.82 -14.90 14.43
C LEU A 1480 -5.30 -15.23 14.32
N ILE A 1481 -6.09 -14.75 15.27
CA ILE A 1481 -7.53 -14.96 15.27
C ILE A 1481 -8.19 -13.63 14.95
N GLY A 1482 -8.80 -13.55 13.77
CA GLY A 1482 -9.54 -12.36 13.37
C GLY A 1482 -10.46 -12.69 12.21
N VAL A 1483 -11.45 -11.82 12.02
CA VAL A 1483 -12.42 -12.04 10.95
C VAL A 1483 -11.70 -12.06 9.60
N SER A 1484 -12.21 -12.86 8.68
CA SER A 1484 -11.58 -13.01 7.38
C SER A 1484 -11.58 -11.69 6.62
N GLY A 1485 -10.49 -11.43 5.90
CA GLY A 1485 -10.33 -10.20 5.17
C GLY A 1485 -9.79 -9.04 5.99
N ALA A 1486 -9.57 -9.23 7.29
CA ALA A 1486 -9.09 -8.15 8.13
C ALA A 1486 -7.65 -7.78 7.84
N GLY A 1487 -6.95 -8.55 7.02
CA GLY A 1487 -5.58 -8.27 6.69
C GLY A 1487 -4.55 -9.16 7.35
N LYS A 1488 -4.98 -10.23 8.02
CA LYS A 1488 -4.03 -11.10 8.71
C LYS A 1488 -3.00 -11.66 7.74
N THR A 1489 -3.46 -12.23 6.62
CA THR A 1489 -2.54 -12.82 5.67
C THR A 1489 -1.64 -11.78 5.03
N THR A 1490 -2.21 -10.64 4.61
CA THR A 1490 -1.39 -9.65 3.92
C THR A 1490 -0.41 -8.98 4.87
N LEU A 1491 -0.82 -8.73 6.11
CA LEU A 1491 0.13 -8.20 7.10
C LEU A 1491 1.23 -9.20 7.38
N SER A 1492 0.89 -10.48 7.49
CA SER A 1492 1.90 -11.50 7.72
C SER A 1492 2.89 -11.55 6.57
N ARG A 1493 2.40 -11.50 5.33
CA ARG A 1493 3.30 -11.53 4.20
C ARG A 1493 4.16 -10.28 4.15
N PHE A 1494 3.59 -9.12 4.48
CA PHE A 1494 4.36 -7.89 4.49
C PHE A 1494 5.51 -7.96 5.49
N VAL A 1495 5.21 -8.34 6.73
CA VAL A 1495 6.26 -8.39 7.73
C VAL A 1495 7.25 -9.52 7.44
N ALA A 1496 6.79 -10.63 6.87
CA ALA A 1496 7.71 -11.68 6.47
C ALA A 1496 8.67 -11.20 5.38
N TRP A 1497 8.16 -10.42 4.43
CA TRP A 1497 9.05 -9.83 3.43
C TRP A 1497 10.04 -8.88 4.08
N MET A 1498 9.57 -8.09 5.05
CA MET A 1498 10.48 -7.23 5.80
C MET A 1498 11.59 -8.01 6.49
N ASN A 1499 11.30 -9.22 6.98
CA ASN A 1499 12.27 -10.01 7.71
C ASN A 1499 13.04 -10.98 6.83
N GLY A 1500 12.86 -10.94 5.52
CA GLY A 1500 13.61 -11.78 4.61
C GLY A 1500 13.09 -13.19 4.50
N LEU A 1501 11.99 -13.52 5.19
CA LEU A 1501 11.43 -14.86 5.11
C LEU A 1501 10.81 -15.10 3.74
N SER A 1502 11.02 -16.31 3.22
CA SER A 1502 10.40 -16.70 1.93
C SER A 1502 9.02 -17.29 2.22
N VAL A 1503 7.96 -16.46 2.16
CA VAL A 1503 6.59 -16.93 2.50
C VAL A 1503 6.21 -18.12 1.61
N TYR A 1504 5.79 -19.23 2.22
CA TYR A 1504 5.35 -20.43 1.44
C TYR A 1504 3.99 -20.89 1.98
N GLN A 1505 2.96 -20.84 1.14
CA GLN A 1505 1.60 -21.26 1.56
C GLN A 1505 1.17 -22.48 0.73
N ILE A 1506 0.45 -23.42 1.36
CA ILE A 1506 -0.03 -24.63 0.63
C ILE A 1506 -1.09 -24.21 -0.40
N LYS A 1507 -1.13 -24.89 -1.54
CA LYS A 1507 -2.17 -24.59 -2.58
C LYS A 1507 -3.27 -25.64 -2.44
N VAL A 1508 -4.21 -25.42 -1.51
CA VAL A 1508 -5.31 -26.41 -1.27
C VAL A 1508 -6.24 -26.43 -2.49
N HIS A 1509 -6.77 -27.61 -2.83
CA HIS A 1509 -7.72 -27.74 -3.96
C HIS A 1509 -8.78 -28.81 -3.64
N ARG A 1510 -9.65 -29.13 -4.60
CA ARG A 1510 -10.73 -30.12 -4.35
C ARG A 1510 -10.12 -31.51 -4.09
N LYS A 1511 -9.14 -31.90 -4.90
CA LYS A 1511 -8.51 -33.25 -4.76
C LYS A 1511 -7.60 -33.29 -3.53
N TYR A 1512 -7.11 -32.14 -3.07
CA TYR A 1512 -6.14 -32.09 -1.93
C TYR A 1512 -6.46 -33.15 -0.88
N THR A 1513 -5.49 -34.01 -0.57
CA THR A 1513 -5.69 -35.09 0.39
C THR A 1513 -4.48 -35.13 1.32
N GLY A 1514 -4.43 -36.19 2.14
CA GLY A 1514 -3.33 -36.30 3.10
C GLY A 1514 -1.98 -36.41 2.44
N GLU A 1515 -1.90 -37.15 1.34
CA GLU A 1515 -0.61 -37.33 0.67
C GLU A 1515 -0.10 -36.01 0.11
N ASP A 1516 -0.99 -35.18 -0.43
CA ASP A 1516 -0.57 -33.88 -0.95
C ASP A 1516 0.00 -33.00 0.15
N PHE A 1517 -0.65 -32.98 1.31
CA PHE A 1517 -0.14 -32.16 2.41
C PHE A 1517 1.16 -32.73 2.95
N ASP A 1518 1.30 -34.06 2.95
CA ASP A 1518 2.58 -34.64 3.36
C ASP A 1518 3.69 -34.24 2.41
N GLU A 1519 3.40 -34.21 1.10
CA GLU A 1519 4.39 -33.75 0.14
C GLU A 1519 4.72 -32.28 0.34
N ASP A 1520 3.73 -31.47 0.66
CA ASP A 1520 3.99 -30.05 0.94
C ASP A 1520 4.88 -29.90 2.16
N LEU A 1521 4.63 -30.68 3.21
CA LEU A 1521 5.49 -30.65 4.39
C LEU A 1521 6.90 -31.09 4.06
N ARG A 1522 7.03 -32.13 3.22
CA ARG A 1522 8.35 -32.55 2.78
C ARG A 1522 9.06 -31.43 2.05
N THR A 1523 8.34 -30.71 1.18
CA THR A 1523 8.93 -29.61 0.44
C THR A 1523 9.44 -28.53 1.38
N VAL A 1524 8.57 -28.07 2.29
CA VAL A 1524 8.96 -26.96 3.16
C VAL A 1524 10.08 -27.36 4.10
N LEU A 1525 10.04 -28.60 4.62
CA LEU A 1525 11.10 -29.04 5.52
C LEU A 1525 12.42 -29.23 4.79
N ARG A 1526 12.37 -29.74 3.55
CA ARG A 1526 13.58 -29.86 2.76
C ARG A 1526 14.19 -28.49 2.47
N ARG A 1527 13.33 -27.50 2.20
CA ARG A 1527 13.85 -26.16 1.96
C ARG A 1527 14.42 -25.54 3.22
N SER A 1528 13.79 -25.79 4.37
CA SER A 1528 14.24 -25.16 5.61
C SER A 1528 15.50 -25.81 6.16
N GLY A 1529 15.44 -27.11 6.45
CA GLY A 1529 16.56 -27.79 7.06
C GLY A 1529 17.79 -27.80 6.19
N CYS A 1530 17.75 -28.54 5.09
CA CYS A 1530 18.81 -28.41 4.11
C CYS A 1530 18.56 -27.17 3.26
N LYS A 1531 19.63 -26.66 2.64
CA LYS A 1531 19.56 -25.44 1.86
C LYS A 1531 18.87 -24.33 2.67
N ASN A 1532 19.46 -24.06 3.83
CA ASN A 1532 18.86 -23.25 4.88
C ASN A 1532 18.31 -21.94 4.35
N GLU A 1533 17.04 -21.68 4.64
CA GLU A 1533 16.41 -20.41 4.28
C GLU A 1533 15.15 -20.24 5.11
N LYS A 1534 14.98 -19.06 5.70
CA LYS A 1534 13.83 -18.80 6.55
C LYS A 1534 12.55 -18.91 5.73
N ILE A 1535 11.50 -19.45 6.34
CA ILE A 1535 10.24 -19.69 5.66
C ILE A 1535 9.09 -19.27 6.56
N ALA A 1536 8.17 -18.48 6.02
CA ALA A 1536 6.94 -18.10 6.72
C ALA A 1536 5.80 -18.97 6.20
N PHE A 1537 5.76 -20.18 6.73
CA PHE A 1537 4.74 -21.15 6.36
C PHE A 1537 3.38 -20.69 6.89
N ILE A 1538 2.51 -20.24 6.00
CA ILE A 1538 1.23 -19.66 6.39
C ILE A 1538 0.13 -20.67 6.12
N MET A 1539 -0.60 -21.02 7.17
CA MET A 1539 -1.73 -21.93 7.11
C MET A 1539 -3.00 -21.19 7.49
N ASP A 1540 -4.12 -21.66 6.92
CA ASP A 1540 -5.41 -21.04 7.20
C ASP A 1540 -6.32 -22.14 7.72
N GLU A 1541 -7.28 -21.74 8.56
CA GLU A 1541 -8.18 -22.69 9.18
C GLU A 1541 -9.04 -23.44 8.18
N SER A 1542 -9.18 -22.92 6.96
CA SER A 1542 -9.86 -23.65 5.89
C SER A 1542 -8.92 -24.51 5.08
N ASN A 1543 -7.63 -24.17 5.03
CA ASN A 1543 -6.66 -24.96 4.30
C ASN A 1543 -6.46 -26.34 4.91
N VAL A 1544 -6.93 -26.55 6.13
CA VAL A 1544 -6.90 -27.87 6.75
C VAL A 1544 -8.21 -28.57 6.39
N LEU A 1545 -8.09 -29.75 5.79
CA LEU A 1545 -9.27 -30.54 5.44
C LEU A 1545 -9.42 -31.73 6.40
N ASP A 1546 -8.37 -32.53 6.53
CA ASP A 1546 -8.39 -33.73 7.35
C ASP A 1546 -7.75 -33.46 8.70
N SER A 1547 -8.13 -34.29 9.68
CA SER A 1547 -7.49 -34.22 10.99
C SER A 1547 -6.02 -34.63 10.91
N GLY A 1548 -5.66 -35.40 9.88
CA GLY A 1548 -4.26 -35.73 9.68
C GLY A 1548 -3.39 -34.50 9.48
N PHE A 1549 -3.92 -33.49 8.78
CA PHE A 1549 -3.20 -32.24 8.66
C PHE A 1549 -2.98 -31.61 10.03
N LEU A 1550 -4.02 -31.62 10.88
CA LEU A 1550 -3.90 -31.03 12.21
C LEU A 1550 -2.86 -31.75 13.05
N GLU A 1551 -2.85 -33.09 13.02
CA GLU A 1551 -1.88 -33.79 13.85
C GLU A 1551 -0.47 -33.63 13.32
N ARG A 1552 -0.31 -33.59 11.99
CA ARG A 1552 1.01 -33.33 11.43
C ARG A 1552 1.52 -31.95 11.82
N MET A 1553 0.65 -30.94 11.76
CA MET A 1553 1.06 -29.61 12.19
C MET A 1553 1.34 -29.58 13.69
N ASN A 1554 0.56 -30.32 14.48
CA ASN A 1554 0.79 -30.39 15.92
C ASN A 1554 2.19 -30.91 16.21
N THR A 1555 2.55 -32.05 15.62
CA THR A 1555 3.87 -32.61 15.90
C THR A 1555 4.98 -31.73 15.33
N LEU A 1556 4.77 -31.13 14.15
CA LEU A 1556 5.79 -30.24 13.60
C LEU A 1556 6.01 -29.02 14.48
N LEU A 1557 4.94 -28.40 14.97
CA LEU A 1557 5.09 -27.25 15.85
C LEU A 1557 5.77 -27.63 17.15
N ALA A 1558 5.29 -28.67 17.82
CA ALA A 1558 5.77 -28.99 19.15
C ALA A 1558 7.19 -29.55 19.10
N ASN A 1559 7.38 -30.66 18.40
CA ASN A 1559 8.70 -31.29 18.31
C ASN A 1559 9.70 -30.41 17.56
N GLY A 1560 9.24 -29.63 16.60
CA GLY A 1560 10.15 -28.97 15.67
C GLY A 1560 10.52 -29.83 14.48
N GLU A 1561 10.02 -31.06 14.42
CA GLU A 1561 10.29 -31.97 13.32
C GLU A 1561 9.31 -33.13 13.36
N VAL A 1562 8.68 -33.44 12.22
CA VAL A 1562 7.70 -34.51 12.15
C VAL A 1562 8.40 -35.84 11.89
N PRO A 1563 8.20 -36.85 12.73
CA PRO A 1563 8.90 -38.12 12.54
C PRO A 1563 8.23 -39.00 11.51
N GLY A 1564 9.06 -39.63 10.68
CA GLY A 1564 8.57 -40.56 9.68
C GLY A 1564 8.07 -39.93 8.40
N LEU A 1565 8.14 -38.60 8.27
CA LEU A 1565 7.69 -37.96 7.04
C LEU A 1565 8.57 -38.37 5.86
N PHE A 1566 9.88 -38.43 6.08
CA PHE A 1566 10.82 -38.87 5.04
C PHE A 1566 11.12 -40.34 5.30
N GLU A 1567 10.44 -41.22 4.56
CA GLU A 1567 10.55 -42.65 4.77
C GLU A 1567 11.15 -43.30 3.52
N GLY A 1568 12.03 -44.27 3.74
CA GLY A 1568 12.64 -45.00 2.65
C GLY A 1568 13.60 -44.18 1.82
N ASP A 1569 13.29 -44.01 0.53
CA ASP A 1569 14.16 -43.23 -0.34
C ASP A 1569 14.25 -41.78 0.12
N GLU A 1570 13.13 -41.22 0.59
CA GLU A 1570 13.14 -39.84 1.06
C GLU A 1570 14.08 -39.67 2.24
N TYR A 1571 14.12 -40.67 3.13
CA TYR A 1571 15.05 -40.61 4.26
C TYR A 1571 16.49 -40.53 3.77
N ALA A 1572 16.86 -41.38 2.81
CA ALA A 1572 18.24 -41.39 2.32
C ALA A 1572 18.58 -40.10 1.59
N THR A 1573 17.64 -39.60 0.76
CA THR A 1573 17.90 -38.37 0.04
C THR A 1573 18.06 -37.18 0.99
N LEU A 1574 17.18 -37.10 2.00
CA LEU A 1574 17.32 -36.05 3.01
C LEU A 1574 18.62 -36.19 3.78
N MET A 1575 19.04 -37.43 4.06
CA MET A 1575 20.29 -37.64 4.76
C MET A 1575 21.45 -37.11 3.95
N THR A 1576 21.44 -37.40 2.64
CA THR A 1576 22.49 -36.89 1.76
C THR A 1576 22.47 -35.37 1.70
N GLN A 1577 21.29 -34.78 1.56
CA GLN A 1577 21.19 -33.33 1.48
C GLN A 1577 21.66 -32.66 2.76
N CYS A 1578 21.31 -33.24 3.91
CA CYS A 1578 21.78 -32.72 5.18
C CYS A 1578 23.29 -32.83 5.29
N LYS A 1579 23.87 -33.93 4.79
CA LYS A 1579 25.32 -34.06 4.80
C LYS A 1579 25.98 -32.97 3.96
N GLU A 1580 25.44 -32.72 2.77
CA GLU A 1580 26.00 -31.66 1.93
C GLU A 1580 25.86 -30.29 2.60
N GLY A 1581 24.71 -30.03 3.21
CA GLY A 1581 24.52 -28.76 3.91
C GLY A 1581 25.46 -28.60 5.08
N ALA A 1582 25.72 -29.69 5.81
CA ALA A 1582 26.67 -29.64 6.91
C ALA A 1582 28.08 -29.37 6.41
N GLN A 1583 28.47 -30.01 5.32
CA GLN A 1583 29.80 -29.74 4.75
C GLN A 1583 29.90 -28.29 4.29
N LYS A 1584 28.85 -27.76 3.68
CA LYS A 1584 28.85 -26.35 3.27
C LYS A 1584 28.97 -25.43 4.48
N GLU A 1585 28.22 -25.72 5.54
CA GLU A 1585 28.28 -24.94 6.76
C GLU A 1585 29.60 -25.12 7.50
N GLY A 1586 30.22 -26.30 7.41
CA GLY A 1586 31.48 -26.58 8.06
C GLY A 1586 31.46 -27.74 9.03
N LEU A 1587 30.27 -28.16 9.47
CA LEU A 1587 30.19 -29.31 10.38
C LEU A 1587 30.41 -30.60 9.61
N MET A 1588 31.24 -31.47 10.17
CA MET A 1588 31.56 -32.78 9.59
C MET A 1588 30.74 -33.83 10.35
N LEU A 1589 29.67 -34.30 9.73
CA LEU A 1589 28.78 -35.28 10.35
C LEU A 1589 28.61 -36.47 9.40
N ASP A 1590 28.64 -37.67 9.95
CA ASP A 1590 28.43 -38.89 9.18
C ASP A 1590 27.28 -39.75 9.70
N SER A 1591 27.09 -39.82 11.01
CA SER A 1591 26.06 -40.69 11.58
C SER A 1591 24.67 -40.18 11.24
N HIS A 1592 23.71 -41.10 11.24
CA HIS A 1592 22.34 -40.75 10.88
C HIS A 1592 21.70 -39.84 11.91
N GLU A 1593 21.82 -40.18 13.20
CA GLU A 1593 21.12 -39.41 14.22
C GLU A 1593 21.75 -38.03 14.42
N GLU A 1594 23.07 -37.90 14.25
CA GLU A 1594 23.69 -36.59 14.32
C GLU A 1594 23.15 -35.67 13.24
N LEU A 1595 23.09 -36.14 12.00
CA LEU A 1595 22.55 -35.34 10.91
C LEU A 1595 21.08 -35.04 11.13
N TYR A 1596 20.33 -36.01 11.66
CA TYR A 1596 18.91 -35.78 11.92
C TYR A 1596 18.72 -34.70 12.98
N LYS A 1597 19.52 -34.73 14.04
CA LYS A 1597 19.41 -33.70 15.07
C LYS A 1597 19.82 -32.34 14.52
N TRP A 1598 20.86 -32.30 13.69
CA TRP A 1598 21.25 -31.03 13.08
C TRP A 1598 20.12 -30.49 12.21
N PHE A 1599 19.49 -31.35 11.42
CA PHE A 1599 18.37 -30.95 10.58
C PHE A 1599 17.20 -30.45 11.42
N THR A 1600 16.91 -31.14 12.52
CA THR A 1600 15.82 -30.70 13.40
C THR A 1600 16.11 -29.34 14.00
N SER A 1601 17.36 -29.11 14.43
CA SER A 1601 17.72 -27.80 14.96
C SER A 1601 17.56 -26.72 13.90
N GLN A 1602 18.01 -26.99 12.67
CA GLN A 1602 17.86 -26.01 11.60
C GLN A 1602 16.40 -25.72 11.33
N VAL A 1603 15.54 -26.74 11.32
CA VAL A 1603 14.12 -26.53 11.08
C VAL A 1603 13.51 -25.68 12.20
N ILE A 1604 13.88 -25.97 13.45
CA ILE A 1604 13.40 -25.18 14.57
C ILE A 1604 13.83 -23.72 14.41
N ARG A 1605 15.07 -23.51 13.99
CA ARG A 1605 15.59 -22.14 13.92
C ARG A 1605 14.99 -21.36 12.75
N ASN A 1606 14.76 -22.02 11.62
CA ASN A 1606 14.47 -21.33 10.36
C ASN A 1606 13.17 -21.82 9.75
N LEU A 1607 12.10 -21.86 10.53
CA LEU A 1607 10.78 -22.19 9.98
C LEU A 1607 9.73 -21.64 10.94
N HIS A 1608 9.00 -20.62 10.50
CA HIS A 1608 7.99 -19.96 11.32
C HIS A 1608 6.62 -20.20 10.72
N VAL A 1609 5.70 -20.74 11.52
CA VAL A 1609 4.37 -21.10 11.07
C VAL A 1609 3.38 -20.08 11.58
N VAL A 1610 2.56 -19.56 10.68
CA VAL A 1610 1.54 -18.56 10.99
C VAL A 1610 0.20 -19.20 10.69
N PHE A 1611 -0.56 -19.52 11.74
CA PHE A 1611 -1.89 -20.08 11.57
C PHE A 1611 -2.94 -18.99 11.72
N THR A 1612 -3.69 -18.74 10.65
CA THR A 1612 -4.74 -17.73 10.64
C THR A 1612 -6.08 -18.44 10.78
N MET A 1613 -6.86 -18.04 11.78
CA MET A 1613 -8.11 -18.72 12.08
C MET A 1613 -9.18 -17.69 12.37
N ASN A 1614 -10.43 -18.07 12.12
CA ASN A 1614 -11.61 -17.24 12.32
C ASN A 1614 -12.13 -17.38 13.74
N PRO A 1615 -12.47 -16.26 14.39
CA PRO A 1615 -12.98 -16.31 15.78
C PRO A 1615 -14.37 -16.91 15.89
N SER A 1616 -14.43 -18.23 15.77
CA SER A 1616 -15.67 -18.98 15.84
C SER A 1616 -15.85 -19.51 17.25
N SER A 1617 -16.95 -19.16 17.89
CA SER A 1617 -17.23 -19.64 19.24
C SER A 1617 -17.45 -21.15 19.22
N GLU A 1618 -17.00 -21.81 20.28
CA GLU A 1618 -17.07 -23.26 20.44
C GLU A 1618 -16.16 -23.97 19.44
N GLY A 1619 -15.52 -23.20 18.55
CA GLY A 1619 -14.45 -23.74 17.74
C GLY A 1619 -13.08 -23.58 18.38
N LEU A 1620 -12.94 -22.63 19.29
CA LEU A 1620 -11.69 -22.46 20.01
C LEU A 1620 -11.38 -23.68 20.88
N LYS A 1621 -12.36 -24.12 21.67
CA LYS A 1621 -12.16 -25.28 22.53
C LYS A 1621 -11.93 -26.54 21.71
N ASP A 1622 -12.68 -26.71 20.61
CA ASP A 1622 -12.49 -27.87 19.77
C ASP A 1622 -11.10 -27.87 19.13
N ARG A 1623 -10.64 -26.70 18.68
CA ARG A 1623 -9.32 -26.62 18.06
C ARG A 1623 -8.22 -26.86 19.09
N ALA A 1624 -8.43 -26.40 20.34
CA ALA A 1624 -7.48 -26.71 21.39
C ALA A 1624 -7.43 -28.20 21.68
N ALA A 1625 -8.59 -28.85 21.70
CA ALA A 1625 -8.62 -30.30 21.95
C ALA A 1625 -7.94 -31.07 20.83
N THR A 1626 -8.21 -30.71 19.57
CA THR A 1626 -7.65 -31.46 18.46
C THR A 1626 -6.18 -31.15 18.22
N SER A 1627 -5.67 -30.04 18.75
CA SER A 1627 -4.27 -29.71 18.60
C SER A 1627 -3.83 -28.75 19.69
N PRO A 1628 -3.33 -29.26 20.82
CA PRO A 1628 -2.91 -28.35 21.91
C PRO A 1628 -1.72 -27.48 21.56
N ALA A 1629 -0.92 -27.84 20.56
CA ALA A 1629 0.25 -27.04 20.23
C ALA A 1629 -0.13 -25.61 19.87
N LEU A 1630 -1.24 -25.44 19.14
CA LEU A 1630 -1.69 -24.10 18.78
C LEU A 1630 -1.90 -23.24 20.01
N PHE A 1631 -2.31 -23.85 21.12
CA PHE A 1631 -2.54 -23.13 22.35
C PHE A 1631 -1.39 -23.27 23.35
N ASN A 1632 -0.32 -23.98 22.97
CA ASN A 1632 0.85 -24.12 23.83
C ASN A 1632 2.13 -23.62 23.18
N ARG A 1633 2.39 -24.01 21.93
CA ARG A 1633 3.62 -23.62 21.25
C ARG A 1633 3.40 -22.48 20.26
N CYS A 1634 2.25 -21.82 20.32
CA CYS A 1634 1.94 -20.72 19.43
C CYS A 1634 1.45 -19.53 20.25
N VAL A 1635 2.05 -18.37 20.02
CA VAL A 1635 1.58 -17.14 20.65
C VAL A 1635 0.32 -16.66 19.93
N LEU A 1636 -0.70 -16.31 20.71
CA LEU A 1636 -2.03 -16.05 20.19
C LEU A 1636 -2.26 -14.55 20.11
N ASN A 1637 -2.46 -14.04 18.88
CA ASN A 1637 -2.78 -12.65 18.64
C ASN A 1637 -4.23 -12.56 18.20
N TRP A 1638 -5.04 -11.85 18.98
CA TRP A 1638 -6.47 -11.69 18.68
C TRP A 1638 -6.64 -10.41 17.89
N PHE A 1639 -6.62 -10.54 16.56
CA PHE A 1639 -6.90 -9.39 15.70
C PHE A 1639 -8.33 -8.89 15.91
N GLY A 1640 -9.28 -9.80 16.04
CA GLY A 1640 -10.67 -9.41 16.19
C GLY A 1640 -11.19 -8.76 14.92
N ASP A 1641 -12.18 -7.89 15.09
CA ASP A 1641 -12.75 -7.13 13.99
C ASP A 1641 -12.31 -5.68 14.12
N TRP A 1642 -12.20 -4.99 12.98
CA TRP A 1642 -11.79 -3.56 12.98
C TRP A 1642 -12.72 -2.76 13.90
N SER A 1643 -12.14 -2.01 14.83
CA SER A 1643 -12.95 -1.16 15.76
C SER A 1643 -13.54 0.03 15.01
N THR A 1644 -14.52 0.71 15.60
CA THR A 1644 -15.11 1.92 14.97
C THR A 1644 -13.97 2.93 14.72
N GLU A 1645 -13.00 3.01 15.65
CA GLU A 1645 -11.85 3.92 15.48
C GLU A 1645 -11.09 3.55 14.20
N ALA A 1646 -10.80 2.27 14.01
CA ALA A 1646 -10.06 1.82 12.80
C ALA A 1646 -10.88 2.11 11.54
N LEU A 1647 -12.18 1.83 11.57
CA LEU A 1647 -13.07 2.07 10.40
C LEU A 1647 -13.08 3.56 10.08
N TYR A 1648 -13.08 4.41 11.11
CA TYR A 1648 -13.08 5.88 10.90
C TYR A 1648 -11.77 6.29 10.22
N GLN A 1649 -10.65 5.73 10.67
CA GLN A 1649 -9.32 6.09 10.09
C GLN A 1649 -9.29 5.71 8.61
N VAL A 1650 -9.72 4.50 8.27
CA VAL A 1650 -9.64 4.04 6.84
C VAL A 1650 -10.62 4.87 6.01
N GLY A 1651 -11.78 5.23 6.58
CA GLY A 1651 -12.71 6.06 5.82
C GLY A 1651 -12.13 7.42 5.49
N LYS A 1652 -11.54 8.08 6.49
CA LYS A 1652 -10.92 9.38 6.22
C LYS A 1652 -9.77 9.25 5.24
N GLU A 1653 -8.94 8.22 5.39
CA GLU A 1653 -7.76 8.09 4.56
C GLU A 1653 -8.14 7.89 3.09
N PHE A 1654 -9.14 7.05 2.81
CA PHE A 1654 -9.55 6.88 1.43
C PHE A 1654 -10.36 8.07 0.92
N THR A 1655 -11.22 8.65 1.75
CA THR A 1655 -11.90 9.87 1.34
C THR A 1655 -11.13 11.10 1.78
N SER A 1656 -9.83 11.09 1.53
CA SER A 1656 -9.01 12.29 1.61
C SER A 1656 -8.93 13.04 0.29
N LYS A 1657 -9.47 12.46 -0.78
CA LYS A 1657 -9.46 13.14 -2.07
C LYS A 1657 -10.81 13.76 -2.40
N MET A 1658 -11.88 13.24 -1.82
CA MET A 1658 -13.22 13.73 -2.09
C MET A 1658 -13.39 15.17 -1.61
N ASP A 1659 -14.16 15.94 -2.37
CA ASP A 1659 -14.47 17.33 -2.01
C ASP A 1659 -15.69 17.33 -1.10
N LEU A 1660 -15.48 16.94 0.15
CA LEU A 1660 -16.56 16.85 1.13
C LEU A 1660 -16.72 18.12 1.95
N GLU A 1661 -15.86 19.13 1.71
CA GLU A 1661 -15.89 20.34 2.52
C GLU A 1661 -17.16 21.13 2.23
N LYS A 1662 -17.87 21.51 3.28
CA LYS A 1662 -19.08 22.32 3.17
C LYS A 1662 -19.03 23.41 4.23
N PRO A 1663 -18.61 24.63 3.88
CA PRO A 1663 -18.44 25.66 4.92
C PRO A 1663 -19.72 26.01 5.65
N ASN A 1664 -20.87 25.94 4.98
CA ASN A 1664 -22.14 26.29 5.58
C ASN A 1664 -22.84 25.10 6.21
N TYR A 1665 -22.10 24.04 6.54
CA TYR A 1665 -22.68 22.85 7.15
C TYR A 1665 -23.10 23.19 8.58
N ILE A 1666 -24.40 23.30 8.81
CA ILE A 1666 -24.93 23.63 10.12
C ILE A 1666 -24.91 22.38 10.99
N VAL A 1667 -24.23 22.48 12.13
CA VAL A 1667 -24.14 21.37 13.08
C VAL A 1667 -25.50 21.21 13.78
N PRO A 1668 -26.06 20.02 13.80
CA PRO A 1668 -27.39 19.84 14.41
C PRO A 1668 -27.33 19.96 15.94
N ASP A 1669 -28.51 20.17 16.52
CA ASP A 1669 -28.62 20.19 17.98
C ASP A 1669 -28.23 18.84 18.57
N TYR A 1670 -28.68 17.75 17.96
CA TYR A 1670 -28.27 16.41 18.34
C TYR A 1670 -27.56 15.76 17.18
N MET A 1671 -26.46 15.07 17.46
CA MET A 1671 -25.72 14.31 16.46
C MET A 1671 -25.54 12.90 16.99
N PRO A 1672 -25.82 11.88 16.18
CA PRO A 1672 -25.60 10.50 16.66
C PRO A 1672 -24.13 10.13 16.60
N VAL A 1673 -23.50 10.10 17.76
CA VAL A 1673 -22.06 9.88 17.86
C VAL A 1673 -21.83 8.37 17.78
N VAL A 1674 -21.04 7.97 16.79
CA VAL A 1674 -20.67 6.53 16.63
C VAL A 1674 -19.17 6.41 16.86
N TYR A 1675 -18.39 7.31 16.25
CA TYR A 1675 -16.92 7.34 16.49
C TYR A 1675 -16.66 7.78 17.92
N ASP A 1676 -15.85 7.02 18.67
CA ASP A 1676 -15.60 7.33 20.11
C ASP A 1676 -14.95 8.71 20.26
N LYS A 1677 -14.01 9.07 19.37
CA LYS A 1677 -13.27 10.35 19.55
C LYS A 1677 -13.73 11.38 18.51
N LEU A 1678 -15.03 11.41 18.20
CA LEU A 1678 -15.54 12.37 17.23
C LEU A 1678 -15.51 13.77 17.81
N PRO A 1679 -14.86 14.73 17.14
CA PRO A 1679 -14.92 16.12 17.62
C PRO A 1679 -16.35 16.63 17.63
N GLN A 1680 -16.76 17.19 18.77
CA GLN A 1680 -18.17 17.57 18.92
C GLN A 1680 -18.57 18.73 18.02
N PRO A 1681 -17.70 19.67 17.66
CA PRO A 1681 -18.01 20.55 16.53
C PRO A 1681 -17.37 20.06 15.25
N PRO A 1682 -17.88 18.99 14.63
CA PRO A 1682 -17.19 18.42 13.47
C PRO A 1682 -17.53 19.15 12.18
N SER A 1683 -16.60 19.08 11.24
CA SER A 1683 -16.84 19.62 9.91
C SER A 1683 -17.65 18.61 9.09
N HIS A 1684 -17.90 18.95 7.83
CA HIS A 1684 -18.73 18.09 6.99
C HIS A 1684 -18.07 16.73 6.77
N ARG A 1685 -16.75 16.72 6.55
CA ARG A 1685 -16.05 15.45 6.32
C ARG A 1685 -16.15 14.54 7.55
N GLU A 1686 -15.99 15.11 8.74
CA GLU A 1686 -16.06 14.32 9.97
C GLU A 1686 -17.47 13.86 10.30
N ALA A 1687 -18.49 14.39 9.62
CA ALA A 1687 -19.83 13.82 9.71
C ALA A 1687 -20.09 12.78 8.64
N ILE A 1688 -19.55 12.98 7.44
CA ILE A 1688 -19.70 11.98 6.38
C ILE A 1688 -19.03 10.67 6.79
N VAL A 1689 -17.79 10.75 7.29
CA VAL A 1689 -17.10 9.53 7.70
C VAL A 1689 -17.79 8.88 8.88
N ASN A 1690 -18.34 9.70 9.79
CA ASN A 1690 -19.11 9.17 10.90
C ASN A 1690 -20.33 8.40 10.40
N SER A 1691 -21.03 8.93 9.41
CA SER A 1691 -22.18 8.21 8.86
C SER A 1691 -21.75 6.95 8.12
N CYS A 1692 -20.56 6.98 7.49
CA CYS A 1692 -20.06 5.78 6.83
C CYS A 1692 -19.82 4.66 7.85
N VAL A 1693 -19.15 4.97 8.95
CA VAL A 1693 -18.93 3.95 9.95
C VAL A 1693 -20.26 3.54 10.58
N PHE A 1694 -21.22 4.47 10.68
CA PHE A 1694 -22.54 4.10 11.18
C PHE A 1694 -23.21 3.08 10.26
N VAL A 1695 -23.10 3.27 8.95
CA VAL A 1695 -23.68 2.32 8.01
C VAL A 1695 -23.04 0.95 8.19
N HIS A 1696 -21.71 0.92 8.32
CA HIS A 1696 -21.05 -0.37 8.48
C HIS A 1696 -21.47 -1.05 9.77
N GLN A 1697 -21.65 -0.27 10.84
CA GLN A 1697 -22.21 -0.83 12.07
C GLN A 1697 -23.66 -1.26 11.91
N THR A 1698 -24.39 -0.62 11.00
CA THR A 1698 -25.79 -0.98 10.77
C THR A 1698 -25.90 -2.34 10.10
N LEU A 1699 -24.96 -2.68 9.22
CA LEU A 1699 -24.97 -4.01 8.64
C LEU A 1699 -24.91 -5.11 9.69
N HIS A 1700 -24.14 -4.91 10.76
CA HIS A 1700 -24.05 -5.91 11.80
C HIS A 1700 -25.39 -6.11 12.50
N GLN A 1701 -26.08 -5.01 12.81
CA GLN A 1701 -27.39 -5.12 13.44
C GLN A 1701 -28.38 -5.80 12.51
N ALA A 1702 -28.32 -5.49 11.22
CA ALA A 1702 -29.20 -6.13 10.26
C ALA A 1702 -28.94 -7.64 10.21
N ASN A 1703 -27.67 -8.03 10.19
CA ASN A 1703 -27.33 -9.45 10.20
C ASN A 1703 -27.86 -10.13 11.46
N ALA A 1704 -27.72 -9.47 12.61
CA ALA A 1704 -28.23 -10.04 13.85
C ALA A 1704 -29.74 -10.20 13.79
N ARG A 1705 -30.45 -9.19 13.28
CA ARG A 1705 -31.91 -9.29 13.18
C ARG A 1705 -32.32 -10.42 12.24
N LEU A 1706 -31.61 -10.57 11.12
CA LEU A 1706 -31.94 -11.66 10.19
C LEU A 1706 -31.68 -13.01 10.85
N ALA A 1707 -30.58 -13.13 11.59
CA ALA A 1707 -30.26 -14.39 12.25
C ALA A 1707 -31.28 -14.75 13.31
N LYS A 1708 -31.74 -13.77 14.09
CA LYS A 1708 -32.65 -14.06 15.19
C LYS A 1708 -33.98 -14.60 14.68
N ARG A 1709 -34.52 -14.02 13.60
CA ARG A 1709 -35.77 -14.46 12.99
C ARG A 1709 -35.53 -14.58 11.49
N GLY A 1710 -35.09 -15.76 11.05
CA GLY A 1710 -34.88 -15.99 9.64
C GLY A 1710 -33.82 -17.06 9.44
N GLY A 1711 -33.24 -17.05 8.24
CA GLY A 1711 -32.29 -18.07 7.86
C GLY A 1711 -30.84 -17.61 7.87
N ARG A 1712 -30.08 -18.04 6.86
CA ARG A 1712 -28.65 -17.80 6.86
C ARG A 1712 -28.32 -16.32 6.72
N THR A 1713 -27.26 -15.89 7.38
CA THR A 1713 -26.74 -14.53 7.29
C THR A 1713 -25.30 -14.60 6.82
N MET A 1714 -24.92 -13.73 5.89
CA MET A 1714 -23.55 -13.72 5.41
C MET A 1714 -22.72 -12.78 6.27
N ALA A 1715 -21.50 -13.19 6.58
CA ALA A 1715 -20.67 -12.44 7.51
C ALA A 1715 -20.19 -11.14 6.88
N ILE A 1716 -20.16 -10.08 7.69
CA ILE A 1716 -19.67 -8.78 7.28
C ILE A 1716 -18.20 -8.69 7.62
N THR A 1717 -17.39 -8.31 6.64
CA THR A 1717 -15.94 -8.25 6.76
C THR A 1717 -15.45 -6.84 6.41
N PRO A 1718 -14.23 -6.49 6.82
CA PRO A 1718 -13.67 -5.19 6.41
C PRO A 1718 -13.53 -5.03 4.91
N ARG A 1719 -13.43 -6.12 4.15
CA ARG A 1719 -13.41 -6.00 2.70
C ARG A 1719 -14.69 -5.36 2.19
N HIS A 1720 -15.82 -5.63 2.85
CA HIS A 1720 -17.06 -4.97 2.46
C HIS A 1720 -16.96 -3.46 2.67
N TYR A 1721 -16.36 -3.03 3.78
CA TYR A 1721 -16.18 -1.61 4.00
C TYR A 1721 -15.25 -1.00 2.96
N LEU A 1722 -14.20 -1.72 2.60
CA LEU A 1722 -13.30 -1.24 1.57
C LEU A 1722 -14.02 -1.08 0.23
N ASP A 1723 -14.86 -2.05 -0.11
CA ASP A 1723 -15.64 -1.92 -1.34
C ASP A 1723 -16.63 -0.77 -1.25
N PHE A 1724 -17.25 -0.57 -0.08
CA PHE A 1724 -18.17 0.54 0.08
C PHE A 1724 -17.46 1.88 -0.13
N ILE A 1725 -16.26 2.02 0.43
CA ILE A 1725 -15.54 3.27 0.27
C ILE A 1725 -15.06 3.47 -1.16
N ASN A 1726 -14.58 2.39 -1.80
CA ASN A 1726 -14.17 2.51 -3.20
C ASN A 1726 -15.34 2.88 -4.09
N HIS A 1727 -16.51 2.27 -3.84
CA HIS A 1727 -17.70 2.62 -4.60
C HIS A 1727 -18.10 4.07 -4.35
N TYR A 1728 -18.02 4.51 -3.10
CA TYR A 1728 -18.38 5.89 -2.78
C TYR A 1728 -17.49 6.87 -3.52
N ALA A 1729 -16.18 6.61 -3.52
CA ALA A 1729 -15.24 7.50 -4.21
C ALA A 1729 -15.48 7.50 -5.72
N ASN A 1730 -15.58 6.31 -6.32
CA ASN A 1730 -15.75 6.21 -7.76
C ASN A 1730 -17.05 6.86 -8.18
N LEU A 1731 -18.13 6.60 -7.44
CA LEU A 1731 -19.43 7.17 -7.76
C LEU A 1731 -19.41 8.69 -7.60
N PHE A 1732 -18.69 9.18 -6.60
CA PHE A 1732 -18.58 10.64 -6.44
C PHE A 1732 -17.88 11.26 -7.64
N HIS A 1733 -16.72 10.72 -8.03
CA HIS A 1733 -16.05 11.26 -9.20
C HIS A 1733 -16.92 11.19 -10.44
N GLU A 1734 -17.60 10.08 -10.67
CA GLU A 1734 -18.41 9.93 -11.88
C GLU A 1734 -19.59 10.90 -11.89
N LYS A 1735 -20.35 10.95 -10.80
CA LYS A 1735 -21.51 11.83 -10.74
C LYS A 1735 -21.09 13.29 -10.83
N ARG A 1736 -20.02 13.67 -10.13
CA ARG A 1736 -19.56 15.05 -10.20
C ARG A 1736 -19.12 15.41 -11.61
N SER A 1737 -18.37 14.52 -12.26
CA SER A 1737 -17.93 14.79 -13.62
C SER A 1737 -19.10 14.94 -14.57
N GLU A 1738 -20.09 14.05 -14.46
CA GLU A 1738 -21.25 14.13 -15.35
C GLU A 1738 -22.02 15.42 -15.12
N LEU A 1739 -22.24 15.80 -13.87
CA LEU A 1739 -23.00 17.01 -13.60
C LEU A 1739 -22.25 18.25 -14.07
N GLU A 1740 -20.93 18.29 -13.84
CA GLU A 1740 -20.14 19.43 -14.29
C GLU A 1740 -20.14 19.55 -15.80
N GLU A 1741 -19.98 18.43 -16.50
CA GLU A 1741 -20.00 18.47 -17.97
C GLU A 1741 -21.36 18.90 -18.48
N GLN A 1742 -22.43 18.40 -17.87
CA GLN A 1742 -23.78 18.80 -18.26
C GLN A 1742 -23.97 20.30 -18.07
N GLN A 1743 -23.51 20.83 -16.95
CA GLN A 1743 -23.64 22.26 -16.71
C GLN A 1743 -22.81 23.07 -17.70
N MET A 1744 -21.63 22.58 -18.04
CA MET A 1744 -20.80 23.28 -19.04
C MET A 1744 -21.51 23.34 -20.38
N HIS A 1745 -22.05 22.21 -20.83
CA HIS A 1745 -22.76 22.20 -22.10
C HIS A 1745 -23.99 23.10 -22.06
N LEU A 1746 -24.73 23.06 -20.95
CA LEU A 1746 -25.91 23.89 -20.83
C LEU A 1746 -25.55 25.37 -20.87
N ASN A 1747 -24.48 25.75 -20.17
CA ASN A 1747 -24.08 27.15 -20.13
C ASN A 1747 -23.61 27.64 -21.50
N VAL A 1748 -22.81 26.83 -22.21
CA VAL A 1748 -22.33 27.28 -23.51
C VAL A 1748 -23.49 27.35 -24.50
N GLY A 1749 -24.43 26.40 -24.42
CA GLY A 1749 -25.61 26.48 -25.27
C GLY A 1749 -26.45 27.71 -25.00
N LEU A 1750 -26.64 28.04 -23.71
CA LEU A 1750 -27.41 29.23 -23.37
C LEU A 1750 -26.71 30.50 -23.81
N ARG A 1751 -25.38 30.53 -23.73
CA ARG A 1751 -24.63 31.69 -24.24
C ARG A 1751 -24.82 31.83 -25.75
N LYS A 1752 -24.77 30.72 -26.48
CA LYS A 1752 -25.03 30.79 -27.91
C LYS A 1752 -26.44 31.25 -28.20
N ILE A 1753 -27.41 30.86 -27.38
CA ILE A 1753 -28.79 31.32 -27.57
C ILE A 1753 -28.88 32.82 -27.31
N LYS A 1754 -28.16 33.32 -26.31
CA LYS A 1754 -28.13 34.76 -26.07
C LYS A 1754 -27.51 35.51 -27.25
N GLU A 1755 -26.46 34.93 -27.85
CA GLU A 1755 -25.87 35.52 -29.04
C GLU A 1755 -26.86 35.52 -30.21
N THR A 1756 -27.63 34.46 -30.32
CA THR A 1756 -28.69 34.40 -31.34
C THR A 1756 -29.74 35.48 -31.10
N VAL A 1757 -30.09 35.70 -29.83
CA VAL A 1757 -31.06 36.76 -29.50
C VAL A 1757 -30.50 38.12 -29.90
N ASP A 1758 -29.22 38.34 -29.60
CA ASP A 1758 -28.54 39.56 -30.06
C ASP A 1758 -28.67 39.71 -31.57
N GLN A 1759 -28.39 38.63 -32.29
CA GLN A 1759 -28.48 38.66 -33.76
C GLN A 1759 -29.86 39.06 -34.22
N VAL A 1760 -30.89 38.36 -33.73
CA VAL A 1760 -32.25 38.60 -34.23
C VAL A 1760 -32.72 39.99 -33.84
N GLU A 1761 -32.34 40.47 -32.66
CA GLU A 1761 -32.76 41.80 -32.25
C GLU A 1761 -32.07 42.88 -33.06
N GLU A 1762 -30.79 42.68 -33.42
CA GLU A 1762 -30.10 43.72 -34.18
C GLU A 1762 -30.46 43.67 -35.66
N LEU A 1763 -30.95 42.53 -36.15
CA LEU A 1763 -31.58 42.53 -37.46
C LEU A 1763 -32.95 43.17 -37.44
N ARG A 1764 -33.75 42.92 -36.39
CA ARG A 1764 -35.08 43.49 -36.33
C ARG A 1764 -35.05 45.01 -36.18
N ARG A 1765 -34.10 45.54 -35.42
CA ARG A 1765 -34.00 46.98 -35.23
C ARG A 1765 -33.48 47.65 -36.50
N LYS A 1949 -36.98 35.89 -43.75
CA LYS A 1949 -35.67 35.82 -43.13
C LYS A 1949 -35.74 36.24 -41.67
N VAL A 1950 -36.86 36.87 -41.30
CA VAL A 1950 -37.07 37.32 -39.93
C VAL A 1950 -38.13 36.44 -39.28
N ASN A 1951 -39.12 36.01 -40.07
CA ASN A 1951 -40.19 35.17 -39.52
C ASN A 1951 -39.63 33.85 -39.00
N ARG A 1952 -38.72 33.23 -39.77
CA ARG A 1952 -38.11 31.99 -39.30
C ARG A 1952 -37.28 32.24 -38.05
N SER A 1953 -36.61 33.40 -37.97
CA SER A 1953 -35.83 33.72 -36.79
C SER A 1953 -36.71 33.82 -35.55
N THR A 1954 -37.85 34.52 -35.66
CA THR A 1954 -38.75 34.64 -34.51
C THR A 1954 -39.38 33.29 -34.16
N ALA A 1955 -39.72 32.49 -35.17
CA ALA A 1955 -40.31 31.19 -34.92
C ALA A 1955 -39.34 30.29 -34.17
N LEU A 1956 -38.09 30.23 -34.63
CA LEU A 1956 -37.09 29.43 -33.93
C LEU A 1956 -36.80 30.01 -32.55
N LEU A 1957 -36.86 31.32 -32.40
CA LEU A 1957 -36.67 31.93 -31.08
C LEU A 1957 -37.73 31.44 -30.11
N LYS A 1958 -39.01 31.46 -30.53
CA LYS A 1958 -40.07 31.02 -29.63
C LYS A 1958 -39.95 29.53 -29.34
N SER A 1959 -39.72 28.72 -30.37
CA SER A 1959 -39.62 27.28 -30.18
C SER A 1959 -38.45 26.93 -29.27
N LEU A 1960 -37.33 27.65 -29.40
CA LEU A 1960 -36.18 27.38 -28.56
C LEU A 1960 -36.37 27.91 -27.15
N SER A 1961 -37.07 29.03 -26.98
CA SER A 1961 -37.37 29.52 -25.63
C SER A 1961 -38.26 28.54 -24.88
N ALA A 1962 -39.11 27.82 -25.61
CA ALA A 1962 -39.92 26.77 -24.99
C ALA A 1962 -39.05 25.76 -24.26
N GLU A 1963 -37.81 25.56 -24.70
CA GLU A 1963 -36.86 24.74 -23.98
C GLU A 1963 -35.94 25.56 -23.08
N ARG A 1964 -35.70 26.82 -23.42
CA ARG A 1964 -34.85 27.67 -22.61
C ARG A 1964 -35.40 27.85 -21.22
N GLU A 1965 -36.73 27.82 -21.07
CA GLU A 1965 -37.30 27.92 -19.73
C GLU A 1965 -36.79 26.80 -18.83
N ARG A 1966 -36.86 25.56 -19.32
CA ARG A 1966 -36.39 24.45 -18.49
C ARG A 1966 -34.88 24.40 -18.42
N TRP A 1967 -34.18 24.91 -19.44
CA TRP A 1967 -32.73 24.99 -19.37
C TRP A 1967 -32.31 25.92 -18.23
N GLU A 1968 -32.98 27.07 -18.11
CA GLU A 1968 -32.68 27.98 -17.02
C GLU A 1968 -33.08 27.40 -15.68
N LYS A 1969 -34.19 26.66 -15.62
CA LYS A 1969 -34.53 25.96 -14.38
C LYS A 1969 -33.42 25.00 -13.97
N THR A 1970 -32.91 24.21 -14.93
CA THR A 1970 -31.85 23.25 -14.62
C THR A 1970 -30.56 23.95 -14.21
N SER A 1971 -30.22 25.05 -14.90
CA SER A 1971 -29.01 25.80 -14.54
C SER A 1971 -29.12 26.36 -13.13
N GLU A 1972 -30.31 26.87 -12.77
CA GLU A 1972 -30.52 27.36 -11.41
C GLU A 1972 -30.40 26.23 -10.39
N THR A 1973 -30.97 25.07 -10.69
CA THR A 1973 -30.91 23.94 -9.76
C THR A 1973 -29.59 23.20 -9.79
N PHE A 1974 -28.66 23.59 -10.67
CA PHE A 1974 -27.34 22.96 -10.67
C PHE A 1974 -26.67 23.07 -9.30
N LYS A 1975 -26.78 24.24 -8.67
CA LYS A 1975 -26.18 24.41 -7.34
C LYS A 1975 -26.81 23.47 -6.33
N ASN A 1976 -28.14 23.32 -6.38
CA ASN A 1976 -28.82 22.41 -5.47
C ASN A 1976 -28.38 20.97 -5.69
N GLN A 1977 -28.25 20.56 -6.96
CA GLN A 1977 -27.82 19.20 -7.26
C GLN A 1977 -26.39 18.97 -6.78
N MET A 1978 -25.51 19.95 -6.97
CA MET A 1978 -24.15 19.84 -6.45
C MET A 1978 -24.14 19.77 -4.93
N SER A 1979 -25.09 20.46 -4.28
CA SER A 1979 -25.12 20.44 -2.82
C SER A 1979 -25.42 19.04 -2.28
N THR A 1980 -26.34 18.32 -2.92
CA THR A 1980 -26.81 17.04 -2.41
C THR A 1980 -26.13 15.85 -3.09
N ILE A 1981 -24.97 16.06 -3.72
CA ILE A 1981 -24.25 14.97 -4.37
C ILE A 1981 -23.50 14.10 -3.36
N ALA A 1982 -23.30 14.59 -2.14
CA ALA A 1982 -22.57 13.83 -1.13
C ALA A 1982 -23.43 12.74 -0.51
N GLY A 1983 -24.60 13.10 -0.01
CA GLY A 1983 -25.47 12.11 0.61
C GLY A 1983 -25.99 11.07 -0.37
N ASP A 1984 -26.32 11.51 -1.59
CA ASP A 1984 -26.84 10.58 -2.58
C ASP A 1984 -25.80 9.55 -2.99
N CYS A 1985 -24.56 9.99 -3.24
CA CYS A 1985 -23.51 9.03 -3.58
C CYS A 1985 -23.25 8.09 -2.41
N LEU A 1986 -23.30 8.60 -1.19
CA LEU A 1986 -23.13 7.75 -0.01
C LEU A 1986 -24.19 6.67 0.04
N LEU A 1987 -25.45 7.06 -0.08
CA LEU A 1987 -26.53 6.08 0.00
C LEU A 1987 -26.46 5.07 -1.13
N SER A 1988 -26.15 5.53 -2.34
CA SER A 1988 -26.07 4.62 -3.49
C SER A 1988 -24.92 3.64 -3.33
N ALA A 1989 -23.76 4.11 -2.87
CA ALA A 1989 -22.63 3.21 -2.66
C ALA A 1989 -22.94 2.20 -1.56
N ALA A 1990 -23.55 2.67 -0.47
CA ALA A 1990 -23.91 1.75 0.60
C ALA A 1990 -24.89 0.70 0.13
N PHE A 1991 -25.83 1.09 -0.73
CA PHE A 1991 -26.77 0.11 -1.27
C PHE A 1991 -26.09 -0.90 -2.19
N ILE A 1992 -25.29 -0.42 -3.15
CA ILE A 1992 -24.70 -1.33 -4.11
C ILE A 1992 -23.49 -2.08 -3.56
N ALA A 1993 -23.07 -1.80 -2.33
CA ALA A 1993 -21.94 -2.49 -1.73
C ALA A 1993 -22.32 -3.42 -0.59
N TYR A 1994 -23.45 -3.18 0.08
CA TYR A 1994 -23.84 -3.97 1.24
C TYR A 1994 -25.11 -4.77 0.99
N ALA A 1995 -26.20 -4.11 0.59
CA ALA A 1995 -27.50 -4.77 0.48
C ALA A 1995 -27.60 -5.51 -0.85
N GLY A 1996 -26.61 -6.35 -1.10
CA GLY A 1996 -26.59 -7.15 -2.29
C GLY A 1996 -27.06 -8.57 -2.05
N TYR A 1997 -27.23 -8.93 -0.78
CA TYR A 1997 -27.66 -10.27 -0.40
C TYR A 1997 -29.08 -10.33 0.13
N PHE A 1998 -29.62 -9.21 0.59
CA PHE A 1998 -30.85 -9.24 1.34
C PHE A 1998 -32.06 -9.17 0.41
N ASP A 1999 -33.22 -9.52 0.95
CA ASP A 1999 -34.46 -9.45 0.21
C ASP A 1999 -34.97 -8.00 0.19
N GLN A 2000 -36.10 -7.80 -0.48
CA GLN A 2000 -36.57 -6.43 -0.72
C GLN A 2000 -36.91 -5.73 0.58
N GLN A 2001 -37.57 -6.43 1.51
CA GLN A 2001 -37.97 -5.78 2.76
C GLN A 2001 -36.75 -5.31 3.55
N MET A 2002 -35.73 -6.16 3.65
CA MET A 2002 -34.54 -5.80 4.40
C MET A 2002 -33.76 -4.70 3.70
N ARG A 2003 -33.70 -4.73 2.36
CA ARG A 2003 -33.04 -3.66 1.63
C ARG A 2003 -33.72 -2.33 1.88
N GLN A 2004 -35.06 -2.31 1.84
CA GLN A 2004 -35.79 -1.07 2.09
C GLN A 2004 -35.59 -0.61 3.52
N ASN A 2005 -35.60 -1.53 4.48
CA ASN A 2005 -35.39 -1.14 5.88
C ASN A 2005 -34.00 -0.55 6.09
N LEU A 2006 -32.98 -1.17 5.50
CA LEU A 2006 -31.62 -0.65 5.62
C LEU A 2006 -31.50 0.74 5.01
N PHE A 2007 -32.07 0.92 3.81
CA PHE A 2007 -32.01 2.22 3.16
C PHE A 2007 -32.76 3.28 3.96
N THR A 2008 -33.91 2.91 4.53
CA THR A 2008 -34.66 3.84 5.34
C THR A 2008 -33.88 4.24 6.59
N THR A 2009 -33.23 3.28 7.24
CA THR A 2009 -32.43 3.61 8.42
C THR A 2009 -31.26 4.52 8.07
N TRP A 2010 -30.58 4.23 6.95
CA TRP A 2010 -29.48 5.10 6.53
C TRP A 2010 -29.98 6.50 6.24
N SER A 2011 -31.12 6.61 5.56
CA SER A 2011 -31.68 7.93 5.25
C SER A 2011 -32.07 8.68 6.51
N HIS A 2012 -32.67 7.99 7.48
CA HIS A 2012 -33.03 8.63 8.74
C HIS A 2012 -31.79 9.15 9.45
N HIS A 2013 -30.73 8.35 9.49
CA HIS A 2013 -29.50 8.81 10.14
C HIS A 2013 -28.90 10.01 9.41
N LEU A 2014 -28.85 9.97 8.08
CA LEU A 2014 -28.30 11.09 7.34
C LEU A 2014 -29.12 12.35 7.55
N GLN A 2015 -30.44 12.21 7.63
CA GLN A 2015 -31.27 13.37 7.93
C GLN A 2015 -31.00 13.89 9.34
N GLN A 2016 -30.69 12.98 10.28
CA GLN A 2016 -30.33 13.42 11.61
C GLN A 2016 -29.06 14.25 11.60
N ALA A 2017 -28.07 13.85 10.80
CA ALA A 2017 -26.81 14.57 10.70
C ALA A 2017 -26.86 15.74 9.74
N ASN A 2018 -28.05 16.10 9.25
CA ASN A 2018 -28.21 17.22 8.32
C ASN A 2018 -27.33 17.07 7.09
N ILE A 2019 -27.19 15.85 6.60
CA ILE A 2019 -26.44 15.60 5.37
C ILE A 2019 -27.39 15.74 4.20
N GLN A 2020 -26.99 16.53 3.21
CA GLN A 2020 -27.85 16.79 2.06
C GLN A 2020 -27.89 15.59 1.13
N PHE A 2021 -29.11 15.19 0.74
CA PHE A 2021 -29.31 14.11 -0.21
C PHE A 2021 -30.67 14.30 -0.86
N ARG A 2022 -30.72 14.14 -2.17
CA ARG A 2022 -31.96 14.37 -2.93
C ARG A 2022 -32.92 13.22 -2.66
N THR A 2023 -33.95 13.49 -1.86
CA THR A 2023 -34.97 12.48 -1.59
C THR A 2023 -35.90 12.35 -2.78
N ASP A 2024 -36.86 11.42 -2.68
CA ASP A 2024 -37.85 11.15 -3.70
C ASP A 2024 -37.22 10.78 -5.05
N ILE A 2025 -36.05 10.16 -5.02
CA ILE A 2025 -35.39 9.67 -6.23
C ILE A 2025 -35.02 8.21 -6.01
N ALA A 2026 -35.54 7.33 -6.86
CA ALA A 2026 -35.28 5.91 -6.71
C ALA A 2026 -33.80 5.62 -6.96
N ARG A 2027 -33.27 4.65 -6.20
CA ARG A 2027 -31.87 4.28 -6.34
C ARG A 2027 -31.57 3.72 -7.73
N THR A 2028 -32.48 2.89 -8.26
CA THR A 2028 -32.23 2.25 -9.54
C THR A 2028 -32.13 3.27 -10.67
N GLU A 2029 -32.95 4.31 -10.66
CA GLU A 2029 -32.87 5.33 -11.69
C GLU A 2029 -31.60 6.15 -11.56
N TYR A 2030 -31.19 6.45 -10.32
CA TYR A 2030 -30.00 7.26 -10.13
C TYR A 2030 -28.74 6.50 -10.55
N LEU A 2031 -28.64 5.21 -10.20
CA LEU A 2031 -27.45 4.45 -10.55
C LEU A 2031 -27.34 4.23 -12.05
N SER A 2032 -28.44 3.88 -12.70
CA SER A 2032 -28.43 3.47 -14.10
C SER A 2032 -29.41 4.32 -14.89
N ASN A 2033 -28.94 4.83 -16.03
CA ASN A 2033 -29.81 5.58 -16.93
C ASN A 2033 -30.70 4.63 -17.71
N ALA A 2034 -31.61 5.20 -18.50
CA ALA A 2034 -32.50 4.39 -19.31
C ALA A 2034 -31.79 3.77 -20.52
N ASP A 2035 -30.66 4.32 -20.93
CA ASP A 2035 -29.97 3.81 -22.11
C ASP A 2035 -29.56 2.36 -21.92
N GLU A 2036 -28.86 2.06 -20.83
CA GLU A 2036 -28.48 0.68 -20.57
C GLU A 2036 -29.64 -0.15 -20.03
N ARG A 2037 -30.65 0.48 -19.44
CA ARG A 2037 -31.83 -0.26 -19.01
C ARG A 2037 -32.57 -0.85 -20.20
N LEU A 2038 -32.61 -0.12 -21.32
CA LEU A 2038 -33.20 -0.68 -22.52
C LEU A 2038 -32.43 -1.91 -22.99
N ARG A 2039 -31.10 -1.84 -22.99
CA ARG A 2039 -30.30 -3.00 -23.39
C ARG A 2039 -30.53 -4.17 -22.45
N TRP A 2040 -30.63 -3.90 -21.14
CA TRP A 2040 -30.87 -4.98 -20.19
C TRP A 2040 -32.22 -5.62 -20.41
N GLN A 2041 -33.27 -4.82 -20.57
CA GLN A 2041 -34.60 -5.38 -20.77
C GLN A 2041 -34.66 -6.16 -22.09
N ALA A 2042 -34.01 -5.66 -23.12
CA ALA A 2042 -33.91 -6.42 -24.37
C ALA A 2042 -33.02 -7.63 -24.22
N SER A 2043 -32.16 -7.67 -23.20
CA SER A 2043 -31.26 -8.79 -22.96
C SER A 2043 -31.87 -9.82 -22.01
N SER A 2044 -33.19 -9.96 -22.00
CA SER A 2044 -33.90 -10.95 -21.19
C SER A 2044 -33.63 -10.72 -19.69
N LEU A 2045 -34.07 -9.56 -19.22
CA LEU A 2045 -34.03 -9.22 -17.81
C LEU A 2045 -35.40 -8.75 -17.37
N PRO A 2046 -35.95 -9.29 -16.28
CA PRO A 2046 -37.29 -8.88 -15.84
C PRO A 2046 -37.33 -7.39 -15.51
N ALA A 2047 -38.45 -6.76 -15.86
CA ALA A 2047 -38.59 -5.31 -15.73
C ALA A 2047 -39.16 -5.00 -14.34
N ASP A 2048 -38.29 -5.10 -13.34
CA ASP A 2048 -38.68 -4.82 -11.98
C ASP A 2048 -37.53 -4.15 -11.25
N ASP A 2049 -37.84 -3.59 -10.08
CA ASP A 2049 -36.83 -2.86 -9.31
C ASP A 2049 -35.66 -3.76 -8.92
N LEU A 2050 -35.95 -4.92 -8.33
CA LEU A 2050 -34.89 -5.76 -7.79
C LEU A 2050 -33.95 -6.24 -8.88
N CYS A 2051 -34.49 -6.65 -10.03
CA CYS A 2051 -33.63 -7.14 -11.10
C CYS A 2051 -32.78 -6.00 -11.67
N THR A 2052 -33.33 -4.79 -11.75
CA THR A 2052 -32.53 -3.65 -12.20
C THR A 2052 -31.39 -3.38 -11.23
N GLU A 2053 -31.68 -3.41 -9.92
CA GLU A 2053 -30.63 -3.19 -8.94
C GLU A 2053 -29.56 -4.27 -9.02
N ASN A 2054 -29.98 -5.53 -9.22
CA ASN A 2054 -29.00 -6.61 -9.33
C ASN A 2054 -28.14 -6.44 -10.57
N ALA A 2055 -28.73 -6.00 -11.68
CA ALA A 2055 -27.94 -5.72 -12.86
C ALA A 2055 -26.95 -4.59 -12.61
N ILE A 2056 -27.39 -3.56 -11.87
CA ILE A 2056 -26.49 -2.47 -11.49
C ILE A 2056 -25.31 -3.02 -10.71
N MET A 2057 -25.58 -3.89 -9.74
CA MET A 2057 -24.51 -4.49 -8.95
C MET A 2057 -23.58 -5.31 -9.81
N LEU A 2058 -24.14 -6.03 -10.79
CA LEU A 2058 -23.31 -6.75 -11.75
C LEU A 2058 -22.46 -5.82 -12.60
N LYS A 2059 -22.91 -4.59 -12.82
CA LYS A 2059 -22.17 -3.64 -13.65
C LYS A 2059 -21.04 -2.99 -12.88
N ARG A 2060 -21.35 -2.37 -11.74
CA ARG A 2060 -20.34 -1.73 -10.90
C ARG A 2060 -19.96 -2.69 -9.79
N PHE A 2061 -18.77 -3.28 -9.89
CA PHE A 2061 -18.32 -4.25 -8.91
C PHE A 2061 -16.81 -4.17 -8.77
N ASN A 2062 -16.32 -4.37 -7.54
CA ASN A 2062 -14.89 -4.46 -7.28
C ASN A 2062 -14.44 -5.91 -7.16
N ARG A 2063 -15.01 -6.66 -6.22
CA ARG A 2063 -14.81 -8.09 -6.16
C ARG A 2063 -15.78 -8.77 -7.12
N TYR A 2064 -15.32 -9.85 -7.73
CA TYR A 2064 -16.12 -10.49 -8.77
C TYR A 2064 -17.44 -11.02 -8.19
N PRO A 2065 -18.53 -10.98 -8.94
CA PRO A 2065 -19.84 -11.23 -8.35
C PRO A 2065 -20.09 -12.71 -8.11
N LEU A 2066 -21.10 -12.97 -7.28
CA LEU A 2066 -21.66 -14.29 -7.07
C LEU A 2066 -23.17 -14.18 -7.14
N ILE A 2067 -23.77 -14.90 -8.09
CA ILE A 2067 -25.19 -14.80 -8.36
C ILE A 2067 -25.90 -15.94 -7.66
N ILE A 2068 -26.88 -15.61 -6.81
CA ILE A 2068 -27.61 -16.60 -6.04
C ILE A 2068 -29.05 -16.53 -6.52
N ASP A 2069 -29.40 -17.31 -7.53
CA ASP A 2069 -30.72 -17.23 -8.14
C ASP A 2069 -31.38 -18.60 -8.17
N PRO A 2070 -32.56 -18.77 -7.58
CA PRO A 2070 -33.29 -20.03 -7.78
C PRO A 2070 -33.59 -20.29 -9.24
N SER A 2071 -34.30 -19.39 -9.90
CA SER A 2071 -34.48 -19.49 -11.34
C SER A 2071 -33.18 -19.13 -12.04
N GLY A 2072 -33.11 -19.45 -13.32
CA GLY A 2072 -31.89 -19.24 -14.07
C GLY A 2072 -31.78 -17.93 -14.81
N GLN A 2073 -32.67 -16.96 -14.54
CA GLN A 2073 -32.80 -15.79 -15.39
C GLN A 2073 -31.50 -15.00 -15.49
N ALA A 2074 -30.82 -14.81 -14.36
CA ALA A 2074 -29.58 -14.07 -14.36
C ALA A 2074 -28.52 -14.74 -15.22
N THR A 2075 -28.58 -16.07 -15.35
CA THR A 2075 -27.58 -16.77 -16.15
C THR A 2075 -27.65 -16.36 -17.61
N GLU A 2076 -28.84 -16.46 -18.23
CA GLU A 2076 -28.91 -16.03 -19.62
C GLU A 2076 -28.80 -14.51 -19.74
N PHE A 2077 -29.18 -13.78 -18.70
CA PHE A 2077 -28.97 -12.33 -18.72
C PHE A 2077 -27.48 -12.01 -18.90
N ILE A 2078 -26.63 -12.60 -18.07
CA ILE A 2078 -25.19 -12.40 -18.21
C ILE A 2078 -24.69 -12.96 -19.53
N MET A 2079 -25.23 -14.12 -19.94
CA MET A 2079 -24.75 -14.73 -21.17
C MET A 2079 -25.01 -13.85 -22.38
N ASN A 2080 -26.18 -13.24 -22.46
CA ASN A 2080 -26.50 -12.33 -23.54
C ASN A 2080 -25.74 -11.01 -23.44
N GLU A 2081 -25.60 -10.49 -22.21
CA GLU A 2081 -24.94 -9.20 -22.03
C GLU A 2081 -23.49 -9.25 -22.49
N TYR A 2082 -22.78 -10.33 -22.16
CA TYR A 2082 -21.39 -10.50 -22.55
C TYR A 2082 -21.23 -11.44 -23.74
N LYS A 2083 -22.31 -11.68 -24.49
CA LYS A 2083 -22.23 -12.56 -25.64
C LYS A 2083 -21.29 -12.00 -26.70
N ASP A 2084 -21.32 -10.68 -26.90
CA ASP A 2084 -20.46 -10.05 -27.90
C ASP A 2084 -18.97 -10.20 -27.60
N ARG A 2085 -18.61 -10.45 -26.36
CA ARG A 2085 -17.21 -10.59 -25.97
C ARG A 2085 -16.73 -12.04 -26.01
N LYS A 2086 -17.53 -12.95 -26.53
CA LYS A 2086 -17.23 -14.38 -26.57
C LYS A 2086 -17.06 -14.93 -25.16
N ILE A 2087 -18.09 -14.72 -24.33
CA ILE A 2087 -18.10 -15.28 -22.99
C ILE A 2087 -18.23 -16.79 -23.08
N THR A 2088 -17.43 -17.50 -22.28
CA THR A 2088 -17.38 -18.95 -22.31
C THR A 2088 -18.07 -19.52 -21.08
N ARG A 2089 -18.77 -20.63 -21.27
CA ARG A 2089 -19.48 -21.29 -20.19
C ARG A 2089 -18.61 -22.40 -19.62
N THR A 2090 -18.43 -22.40 -18.31
CA THR A 2090 -17.57 -23.37 -17.66
C THR A 2090 -18.12 -23.64 -16.26
N SER A 2091 -17.75 -24.78 -15.70
CA SER A 2091 -18.17 -25.15 -14.36
C SER A 2091 -16.97 -25.67 -13.58
N PHE A 2092 -17.07 -25.58 -12.25
CA PHE A 2092 -16.02 -26.12 -11.40
C PHE A 2092 -15.88 -27.63 -11.59
N LEU A 2093 -17.01 -28.32 -11.70
CA LEU A 2093 -16.98 -29.78 -11.79
C LEU A 2093 -16.29 -30.26 -13.06
N ASP A 2094 -16.44 -29.51 -14.15
CA ASP A 2094 -15.80 -29.88 -15.41
C ASP A 2094 -14.30 -29.95 -15.24
N ASP A 2095 -13.69 -31.00 -15.82
CA ASP A 2095 -12.26 -31.21 -15.68
C ASP A 2095 -11.45 -30.19 -16.46
N ALA A 2096 -11.96 -29.70 -17.60
CA ALA A 2096 -11.28 -28.71 -18.39
C ALA A 2096 -11.37 -27.31 -17.82
N PHE A 2097 -12.00 -27.20 -16.64
CA PHE A 2097 -12.18 -25.90 -16.01
C PHE A 2097 -10.88 -25.13 -15.93
N ARG A 2098 -9.79 -25.81 -15.56
CA ARG A 2098 -8.49 -25.15 -15.51
C ARG A 2098 -8.12 -24.58 -16.87
N LYS A 2099 -8.16 -25.42 -17.91
CA LYS A 2099 -7.72 -24.98 -19.23
C LYS A 2099 -8.50 -23.76 -19.68
N ASN A 2100 -9.83 -23.85 -19.67
CA ASN A 2100 -10.67 -22.70 -20.01
C ASN A 2100 -10.26 -21.48 -19.20
N LEU A 2101 -10.12 -21.65 -17.87
CA LEU A 2101 -9.69 -20.55 -17.03
C LEU A 2101 -8.39 -19.96 -17.55
N GLU A 2102 -7.40 -20.82 -17.77
CA GLU A 2102 -6.12 -20.35 -18.29
C GLU A 2102 -6.32 -19.59 -19.60
N SER A 2103 -7.14 -20.14 -20.50
CA SER A 2103 -7.42 -19.45 -21.76
C SER A 2103 -7.91 -18.04 -21.49
N ALA A 2104 -8.92 -17.90 -20.63
CA ALA A 2104 -9.41 -16.57 -20.31
C ALA A 2104 -8.31 -15.71 -19.74
N LEU A 2105 -7.53 -16.25 -18.81
CA LEU A 2105 -6.47 -15.46 -18.18
C LEU A 2105 -5.46 -14.98 -19.21
N ARG A 2106 -5.31 -15.70 -20.32
CA ARG A 2106 -4.35 -15.26 -21.33
C ARG A 2106 -5.03 -14.55 -22.50
N PHE A 2107 -6.36 -14.54 -22.57
CA PHE A 2107 -7.06 -13.94 -23.70
C PHE A 2107 -7.97 -12.79 -23.32
N GLY A 2108 -8.32 -12.63 -22.04
CA GLY A 2108 -9.19 -11.57 -21.63
C GLY A 2108 -10.61 -11.69 -22.15
N ASN A 2109 -11.15 -12.90 -22.12
CA ASN A 2109 -12.54 -13.09 -22.48
C ASN A 2109 -13.36 -13.43 -21.25
N PRO A 2110 -14.59 -12.93 -21.15
CA PRO A 2110 -15.38 -13.16 -19.95
C PRO A 2110 -15.62 -14.64 -19.70
N LEU A 2111 -15.70 -15.00 -18.42
CA LEU A 2111 -15.89 -16.37 -18.00
C LEU A 2111 -17.01 -16.42 -16.96
N LEU A 2112 -17.97 -17.30 -17.17
CA LEU A 2112 -19.02 -17.56 -16.20
C LEU A 2112 -18.85 -18.96 -15.65
N VAL A 2113 -18.77 -19.08 -14.34
CA VAL A 2113 -18.52 -20.35 -13.67
C VAL A 2113 -19.73 -20.70 -12.82
N GLN A 2114 -20.25 -21.91 -13.02
CA GLN A 2114 -21.38 -22.39 -12.24
C GLN A 2114 -20.91 -23.46 -11.26
N ASP A 2115 -21.86 -23.95 -10.46
CA ASP A 2115 -21.59 -24.96 -9.42
C ASP A 2115 -20.53 -24.44 -8.44
N VAL A 2116 -20.82 -23.29 -7.84
CA VAL A 2116 -19.87 -22.66 -6.93
C VAL A 2116 -19.78 -23.38 -5.60
N GLU A 2117 -20.73 -24.26 -5.29
CA GLU A 2117 -20.68 -25.00 -4.04
C GLU A 2117 -19.40 -25.80 -3.93
N SER A 2118 -19.00 -26.46 -5.02
CA SER A 2118 -17.71 -27.14 -5.09
C SER A 2118 -16.64 -26.15 -5.57
N TYR A 2119 -16.39 -25.14 -4.73
CA TYR A 2119 -15.47 -24.08 -5.10
C TYR A 2119 -14.04 -24.61 -5.19
N ASP A 2120 -13.32 -24.14 -6.20
CA ASP A 2120 -11.93 -24.51 -6.40
C ASP A 2120 -11.03 -23.38 -5.88
N PRO A 2121 -10.27 -23.59 -4.81
CA PRO A 2121 -9.53 -22.48 -4.20
C PRO A 2121 -8.39 -21.93 -5.06
N VAL A 2122 -8.07 -22.54 -6.19
CA VAL A 2122 -7.07 -21.96 -7.08
C VAL A 2122 -7.47 -20.57 -7.56
N LEU A 2123 -8.76 -20.25 -7.54
CA LEU A 2123 -9.24 -18.93 -7.89
C LEU A 2123 -8.91 -17.86 -6.85
N ASN A 2124 -8.42 -18.25 -5.69
CA ASN A 2124 -8.21 -17.27 -4.61
C ASN A 2124 -7.32 -16.10 -5.01
N PRO A 2125 -6.19 -16.29 -5.70
CA PRO A 2125 -5.41 -15.11 -6.10
C PRO A 2125 -6.14 -14.19 -7.05
N VAL A 2126 -6.72 -14.73 -8.13
CA VAL A 2126 -7.35 -13.88 -9.14
C VAL A 2126 -8.54 -13.13 -8.56
N LEU A 2127 -9.21 -13.70 -7.55
CA LEU A 2127 -10.31 -12.98 -6.93
C LEU A 2127 -9.79 -11.82 -6.09
N ASN A 2128 -8.61 -11.95 -5.52
CA ASN A 2128 -7.99 -10.88 -4.75
C ASN A 2128 -7.08 -10.00 -5.59
N ARG A 2129 -6.98 -10.25 -6.89
CA ARG A 2129 -6.16 -9.47 -7.80
C ARG A 2129 -4.70 -9.42 -7.34
N GLU A 2130 -4.13 -10.62 -7.15
CA GLU A 2130 -2.73 -10.75 -6.73
C GLU A 2130 -1.84 -10.60 -7.96
N VAL A 2131 -2.04 -9.49 -8.67
CA VAL A 2131 -1.33 -9.22 -9.89
C VAL A 2131 0.06 -8.70 -9.55
N ARG A 2132 0.95 -8.76 -10.53
CA ARG A 2132 2.31 -8.25 -10.39
C ARG A 2132 2.68 -7.49 -11.66
N ARG A 2133 2.90 -6.19 -11.52
CA ARG A 2133 3.27 -5.37 -12.66
C ARG A 2133 4.67 -5.74 -13.14
N THR A 2134 4.81 -5.96 -14.44
CA THR A 2134 6.09 -6.35 -15.02
C THR A 2134 6.53 -5.31 -16.04
N GLY A 2135 6.42 -4.03 -15.70
CA GLY A 2135 6.71 -2.97 -16.64
C GLY A 2135 5.62 -2.70 -17.65
N GLY A 2136 4.39 -3.12 -17.38
CA GLY A 2136 3.28 -2.94 -18.30
C GLY A 2136 2.37 -4.15 -18.41
N ARG A 2137 2.77 -5.31 -17.92
CA ARG A 2137 1.95 -6.51 -17.96
C ARG A 2137 1.67 -6.97 -16.53
N VAL A 2138 0.39 -7.22 -16.24
CA VAL A 2138 -0.01 -7.72 -14.94
C VAL A 2138 0.02 -9.24 -14.96
N LEU A 2139 0.61 -9.83 -13.94
CA LEU A 2139 0.93 -11.25 -13.91
C LEU A 2139 0.33 -11.91 -12.68
N ILE A 2140 -0.29 -13.07 -12.88
CA ILE A 2140 -1.06 -13.74 -11.83
C ILE A 2140 -0.62 -15.20 -11.75
N THR A 2141 -0.51 -15.70 -10.52
CA THR A 2141 -0.09 -17.07 -10.26
C THR A 2141 -1.33 -17.91 -9.94
N LEU A 2142 -1.60 -18.92 -10.76
CA LEU A 2142 -2.68 -19.87 -10.52
C LEU A 2142 -2.05 -21.17 -10.03
N GLY A 2143 -2.45 -21.61 -8.84
CA GLY A 2143 -1.85 -22.79 -8.24
C GLY A 2143 -0.36 -22.62 -8.06
N ASP A 2144 0.41 -23.31 -8.89
CA ASP A 2144 1.86 -23.16 -8.90
C ASP A 2144 2.41 -22.59 -10.20
N GLN A 2145 1.58 -22.46 -11.23
CA GLN A 2145 2.04 -21.95 -12.50
C GLN A 2145 1.65 -20.48 -12.67
N ASP A 2146 2.57 -19.69 -13.21
CA ASP A 2146 2.41 -18.24 -13.28
C ASP A 2146 2.14 -17.84 -14.73
N ILE A 2147 1.08 -17.07 -14.93
CA ILE A 2147 0.58 -16.72 -16.26
C ILE A 2147 0.30 -15.23 -16.32
N ASP A 2148 0.59 -14.62 -17.48
CA ASP A 2148 0.25 -13.22 -17.70
C ASP A 2148 -1.26 -13.04 -17.75
N LEU A 2149 -1.72 -11.88 -17.27
CA LEU A 2149 -3.14 -11.55 -17.26
C LEU A 2149 -3.45 -10.49 -18.30
N SER A 2150 -4.60 -10.64 -18.95
CA SER A 2150 -5.14 -9.69 -19.91
C SER A 2150 -6.13 -8.76 -19.23
N PRO A 2151 -6.07 -7.46 -19.53
CA PRO A 2151 -6.95 -6.50 -18.84
C PRO A 2151 -8.43 -6.70 -19.12
N SER A 2152 -8.77 -7.40 -20.20
CA SER A 2152 -10.17 -7.60 -20.57
C SER A 2152 -10.79 -8.81 -19.88
N PHE A 2153 -10.09 -9.40 -18.91
CA PHE A 2153 -10.59 -10.60 -18.24
C PHE A 2153 -11.60 -10.22 -17.15
N VAL A 2154 -12.79 -10.81 -17.21
CA VAL A 2154 -13.82 -10.67 -16.19
C VAL A 2154 -14.38 -12.05 -15.92
N ILE A 2155 -14.59 -12.38 -14.64
CA ILE A 2155 -15.06 -13.70 -14.25
C ILE A 2155 -16.31 -13.53 -13.38
N PHE A 2156 -17.28 -14.42 -13.60
CA PHE A 2156 -18.53 -14.42 -12.86
C PHE A 2156 -18.72 -15.77 -12.18
N LEU A 2157 -19.37 -15.77 -11.03
CA LEU A 2157 -19.68 -16.98 -10.29
C LEU A 2157 -21.16 -17.03 -10.01
N SER A 2158 -21.73 -18.24 -10.00
CA SER A 2158 -23.18 -18.37 -9.86
C SER A 2158 -23.53 -19.75 -9.33
N THR A 2159 -24.77 -19.87 -8.85
CA THR A 2159 -25.32 -21.16 -8.42
C THR A 2159 -26.84 -21.08 -8.43
N ARG A 2160 -27.47 -22.23 -8.30
CA ARG A 2160 -28.92 -22.34 -8.30
C ARG A 2160 -29.48 -22.70 -6.93
N ASP A 2161 -28.67 -22.67 -5.89
CA ASP A 2161 -29.10 -23.09 -4.56
C ASP A 2161 -29.17 -21.88 -3.63
N PRO A 2162 -30.37 -21.34 -3.38
CA PRO A 2162 -30.47 -20.21 -2.43
C PRO A 2162 -30.07 -20.60 -1.01
N THR A 2163 -30.33 -21.83 -0.59
CA THR A 2163 -30.00 -22.30 0.75
C THR A 2163 -28.81 -23.25 0.62
N VAL A 2164 -27.61 -22.69 0.65
CA VAL A 2164 -26.39 -23.48 0.59
C VAL A 2164 -25.29 -22.69 1.29
N GLU A 2165 -24.35 -23.40 1.89
CA GLU A 2165 -23.26 -22.78 2.63
C GLU A 2165 -21.98 -22.83 1.82
N PHE A 2166 -21.32 -21.70 1.71
CA PHE A 2166 -20.08 -21.56 0.98
C PHE A 2166 -18.90 -21.61 1.94
N PRO A 2167 -17.73 -22.04 1.45
CA PRO A 2167 -16.54 -22.06 2.31
C PRO A 2167 -16.24 -20.66 2.85
N PRO A 2168 -15.74 -20.57 4.07
CA PRO A 2168 -15.48 -19.24 4.66
C PRO A 2168 -14.49 -18.40 3.86
N ASP A 2169 -13.51 -19.02 3.21
CA ASP A 2169 -12.53 -18.25 2.45
C ASP A 2169 -13.16 -17.55 1.26
N LEU A 2170 -14.21 -18.13 0.68
CA LEU A 2170 -14.89 -17.52 -0.45
C LEU A 2170 -15.95 -16.52 -0.03
N CYS A 2171 -16.31 -16.47 1.26
CA CYS A 2171 -17.35 -15.57 1.71
C CYS A 2171 -16.97 -14.10 1.51
N SER A 2172 -15.72 -13.76 1.81
CA SER A 2172 -15.27 -12.37 1.77
C SER A 2172 -14.55 -12.01 0.48
N ARG A 2173 -14.38 -12.94 -0.44
CA ARG A 2173 -13.62 -12.67 -1.65
C ARG A 2173 -14.48 -12.26 -2.84
N VAL A 2174 -15.80 -12.36 -2.72
CA VAL A 2174 -16.70 -12.08 -3.83
C VAL A 2174 -17.92 -11.32 -3.34
N THR A 2175 -18.41 -10.41 -4.17
CA THR A 2175 -19.66 -9.71 -3.93
C THR A 2175 -20.81 -10.68 -4.08
N PHE A 2176 -21.92 -10.42 -3.38
CA PHE A 2176 -23.08 -11.30 -3.43
C PHE A 2176 -24.28 -10.56 -4.01
N VAL A 2177 -24.95 -11.17 -4.98
CA VAL A 2177 -26.18 -10.64 -5.54
C VAL A 2177 -27.25 -11.72 -5.49
N ASN A 2178 -28.35 -11.43 -4.82
CA ASN A 2178 -29.42 -12.39 -4.57
C ASN A 2178 -30.59 -12.08 -5.50
N PHE A 2179 -30.85 -12.98 -6.44
CA PHE A 2179 -31.96 -12.82 -7.38
C PHE A 2179 -33.22 -13.48 -6.84
N THR A 2180 -33.70 -12.97 -5.71
CA THR A 2180 -34.97 -13.45 -5.18
C THR A 2180 -36.11 -12.95 -6.05
N VAL A 2181 -37.31 -13.44 -5.76
CA VAL A 2181 -38.52 -13.00 -6.45
C VAL A 2181 -39.31 -12.10 -5.52
N THR A 2182 -39.95 -11.09 -6.11
CA THR A 2182 -40.72 -10.13 -5.36
C THR A 2182 -42.21 -10.37 -5.62
N ARG A 2183 -43.03 -9.92 -4.67
CA ARG A 2183 -44.47 -10.00 -4.86
C ARG A 2183 -44.90 -9.18 -6.08
N SER A 2184 -44.31 -8.01 -6.26
CA SER A 2184 -44.61 -7.19 -7.43
C SER A 2184 -44.20 -7.90 -8.72
N SER A 2185 -43.01 -8.49 -8.74
CA SER A 2185 -42.55 -9.17 -9.96
C SER A 2185 -43.42 -10.37 -10.27
N LEU A 2186 -43.79 -11.15 -9.25
CA LEU A 2186 -44.66 -12.30 -9.47
C LEU A 2186 -46.04 -11.86 -9.96
N GLN A 2187 -46.58 -10.78 -9.39
CA GLN A 2187 -47.85 -10.24 -9.88
C GLN A 2187 -47.73 -9.83 -11.33
N SER A 2188 -46.64 -9.16 -11.69
CA SER A 2188 -46.45 -8.73 -13.07
C SER A 2188 -46.38 -9.92 -14.01
N GLN A 2189 -45.64 -10.96 -13.63
CA GLN A 2189 -45.54 -12.14 -14.47
C GLN A 2189 -46.89 -12.82 -14.65
N CYS A 2190 -47.64 -12.94 -13.55
CA CYS A 2190 -48.97 -13.54 -13.63
C CYS A 2190 -49.88 -12.75 -14.54
N LEU A 2191 -49.88 -11.42 -14.41
CA LEU A 2191 -50.74 -10.59 -15.24
C LEU A 2191 -50.34 -10.69 -16.71
N ASN A 2192 -49.04 -10.66 -16.99
CA ASN A 2192 -48.59 -10.76 -18.38
C ASN A 2192 -48.98 -12.10 -18.99
N GLU A 2193 -48.81 -13.19 -18.25
CA GLU A 2193 -49.16 -14.50 -18.80
C GLU A 2193 -50.67 -14.64 -18.98
N VAL A 2194 -51.46 -14.17 -18.01
CA VAL A 2194 -52.91 -14.31 -18.14
C VAL A 2194 -53.44 -13.43 -19.25
N LEU A 2195 -52.79 -12.28 -19.52
CA LEU A 2195 -53.22 -11.46 -20.64
C LEU A 2195 -52.74 -12.04 -21.96
N LYS A 2196 -51.61 -12.75 -21.96
CA LYS A 2196 -51.18 -13.45 -23.17
C LYS A 2196 -52.12 -14.58 -23.52
N ALA A 2197 -52.63 -15.30 -22.52
CA ALA A 2197 -53.50 -16.45 -22.79
C ALA A 2197 -54.95 -16.03 -23.00
N GLU A 2198 -55.52 -15.32 -22.02
CA GLU A 2198 -56.96 -14.94 -22.08
C GLU A 2198 -57.21 -13.98 -23.25
N ARG A 2199 -56.47 -12.86 -23.32
CA ARG A 2199 -56.73 -11.83 -24.37
C ARG A 2199 -55.48 -11.63 -25.21
N PRO A 2200 -55.12 -12.54 -26.15
CA PRO A 2200 -53.86 -12.42 -26.91
C PRO A 2200 -53.77 -11.10 -27.69
N ASP A 2201 -54.90 -10.67 -28.27
CA ASP A 2201 -54.92 -9.40 -29.06
C ASP A 2201 -54.50 -8.23 -28.16
N VAL A 2202 -55.06 -8.14 -26.95
CA VAL A 2202 -54.74 -7.01 -26.02
C VAL A 2202 -53.28 -7.12 -25.58
N ASP A 2203 -52.80 -8.33 -25.31
CA ASP A 2203 -51.38 -8.54 -24.91
C ASP A 2203 -50.47 -8.07 -26.05
N GLU A 2204 -50.84 -8.38 -27.30
CA GLU A 2204 -50.05 -7.93 -28.47
C GLU A 2204 -50.03 -6.39 -28.49
N LYS A 2205 -51.20 -5.76 -28.30
CA LYS A 2205 -51.25 -4.28 -28.23
C LYS A 2205 -50.30 -3.80 -27.13
N ARG A 2206 -50.45 -4.34 -25.92
CA ARG A 2206 -49.61 -3.92 -24.77
C ARG A 2206 -48.14 -4.01 -25.17
N SER A 2207 -47.70 -5.14 -25.74
CA SER A 2207 -46.27 -5.33 -26.08
C SER A 2207 -45.82 -4.33 -27.14
N ASP A 2208 -46.63 -4.09 -28.18
CA ASP A 2208 -46.18 -3.20 -29.29
C ASP A 2208 -46.16 -1.74 -28.83
N LEU A 2209 -47.06 -1.34 -27.91
CA LEU A 2209 -46.98 0.02 -27.37
C LEU A 2209 -45.81 0.18 -26.40
N LEU A 2210 -45.54 -0.83 -25.57
CA LEU A 2210 -44.39 -0.70 -24.65
C LEU A 2210 -43.08 -0.56 -25.42
N LYS A 2211 -42.87 -1.42 -26.43
CA LYS A 2211 -41.63 -1.28 -27.20
C LYS A 2211 -41.60 0.07 -27.92
N LEU A 2212 -42.73 0.47 -28.53
CA LEU A 2212 -42.79 1.74 -29.29
C LEU A 2212 -42.45 2.91 -28.35
N GLN A 2213 -42.96 2.87 -27.12
CA GLN A 2213 -42.69 3.95 -26.13
C GLN A 2213 -41.19 3.98 -25.83
N GLY A 2214 -40.56 2.82 -25.62
CA GLY A 2214 -39.11 2.76 -25.35
C GLY A 2214 -38.32 3.35 -26.52
N GLU A 2215 -38.73 3.05 -27.76
CA GLU A 2215 -38.04 3.61 -28.95
C GLU A 2215 -38.20 5.13 -28.97
N PHE A 2216 -39.39 5.64 -28.62
CA PHE A 2216 -39.62 7.10 -28.57
C PHE A 2216 -38.69 7.74 -27.53
N GLN A 2217 -38.56 7.12 -26.35
CA GLN A 2217 -37.67 7.65 -25.28
C GLN A 2217 -36.22 7.64 -25.76
N LEU A 2218 -35.80 6.56 -26.44
CA LEU A 2218 -34.42 6.49 -26.98
C LEU A 2218 -34.22 7.64 -27.97
N ARG A 2219 -35.16 7.83 -28.90
CA ARG A 2219 -35.05 8.92 -29.91
C ARG A 2219 -35.06 10.28 -29.21
N LEU A 2220 -35.93 10.45 -28.20
CA LEU A 2220 -36.02 11.73 -27.46
C LEU A 2220 -34.64 12.07 -26.90
N ARG A 2221 -34.00 11.10 -26.23
CA ARG A 2221 -32.65 11.32 -25.64
C ARG A 2221 -31.64 11.63 -26.77
N GLN A 2222 -31.72 10.91 -27.89
CA GLN A 2222 -30.79 11.12 -29.02
C GLN A 2222 -30.91 12.54 -29.57
N LEU A 2223 -32.09 12.92 -30.08
CA LEU A 2223 -32.27 14.24 -30.67
C LEU A 2223 -31.96 15.35 -29.68
N GLU A 2224 -32.38 15.19 -28.42
CA GLU A 2224 -32.11 16.21 -27.41
C GLU A 2224 -30.62 16.39 -27.19
N LYS A 2225 -29.88 15.29 -27.11
CA LYS A 2225 -28.44 15.41 -26.90
C LYS A 2225 -27.72 15.91 -28.15
N SER A 2226 -28.16 15.50 -29.33
CA SER A 2226 -27.54 15.95 -30.56
C SER A 2226 -27.73 17.43 -30.77
N LEU A 2227 -28.89 17.96 -30.36
CA LEU A 2227 -29.10 19.41 -30.42
C LEU A 2227 -28.01 20.13 -29.65
N LEU A 2228 -27.77 19.72 -28.41
CA LEU A 2228 -26.74 20.36 -27.59
C LEU A 2228 -25.36 20.17 -28.18
N GLN A 2229 -25.07 18.97 -28.70
CA GLN A 2229 -23.75 18.71 -29.24
C GLN A 2229 -23.47 19.61 -30.44
N ALA A 2230 -24.44 19.74 -31.34
CA ALA A 2230 -24.28 20.62 -32.50
C ALA A 2230 -24.19 22.06 -32.07
N LEU A 2231 -25.00 22.48 -31.09
CA LEU A 2231 -24.96 23.85 -30.63
C LEU A 2231 -23.61 24.19 -30.01
N ASN A 2232 -23.02 23.28 -29.24
CA ASN A 2232 -21.68 23.48 -28.72
C ASN A 2232 -20.66 23.53 -29.84
N GLU A 2233 -20.79 22.65 -30.83
CA GLU A 2233 -19.77 22.54 -31.86
C GLU A 2233 -19.64 23.81 -32.69
N VAL A 2234 -20.76 24.47 -32.99
CA VAL A 2234 -20.69 25.67 -33.83
C VAL A 2234 -20.01 26.80 -33.08
N LYS A 2235 -19.04 27.44 -33.74
CA LYS A 2235 -18.33 28.58 -33.17
C LYS A 2235 -18.60 29.85 -33.95
N GLY A 2236 -19.64 29.89 -34.76
CA GLY A 2236 -19.96 31.07 -35.53
C GLY A 2236 -21.23 31.75 -35.06
N ARG A 2237 -22.28 31.70 -35.88
CA ARG A 2237 -23.54 32.34 -35.54
C ARG A 2237 -24.62 31.72 -36.42
N ILE A 2238 -25.83 32.29 -36.32
CA ILE A 2238 -26.98 31.75 -37.04
C ILE A 2238 -26.83 31.89 -38.55
N LEU A 2239 -25.90 32.73 -39.00
CA LEU A 2239 -25.73 32.91 -40.45
C LEU A 2239 -25.33 31.60 -41.14
N ASP A 2240 -24.83 30.63 -40.38
CA ASP A 2240 -24.50 29.33 -40.93
C ASP A 2240 -25.75 28.66 -41.51
N ASP A 2241 -25.62 28.12 -42.71
CA ASP A 2241 -26.77 27.52 -43.38
C ASP A 2241 -27.20 26.20 -42.73
N ASP A 2242 -26.24 25.44 -42.18
CA ASP A 2242 -26.57 24.13 -41.65
C ASP A 2242 -27.33 24.24 -40.32
N THR A 2243 -26.97 25.22 -39.50
CA THR A 2243 -27.54 25.31 -38.16
C THR A 2243 -29.04 25.53 -38.21
N ILE A 2244 -29.50 26.41 -39.10
CA ILE A 2244 -30.91 26.75 -39.17
C ILE A 2244 -31.74 25.52 -39.56
N ILE A 2245 -31.28 24.79 -40.58
CA ILE A 2245 -32.03 23.63 -41.05
C ILE A 2245 -32.01 22.53 -39.98
N THR A 2246 -30.85 22.34 -39.33
CA THR A 2246 -30.79 21.33 -38.27
C THR A 2246 -31.74 21.67 -37.13
N THR A 2247 -31.77 22.92 -36.69
CA THR A 2247 -32.63 23.25 -35.54
C THR A 2247 -34.10 23.16 -35.92
N LEU A 2248 -34.45 23.57 -37.14
CA LEU A 2248 -35.86 23.48 -37.53
C LEU A 2248 -36.30 22.03 -37.66
N GLU A 2249 -35.46 21.18 -38.26
CA GLU A 2249 -35.84 19.77 -38.39
C GLU A 2249 -35.91 19.11 -37.02
N ASN A 2250 -35.01 19.48 -36.10
CA ASN A 2250 -35.04 18.89 -34.78
C ASN A 2250 -36.31 19.28 -34.02
N LEU A 2251 -36.69 20.56 -34.08
CA LEU A 2251 -37.90 20.99 -33.37
C LEU A 2251 -39.13 20.31 -33.97
N LYS A 2252 -39.21 20.25 -35.30
CA LYS A 2252 -40.33 19.57 -35.93
C LYS A 2252 -40.39 18.12 -35.50
N ARG A 2253 -39.24 17.44 -35.50
CA ARG A 2253 -39.20 16.01 -35.22
C ARG A 2253 -39.63 15.75 -33.78
N GLU A 2254 -39.18 16.58 -32.84
CA GLU A 2254 -39.53 16.34 -31.44
C GLU A 2254 -41.01 16.66 -31.19
N ALA A 2255 -41.53 17.70 -31.85
CA ALA A 2255 -42.96 17.98 -31.71
C ALA A 2255 -43.81 16.82 -32.25
N ALA A 2256 -43.42 16.27 -33.40
CA ALA A 2256 -44.14 15.14 -33.96
C ALA A 2256 -44.05 13.91 -33.06
N GLU A 2257 -42.87 13.68 -32.49
CA GLU A 2257 -42.70 12.56 -31.56
C GLU A 2257 -43.56 12.73 -30.33
N VAL A 2258 -43.64 13.95 -29.79
CA VAL A 2258 -44.53 14.23 -28.69
C VAL A 2258 -45.97 13.97 -29.09
N THR A 2259 -46.34 14.29 -30.34
CA THR A 2259 -47.69 13.99 -30.81
C THR A 2259 -48.01 12.50 -30.70
N ARG A 2260 -47.14 11.65 -31.27
CA ARG A 2260 -47.39 10.21 -31.11
C ARG A 2260 -47.37 9.77 -29.65
N LYS A 2261 -46.43 10.28 -28.85
CA LYS A 2261 -46.36 9.85 -27.47
C LYS A 2261 -47.65 10.15 -26.74
N VAL A 2262 -48.14 11.39 -26.87
CA VAL A 2262 -49.34 11.78 -26.13
C VAL A 2262 -50.55 11.01 -26.64
N GLU A 2263 -50.66 10.82 -27.96
CA GLU A 2263 -51.84 10.12 -28.45
C GLU A 2263 -51.85 8.66 -27.98
N GLU A 2264 -50.69 7.99 -28.00
CA GLU A 2264 -50.69 6.58 -27.60
C GLU A 2264 -50.89 6.44 -26.10
N THR A 2265 -50.39 7.40 -25.32
CA THR A 2265 -50.63 7.35 -23.88
C THR A 2265 -52.05 7.75 -23.50
N ASP A 2266 -52.78 8.42 -24.38
CA ASP A 2266 -54.16 8.78 -24.11
C ASP A 2266 -55.16 7.70 -24.56
N ILE A 2267 -55.16 7.37 -25.86
CA ILE A 2267 -56.30 6.62 -26.40
C ILE A 2267 -56.12 5.11 -26.38
N VAL A 2268 -54.88 4.61 -26.32
CA VAL A 2268 -54.65 3.18 -26.42
C VAL A 2268 -54.15 2.57 -25.13
N MET A 2269 -53.37 3.31 -24.33
CA MET A 2269 -52.92 2.82 -23.03
C MET A 2269 -54.03 2.74 -21.99
N GLN A 2270 -55.01 3.64 -22.05
CA GLN A 2270 -56.11 3.57 -21.10
C GLN A 2270 -56.95 2.33 -21.34
N GLU A 2271 -57.21 1.98 -22.60
CA GLU A 2271 -57.98 0.78 -22.91
C GLU A 2271 -57.25 -0.47 -22.44
N VAL A 2272 -55.93 -0.53 -22.64
CA VAL A 2272 -55.15 -1.67 -22.20
C VAL A 2272 -55.21 -1.81 -20.68
N GLU A 2273 -55.08 -0.68 -19.98
CA GLU A 2273 -55.16 -0.72 -18.52
C GLU A 2273 -56.53 -1.18 -18.05
N THR A 2274 -57.59 -0.69 -18.70
CA THR A 2274 -58.94 -1.12 -18.32
C THR A 2274 -59.14 -2.61 -18.56
N VAL A 2275 -58.63 -3.12 -19.68
CA VAL A 2275 -58.76 -4.55 -19.96
C VAL A 2275 -57.99 -5.35 -18.92
N SER A 2276 -56.77 -4.92 -18.59
CA SER A 2276 -55.97 -5.63 -17.60
C SER A 2276 -56.50 -5.48 -16.19
N GLN A 2277 -57.39 -4.51 -15.94
CA GLN A 2277 -57.87 -4.27 -14.59
C GLN A 2277 -58.74 -5.41 -14.07
N GLN A 2278 -59.43 -6.13 -14.96
CA GLN A 2278 -60.27 -7.24 -14.53
C GLN A 2278 -59.42 -8.45 -14.18
N ILE B 96 18.30 35.64 -24.32
CA ILE B 96 17.18 36.39 -24.85
C ILE B 96 16.49 35.60 -25.96
N PRO B 97 15.17 35.62 -25.97
CA PRO B 97 14.44 34.89 -27.01
C PRO B 97 14.76 35.40 -28.40
N ARG B 98 14.91 34.46 -29.35
CA ARG B 98 15.33 34.83 -30.74
C ARG B 98 14.33 34.28 -31.77
N PRO B 99 14.42 34.65 -33.07
CA PRO B 99 13.48 34.21 -34.12
C PRO B 99 12.92 32.78 -34.01
N PRO B 100 13.70 31.67 -34.02
CA PRO B 100 13.12 30.35 -34.31
C PRO B 100 12.33 29.78 -33.11
N GLU B 101 11.01 29.60 -33.29
CA GLU B 101 10.21 28.97 -32.21
C GLU B 101 10.62 27.51 -32.08
N LYS B 102 10.87 27.03 -30.87
CA LYS B 102 11.35 25.65 -30.76
C LYS B 102 10.20 24.66 -30.98
N TYR B 103 9.07 24.88 -30.32
CA TYR B 103 7.88 24.08 -30.50
C TYR B 103 6.66 24.98 -30.59
N ALA B 104 5.66 24.52 -31.32
CA ALA B 104 4.35 25.18 -31.40
C ALA B 104 3.30 24.11 -31.10
N LEU B 105 2.96 23.95 -29.82
CA LEU B 105 2.05 22.91 -29.38
C LEU B 105 0.62 23.40 -29.54
N SER B 106 -0.18 22.63 -30.30
CA SER B 106 -1.55 23.03 -30.63
C SER B 106 -2.50 21.88 -30.28
N GLY B 107 -3.09 21.94 -29.09
CA GLY B 107 -4.04 20.93 -28.69
C GLY B 107 -5.36 21.51 -28.20
N HIS B 108 -5.35 22.80 -27.86
CA HIS B 108 -6.54 23.41 -27.28
C HIS B 108 -7.60 23.68 -28.34
N ARG B 109 -8.86 23.53 -27.94
CA ARG B 109 -10.00 23.79 -28.81
C ARG B 109 -10.49 25.22 -28.75
N SER B 110 -9.98 26.02 -27.83
CA SER B 110 -10.40 27.40 -27.59
C SER B 110 -9.16 28.27 -27.46
N PRO B 111 -9.31 29.59 -27.57
CA PRO B 111 -8.16 30.48 -27.39
C PRO B 111 -7.48 30.27 -26.05
N VAL B 112 -6.15 30.13 -26.09
CA VAL B 112 -5.38 29.91 -24.86
C VAL B 112 -5.25 31.23 -24.10
N THR B 113 -5.49 31.18 -22.79
CA THR B 113 -5.48 32.40 -22.00
C THR B 113 -4.12 32.64 -21.35
N ARG B 114 -3.63 31.72 -20.52
CA ARG B 114 -2.41 31.93 -19.77
C ARG B 114 -1.59 30.66 -19.67
N VAL B 115 -0.28 30.81 -19.83
CA VAL B 115 0.68 29.72 -19.78
C VAL B 115 1.71 30.00 -18.70
N ILE B 116 1.99 29.00 -17.86
CA ILE B 116 2.95 29.15 -16.78
C ILE B 116 3.87 27.94 -16.74
N PHE B 117 4.98 28.10 -16.03
CA PHE B 117 5.95 27.04 -15.81
C PHE B 117 5.75 26.42 -14.44
N HIS B 118 6.06 25.13 -14.33
CA HIS B 118 6.09 24.52 -13.01
C HIS B 118 7.38 24.91 -12.30
N PRO B 119 7.34 25.20 -11.00
CA PRO B 119 8.55 25.67 -10.31
C PRO B 119 9.73 24.74 -10.38
N VAL B 120 9.49 23.43 -10.24
CA VAL B 120 10.63 22.46 -10.19
C VAL B 120 10.59 21.49 -11.38
N PHE B 121 9.46 20.80 -11.59
CA PHE B 121 9.39 19.77 -12.68
C PHE B 121 9.43 20.46 -14.05
N SER B 122 9.88 19.73 -15.07
CA SER B 122 9.89 20.28 -16.46
C SER B 122 8.48 20.18 -17.03
N VAL B 123 7.54 20.97 -16.51
CA VAL B 123 6.11 20.87 -16.95
C VAL B 123 5.62 22.26 -17.35
N MET B 124 4.96 22.38 -18.51
CA MET B 124 4.37 23.68 -18.94
C MET B 124 2.84 23.56 -18.85
N VAL B 125 2.20 24.44 -18.08
CA VAL B 125 0.75 24.34 -17.89
C VAL B 125 0.08 25.48 -18.64
N SER B 126 -1.05 25.19 -19.28
CA SER B 126 -1.79 26.17 -20.07
C SER B 126 -3.26 26.13 -19.71
N ALA B 127 -3.90 27.29 -19.71
CA ALA B 127 -5.34 27.40 -19.50
C ALA B 127 -5.96 28.11 -20.69
N SER B 128 -7.13 27.62 -21.10
CA SER B 128 -7.81 28.13 -22.28
C SER B 128 -9.29 28.29 -22.00
N GLU B 129 -10.02 28.75 -23.01
CA GLU B 129 -11.43 29.07 -22.86
C GLU B 129 -12.34 27.84 -22.91
N ASP B 130 -11.79 26.67 -23.22
CA ASP B 130 -12.59 25.45 -23.30
C ASP B 130 -12.75 24.76 -21.95
N ALA B 131 -12.57 25.49 -20.85
CA ALA B 131 -12.76 24.97 -19.50
C ALA B 131 -11.84 23.79 -19.21
N THR B 132 -10.67 23.77 -19.81
CA THR B 132 -9.71 22.69 -19.63
C THR B 132 -8.34 23.26 -19.31
N ILE B 133 -7.59 22.54 -18.48
CA ILE B 133 -6.23 22.91 -18.14
C ILE B 133 -5.29 21.86 -18.71
N LYS B 134 -4.48 22.24 -19.69
CA LYS B 134 -3.62 21.27 -20.36
C LYS B 134 -2.21 21.29 -19.79
N VAL B 135 -1.57 20.13 -19.79
CA VAL B 135 -0.22 19.95 -19.27
C VAL B 135 0.66 19.47 -20.41
N TRP B 136 1.78 20.17 -20.61
CA TRP B 136 2.69 19.93 -21.72
C TRP B 136 4.10 19.74 -21.17
N ASP B 137 4.95 19.11 -21.96
CA ASP B 137 6.37 18.95 -21.63
C ASP B 137 7.15 19.84 -22.59
N TYR B 138 7.55 21.02 -22.10
CA TYR B 138 8.21 21.99 -22.97
C TYR B 138 9.61 21.55 -23.38
N GLU B 139 10.16 20.52 -22.75
CA GLU B 139 11.49 20.05 -23.12
C GLU B 139 11.46 19.31 -24.45
N THR B 140 10.47 18.46 -24.68
CA THR B 140 10.35 17.68 -25.90
C THR B 140 9.07 17.96 -26.67
N GLY B 141 8.26 18.93 -26.24
CA GLY B 141 7.03 19.24 -26.93
C GLY B 141 6.01 18.12 -26.91
N ASP B 142 5.82 17.49 -25.76
CA ASP B 142 4.91 16.36 -25.62
C ASP B 142 3.70 16.76 -24.79
N PHE B 143 2.55 16.12 -25.06
CA PHE B 143 1.35 16.35 -24.22
C PHE B 143 1.38 15.39 -23.02
N GLU B 144 0.89 15.85 -21.87
CA GLU B 144 0.93 15.00 -20.65
C GLU B 144 -0.49 14.68 -20.18
N ARG B 145 -1.28 15.70 -19.81
CA ARG B 145 -2.63 15.41 -19.24
C ARG B 145 -3.56 16.63 -19.43
N THR B 146 -4.86 16.38 -19.59
CA THR B 146 -5.84 17.51 -19.70
C THR B 146 -6.81 17.44 -18.51
N LEU B 147 -7.07 18.58 -17.87
CA LEU B 147 -7.95 18.61 -16.71
C LEU B 147 -9.22 19.36 -17.09
N LYS B 148 -10.33 18.62 -17.23
CA LYS B 148 -11.59 19.18 -17.67
C LYS B 148 -12.55 19.42 -16.51
N GLY B 149 -12.03 19.69 -15.31
CA GLY B 149 -12.91 19.82 -14.16
C GLY B 149 -13.71 21.11 -14.14
N HIS B 150 -13.17 22.17 -14.73
CA HIS B 150 -13.84 23.45 -14.68
C HIS B 150 -15.09 23.47 -15.56
N THR B 151 -16.02 24.35 -15.20
CA THR B 151 -17.26 24.48 -15.95
C THR B 151 -17.09 25.36 -17.20
N ASP B 152 -16.70 26.62 -16.99
CA ASP B 152 -16.60 27.58 -18.08
C ASP B 152 -15.13 27.93 -18.33
N SER B 153 -14.92 28.90 -19.21
CA SER B 153 -13.57 29.27 -19.66
C SER B 153 -12.66 29.59 -18.50
N VAL B 154 -11.44 29.07 -18.55
CA VAL B 154 -10.46 29.28 -17.50
C VAL B 154 -9.66 30.54 -17.80
N GLN B 155 -9.54 31.43 -16.81
CA GLN B 155 -8.87 32.70 -17.04
C GLN B 155 -7.39 32.64 -16.66
N ASP B 156 -7.10 32.34 -15.39
CA ASP B 156 -5.73 32.37 -14.89
C ASP B 156 -5.46 31.14 -14.04
N ILE B 157 -4.20 30.73 -14.01
CA ILE B 157 -3.73 29.63 -13.18
C ILE B 157 -2.47 30.06 -12.46
N SER B 158 -2.19 29.42 -11.33
CA SER B 158 -1.02 29.79 -10.54
C SER B 158 -0.58 28.60 -9.69
N PHE B 159 0.72 28.38 -9.63
CA PHE B 159 1.31 27.38 -8.76
C PHE B 159 1.67 28.01 -7.42
N ASP B 160 2.29 27.21 -6.56
CA ASP B 160 2.90 27.71 -5.34
C ASP B 160 4.42 27.62 -5.47
N HIS B 161 5.13 27.96 -4.39
CA HIS B 161 6.58 27.89 -4.42
C HIS B 161 7.07 26.46 -4.60
N SER B 162 6.40 25.50 -3.96
CA SER B 162 6.82 24.11 -4.01
C SER B 162 6.31 23.37 -5.24
N GLY B 163 5.36 23.95 -5.98
CA GLY B 163 4.84 23.31 -7.17
C GLY B 163 3.93 22.12 -6.92
N LYS B 164 3.34 22.01 -5.73
CA LYS B 164 2.50 20.85 -5.44
C LYS B 164 1.02 21.18 -5.56
N LEU B 165 0.63 22.45 -5.43
CA LEU B 165 -0.76 22.87 -5.56
C LEU B 165 -0.87 23.86 -6.71
N LEU B 166 -2.05 23.87 -7.35
CA LEU B 166 -2.30 24.77 -8.48
C LEU B 166 -3.70 25.34 -8.34
N ALA B 167 -3.79 26.65 -8.14
CA ALA B 167 -5.07 27.32 -8.01
C ALA B 167 -5.48 27.91 -9.35
N SER B 168 -6.70 27.60 -9.77
CA SER B 168 -7.21 28.03 -11.07
C SER B 168 -8.54 28.75 -10.89
N CYS B 169 -8.79 29.69 -11.80
CA CYS B 169 -10.00 30.50 -11.75
C CYS B 169 -10.69 30.45 -13.10
N SER B 170 -12.02 30.48 -13.08
CA SER B 170 -12.79 30.42 -14.31
C SER B 170 -14.06 31.25 -14.15
N ALA B 171 -14.73 31.48 -15.27
CA ALA B 171 -15.87 32.38 -15.30
C ALA B 171 -17.13 31.76 -14.68
N ASP B 172 -16.95 30.68 -13.91
CA ASP B 172 -18.05 30.01 -13.25
C ASP B 172 -18.22 30.45 -11.81
N MET B 173 -17.57 31.54 -11.41
CA MET B 173 -17.62 32.07 -10.05
C MET B 173 -17.12 31.08 -9.00
N THR B 174 -16.12 30.28 -9.35
CA THR B 174 -15.53 29.31 -8.45
C THR B 174 -14.01 29.42 -8.51
N ILE B 175 -13.33 29.04 -7.44
CA ILE B 175 -11.87 28.93 -7.44
C ILE B 175 -11.54 27.48 -7.13
N LYS B 176 -10.86 26.82 -8.08
CA LYS B 176 -10.59 25.37 -7.92
C LYS B 176 -9.15 25.14 -7.46
N LEU B 177 -8.99 24.37 -6.37
CA LEU B 177 -7.63 24.03 -5.87
C LEU B 177 -7.23 22.66 -6.44
N TRP B 178 -6.33 22.65 -7.43
CA TRP B 178 -5.93 21.37 -8.07
C TRP B 178 -4.66 20.83 -7.41
N ASP B 179 -4.76 19.66 -6.77
CA ASP B 179 -3.56 19.03 -6.17
C ASP B 179 -2.73 18.45 -7.32
N PHE B 180 -1.66 19.15 -7.72
CA PHE B 180 -0.83 18.70 -8.87
C PHE B 180 -0.36 17.26 -8.63
N GLN B 181 -0.18 16.87 -7.36
CA GLN B 181 0.28 15.49 -7.03
C GLN B 181 -0.72 14.46 -7.55
N GLY B 182 -2.02 14.65 -7.27
CA GLY B 182 -3.05 13.67 -7.68
C GLY B 182 -3.81 14.08 -8.92
N PHE B 183 -3.54 15.27 -9.46
CA PHE B 183 -4.23 15.78 -10.68
C PHE B 183 -5.75 15.69 -10.48
N GLU B 184 -6.24 16.11 -9.31
CA GLU B 184 -7.71 16.06 -9.01
C GLU B 184 -8.08 17.24 -8.10
N CYS B 185 -9.38 17.51 -7.96
CA CYS B 185 -9.79 18.66 -7.14
C CYS B 185 -9.87 18.23 -5.69
N ILE B 186 -9.13 18.92 -4.82
CA ILE B 186 -9.25 18.72 -3.39
C ILE B 186 -10.13 19.78 -2.73
N ARG B 187 -10.37 20.91 -3.40
CA ARG B 187 -11.27 21.93 -2.88
C ARG B 187 -11.74 22.79 -4.03
N THR B 188 -13.01 23.19 -3.98
CA THR B 188 -13.58 24.13 -4.94
C THR B 188 -14.35 25.17 -4.15
N MET B 189 -13.72 26.32 -3.90
CA MET B 189 -14.32 27.34 -3.04
C MET B 189 -15.28 28.17 -3.88
N HIS B 190 -16.49 28.33 -3.34
CA HIS B 190 -17.57 29.00 -4.02
C HIS B 190 -17.71 30.44 -3.54
N GLY B 191 -18.62 31.17 -4.18
CA GLY B 191 -18.82 32.56 -3.83
C GLY B 191 -18.08 33.47 -4.78
N HIS B 192 -17.68 34.65 -4.30
CA HIS B 192 -16.81 35.54 -5.06
C HIS B 192 -17.47 35.86 -6.40
N ASP B 193 -18.59 36.58 -6.34
CA ASP B 193 -19.55 36.65 -7.44
C ASP B 193 -18.91 37.07 -8.76
N HIS B 194 -19.56 36.66 -9.85
CA HIS B 194 -19.22 37.03 -11.23
C HIS B 194 -17.91 36.42 -11.69
N ASN B 195 -17.54 36.72 -12.93
CA ASN B 195 -16.33 36.19 -13.54
C ASN B 195 -15.11 36.56 -12.72
N VAL B 196 -14.48 35.57 -12.09
CA VAL B 196 -13.22 35.79 -11.38
C VAL B 196 -12.13 35.95 -12.43
N SER B 197 -11.42 37.07 -12.36
CA SER B 197 -10.47 37.40 -13.42
C SER B 197 -9.10 36.83 -13.15
N SER B 198 -8.66 36.88 -11.89
CA SER B 198 -7.32 36.39 -11.55
C SER B 198 -7.33 35.70 -10.20
N VAL B 199 -6.37 34.80 -10.01
CA VAL B 199 -6.15 34.11 -8.75
C VAL B 199 -4.65 33.97 -8.56
N ALA B 200 -4.22 34.00 -7.31
CA ALA B 200 -2.79 33.95 -7.02
C ALA B 200 -2.55 33.30 -5.67
N ILE B 201 -1.40 32.64 -5.54
CA ILE B 201 -0.95 32.05 -4.30
C ILE B 201 0.17 32.92 -3.73
N MET B 202 -0.03 33.41 -2.51
CA MET B 202 0.99 34.22 -1.88
C MET B 202 2.19 33.35 -1.50
N PRO B 203 3.39 33.93 -1.36
CA PRO B 203 4.57 33.09 -1.09
C PRO B 203 4.48 32.31 0.21
N ASN B 204 3.63 32.73 1.14
CA ASN B 204 3.41 31.93 2.34
C ASN B 204 2.83 30.56 2.02
N GLY B 205 2.11 30.43 0.91
CA GLY B 205 1.59 29.16 0.47
C GLY B 205 0.40 28.64 1.25
N ASP B 206 -0.15 29.44 2.16
CA ASP B 206 -1.28 29.01 2.97
C ASP B 206 -2.56 29.76 2.63
N HIS B 207 -2.47 30.83 1.83
CA HIS B 207 -3.65 31.61 1.48
C HIS B 207 -3.53 32.05 0.02
N ILE B 208 -4.68 32.35 -0.58
CA ILE B 208 -4.76 32.73 -1.98
C ILE B 208 -5.62 33.98 -2.10
N VAL B 209 -5.45 34.71 -3.21
CA VAL B 209 -6.23 35.92 -3.49
C VAL B 209 -6.92 35.75 -4.84
N SER B 210 -8.10 36.36 -4.95
CA SER B 210 -8.93 36.20 -6.14
C SER B 210 -9.60 37.54 -6.47
N ALA B 211 -9.64 37.86 -7.76
CA ALA B 211 -10.19 39.13 -8.24
C ALA B 211 -11.17 38.87 -9.39
N SER B 212 -12.30 39.59 -9.37
CA SER B 212 -13.42 39.33 -10.26
C SER B 212 -14.06 40.62 -10.75
N ARG B 213 -15.23 40.46 -11.35
CA ARG B 213 -16.12 41.51 -11.82
C ARG B 213 -16.89 42.19 -10.71
N ASP B 214 -16.95 41.60 -9.51
CA ASP B 214 -17.82 42.07 -8.45
C ASP B 214 -17.24 43.24 -7.67
N LYS B 215 -16.23 43.92 -8.21
CA LYS B 215 -15.63 45.10 -7.58
C LYS B 215 -15.09 44.79 -6.19
N THR B 216 -14.36 43.68 -6.07
CA THR B 216 -13.71 43.34 -4.81
C THR B 216 -12.66 42.26 -5.07
N ILE B 217 -11.79 42.07 -4.08
CA ILE B 217 -10.76 41.03 -4.12
C ILE B 217 -10.85 40.25 -2.82
N LYS B 218 -11.05 38.94 -2.91
CA LYS B 218 -11.26 38.10 -1.74
C LYS B 218 -10.04 37.25 -1.47
N MET B 219 -9.72 37.04 -0.20
CA MET B 219 -8.63 36.16 0.17
C MET B 219 -9.18 34.92 0.87
N TRP B 220 -8.68 33.76 0.45
CA TRP B 220 -9.17 32.46 0.90
C TRP B 220 -8.03 31.70 1.57
N GLU B 221 -8.38 30.81 2.48
CA GLU B 221 -7.39 29.87 3.03
C GLU B 221 -7.35 28.60 2.20
N VAL B 222 -6.13 28.13 1.94
CA VAL B 222 -5.95 26.84 1.29
C VAL B 222 -6.51 25.73 2.17
N GLN B 223 -6.38 25.88 3.49
CA GLN B 223 -6.77 24.81 4.40
C GLN B 223 -8.29 24.59 4.42
N THR B 224 -9.07 25.67 4.43
CA THR B 224 -10.51 25.54 4.60
C THR B 224 -11.32 26.11 3.44
N GLY B 225 -10.91 27.24 2.88
CA GLY B 225 -11.66 27.87 1.80
C GLY B 225 -12.74 28.83 2.24
N TYR B 226 -12.67 29.38 3.44
CA TYR B 226 -13.67 30.32 3.94
C TYR B 226 -13.19 31.75 3.78
N CYS B 227 -14.07 32.61 3.29
CA CYS B 227 -13.70 34.01 3.06
C CYS B 227 -13.53 34.76 4.38
N VAL B 228 -12.37 35.37 4.55
CA VAL B 228 -12.08 36.14 5.76
C VAL B 228 -11.86 37.62 5.49
N LYS B 229 -11.12 37.98 4.43
CA LYS B 229 -10.94 39.38 4.09
C LYS B 229 -11.36 39.61 2.64
N THR B 230 -11.97 40.78 2.43
CA THR B 230 -12.62 41.12 1.17
C THR B 230 -12.35 42.61 0.92
N PHE B 231 -11.37 42.89 0.07
CA PHE B 231 -10.96 44.26 -0.20
C PHE B 231 -11.92 44.90 -1.18
N THR B 232 -12.40 46.09 -0.83
CA THR B 232 -13.31 46.87 -1.66
C THR B 232 -12.73 48.27 -1.85
N GLY B 233 -13.19 48.94 -2.90
CA GLY B 233 -12.70 50.28 -3.18
C GLY B 233 -12.51 50.50 -4.66
N HIS B 234 -12.23 49.42 -5.39
CA HIS B 234 -12.20 49.50 -6.85
C HIS B 234 -13.60 49.78 -7.37
N ARG B 235 -13.68 50.65 -8.37
CA ARG B 235 -14.95 51.09 -8.90
C ARG B 235 -15.44 50.26 -10.07
N GLU B 236 -14.69 49.25 -10.50
CA GLU B 236 -15.03 48.54 -11.73
C GLU B 236 -14.32 47.18 -11.71
N TRP B 237 -14.36 46.48 -12.83
CA TRP B 237 -13.77 45.16 -12.98
C TRP B 237 -12.29 45.17 -12.61
N VAL B 238 -11.89 44.23 -11.75
CA VAL B 238 -10.49 44.07 -11.37
C VAL B 238 -9.91 42.91 -12.18
N ARG B 239 -8.82 43.19 -12.90
CA ARG B 239 -8.29 42.23 -13.87
C ARG B 239 -7.20 41.34 -13.31
N MET B 240 -6.09 41.92 -12.83
CA MET B 240 -4.93 41.12 -12.45
C MET B 240 -4.54 41.47 -11.01
N VAL B 241 -4.19 40.44 -10.24
CA VAL B 241 -3.72 40.62 -8.87
C VAL B 241 -2.50 39.73 -8.65
N ARG B 242 -1.45 40.29 -8.08
CA ARG B 242 -0.24 39.55 -7.74
C ARG B 242 0.40 40.13 -6.49
N PRO B 243 0.65 39.31 -5.47
CA PRO B 243 1.28 39.81 -4.24
C PRO B 243 2.77 40.05 -4.45
N ASN B 244 3.38 40.67 -3.44
CA ASN B 244 4.83 40.87 -3.42
C ASN B 244 5.52 39.55 -3.05
N GLN B 245 6.85 39.55 -3.09
CA GLN B 245 7.58 38.29 -2.96
C GLN B 245 7.64 37.80 -1.51
N ASP B 246 7.33 38.68 -0.55
CA ASP B 246 7.27 38.24 0.83
C ASP B 246 5.85 38.09 1.37
N GLY B 247 4.83 38.40 0.56
CA GLY B 247 3.46 38.16 0.93
C GLY B 247 2.81 39.21 1.80
N THR B 248 3.49 40.32 2.10
CA THR B 248 2.91 41.35 2.94
C THR B 248 2.10 42.39 2.18
N LEU B 249 2.22 42.43 0.85
CA LEU B 249 1.51 43.40 0.04
C LEU B 249 0.86 42.68 -1.13
N ILE B 250 -0.19 43.29 -1.69
CA ILE B 250 -0.76 42.85 -2.95
C ILE B 250 -0.97 44.06 -3.84
N ALA B 251 -1.14 43.79 -5.12
CA ALA B 251 -1.41 44.82 -6.12
C ALA B 251 -2.57 44.38 -6.99
N SER B 252 -3.41 45.34 -7.38
CA SER B 252 -4.56 45.05 -8.22
C SER B 252 -4.70 46.13 -9.29
N CYS B 253 -4.84 45.70 -10.54
CA CYS B 253 -5.18 46.58 -11.63
C CYS B 253 -6.64 46.36 -11.99
N SER B 254 -7.28 47.40 -12.53
CA SER B 254 -8.72 47.34 -12.74
C SER B 254 -9.10 48.11 -14.00
N ASN B 255 -10.35 47.92 -14.40
CA ASN B 255 -10.89 48.62 -15.56
C ASN B 255 -11.22 50.08 -15.26
N ASP B 256 -11.13 50.50 -14.00
CA ASP B 256 -11.29 51.91 -13.65
C ASP B 256 -10.06 52.74 -13.99
N GLN B 257 -9.08 52.10 -14.62
CA GLN B 257 -7.80 52.69 -15.01
C GLN B 257 -7.00 53.14 -13.81
N THR B 258 -7.21 52.52 -12.65
CA THR B 258 -6.44 52.79 -11.44
C THR B 258 -5.82 51.49 -10.96
N VAL B 259 -4.57 51.58 -10.50
CA VAL B 259 -3.85 50.44 -9.96
C VAL B 259 -3.58 50.70 -8.48
N ARG B 260 -4.04 49.78 -7.64
CA ARG B 260 -3.96 49.96 -6.20
C ARG B 260 -2.96 48.99 -5.59
N VAL B 261 -2.21 49.47 -4.62
CA VAL B 261 -1.31 48.66 -3.81
C VAL B 261 -1.89 48.60 -2.42
N TRP B 262 -2.27 47.39 -2.00
CA TRP B 262 -2.96 47.13 -0.75
C TRP B 262 -2.03 46.40 0.21
N VAL B 263 -2.21 46.66 1.50
CA VAL B 263 -1.46 45.97 2.54
C VAL B 263 -2.31 44.81 3.03
N VAL B 264 -1.72 43.61 3.06
CA VAL B 264 -2.47 42.42 3.43
C VAL B 264 -2.90 42.48 4.90
N ALA B 265 -2.01 42.98 5.77
CA ALA B 265 -2.23 42.82 7.21
C ALA B 265 -3.45 43.60 7.69
N THR B 266 -3.55 44.88 7.32
CA THR B 266 -4.55 45.75 7.93
C THR B 266 -5.50 46.42 6.95
N LYS B 267 -5.60 45.94 5.71
CA LYS B 267 -6.68 46.29 4.78
C LYS B 267 -6.68 47.76 4.38
N GLU B 268 -5.54 48.43 4.36
CA GLU B 268 -5.51 49.82 3.94
C GLU B 268 -4.92 49.95 2.54
N CYS B 269 -5.33 51.00 1.83
CA CYS B 269 -4.79 51.29 0.51
C CYS B 269 -3.47 52.02 0.66
N LYS B 270 -2.36 51.28 0.58
CA LYS B 270 -1.05 51.91 0.69
C LYS B 270 -0.81 52.88 -0.47
N ALA B 271 -1.21 52.50 -1.68
CA ALA B 271 -1.00 53.38 -2.82
C ALA B 271 -2.16 53.27 -3.79
N GLU B 272 -2.48 54.37 -4.46
CA GLU B 272 -3.48 54.39 -5.53
C GLU B 272 -2.88 55.14 -6.70
N LEU B 273 -2.16 54.42 -7.56
CA LEU B 273 -1.50 55.02 -8.72
C LEU B 273 -2.48 54.95 -9.88
N ARG B 274 -3.02 56.10 -10.26
CA ARG B 274 -4.03 56.22 -11.30
C ARG B 274 -3.53 57.17 -12.37
N GLU B 275 -2.75 56.64 -13.33
CA GLU B 275 -2.15 57.48 -14.34
C GLU B 275 -2.27 56.92 -15.75
N HIS B 276 -2.82 55.73 -15.94
CA HIS B 276 -2.90 55.14 -17.27
C HIS B 276 -4.00 55.81 -18.08
N GLU B 277 -3.80 55.86 -19.40
CA GLU B 277 -4.77 56.43 -20.32
C GLU B 277 -5.88 55.46 -20.68
N HIS B 278 -5.70 54.17 -20.44
CA HIS B 278 -6.71 53.16 -20.75
C HIS B 278 -6.68 52.10 -19.65
N VAL B 279 -7.56 51.10 -19.80
CA VAL B 279 -7.70 50.07 -18.78
C VAL B 279 -6.41 49.28 -18.62
N VAL B 280 -5.98 49.11 -17.37
CA VAL B 280 -4.76 48.35 -17.09
C VAL B 280 -5.10 46.87 -17.07
N GLU B 281 -4.38 46.10 -17.89
CA GLU B 281 -4.66 44.67 -18.04
C GLU B 281 -3.71 43.79 -17.25
N CYS B 282 -2.44 44.17 -17.12
CA CYS B 282 -1.45 43.31 -16.48
C CYS B 282 -0.61 44.11 -15.51
N ILE B 283 -0.20 43.46 -14.43
CA ILE B 283 0.70 44.02 -13.44
C ILE B 283 1.71 42.96 -13.04
N SER B 284 2.86 43.41 -12.55
CA SER B 284 3.93 42.50 -12.16
C SER B 284 4.87 43.16 -11.16
N TRP B 285 5.31 42.40 -10.17
CA TRP B 285 6.28 42.93 -9.21
C TRP B 285 7.69 42.76 -9.74
N ALA B 286 8.64 43.36 -9.03
CA ALA B 286 10.03 43.30 -9.44
C ALA B 286 10.82 42.41 -8.50
N PRO B 287 11.73 41.58 -9.01
CA PRO B 287 12.63 40.83 -8.13
C PRO B 287 13.67 41.75 -7.51
N GLU B 288 14.20 41.33 -6.36
CA GLU B 288 15.26 42.11 -5.72
C GLU B 288 16.48 42.22 -6.61
N SER B 289 16.77 41.19 -7.40
CA SER B 289 17.96 41.17 -8.25
C SER B 289 18.00 42.32 -9.25
N SER B 290 16.90 43.05 -9.41
CA SER B 290 16.87 44.19 -10.30
C SER B 290 16.61 45.51 -9.59
N TYR B 291 16.27 45.48 -8.29
CA TYR B 291 16.01 46.73 -7.57
C TYR B 291 17.18 47.69 -7.71
N SER B 292 18.39 47.23 -7.40
CA SER B 292 19.56 48.09 -7.55
C SER B 292 19.67 48.61 -8.97
N SER B 293 19.36 47.77 -9.96
CA SER B 293 19.36 48.21 -11.34
C SER B 293 18.43 49.39 -11.54
N ILE B 294 17.20 49.29 -10.99
CA ILE B 294 16.24 50.38 -11.09
C ILE B 294 16.87 51.68 -10.63
N SER B 295 17.77 51.59 -9.64
CA SER B 295 18.37 52.77 -9.05
C SER B 295 19.04 53.64 -10.10
N GLU B 296 19.79 53.03 -11.03
CA GLU B 296 20.41 53.87 -12.06
C GLU B 296 19.55 53.92 -13.32
N ALA B 297 18.53 53.06 -13.38
CA ALA B 297 17.65 53.07 -14.55
C ALA B 297 16.81 54.33 -14.60
N THR B 298 16.21 54.71 -13.47
CA THR B 298 15.33 55.87 -13.38
C THR B 298 15.93 57.01 -12.58
N GLY B 299 17.10 56.81 -11.97
CA GLY B 299 17.65 57.83 -11.09
C GLY B 299 16.97 57.94 -9.75
N SER B 300 16.31 56.87 -9.29
CA SER B 300 15.62 56.91 -8.01
C SER B 300 16.60 57.10 -6.87
N GLU B 301 16.27 58.01 -5.95
CA GLU B 301 17.13 58.27 -4.81
C GLU B 301 16.75 57.37 -3.63
N THR B 302 17.75 57.05 -2.82
CA THR B 302 17.55 56.18 -1.68
C THR B 302 17.02 56.97 -0.48
N LYS B 303 16.26 56.28 0.37
CA LYS B 303 15.76 56.85 1.60
C LYS B 303 16.75 56.59 2.73
N LYS B 304 16.32 56.81 3.98
CA LYS B 304 17.18 56.55 5.12
C LYS B 304 17.50 55.07 5.25
N SER B 305 16.52 54.20 5.00
CA SER B 305 16.73 52.77 5.13
C SER B 305 17.69 52.24 4.07
N GLY B 306 17.90 52.96 2.98
CA GLY B 306 18.79 52.55 1.92
C GLY B 306 18.14 51.69 0.84
N LYS B 307 16.95 51.18 1.09
CA LYS B 307 16.25 50.37 0.09
C LYS B 307 15.78 51.26 -1.06
N PRO B 308 15.94 50.83 -2.32
CA PRO B 308 15.39 51.62 -3.42
C PRO B 308 13.88 51.70 -3.42
N GLY B 309 13.20 50.84 -2.66
CA GLY B 309 11.76 50.85 -2.56
C GLY B 309 11.12 49.80 -3.43
N PRO B 310 10.01 49.24 -2.96
CA PRO B 310 9.30 48.23 -3.77
C PRO B 310 8.84 48.82 -5.09
N PHE B 311 9.00 48.04 -6.15
CA PHE B 311 8.64 48.48 -7.50
C PHE B 311 7.54 47.62 -8.07
N LEU B 312 6.78 48.20 -9.00
CA LEU B 312 5.65 47.55 -9.62
C LEU B 312 5.60 47.95 -11.08
N LEU B 313 4.88 47.17 -11.88
CA LEU B 313 4.67 47.50 -13.29
C LEU B 313 3.21 47.35 -13.64
N SER B 314 2.79 48.07 -14.67
CA SER B 314 1.40 48.01 -15.14
C SER B 314 1.38 48.27 -16.64
N GLY B 315 0.89 47.31 -17.39
CA GLY B 315 0.63 47.47 -18.81
C GLY B 315 -0.87 47.63 -19.02
N SER B 316 -1.23 48.48 -19.98
CA SER B 316 -2.62 48.83 -20.19
C SER B 316 -2.96 48.82 -21.68
N ARG B 317 -4.21 49.15 -21.97
CA ARG B 317 -4.67 49.29 -23.35
C ARG B 317 -4.19 50.57 -24.00
N ASP B 318 -3.56 51.47 -23.23
CA ASP B 318 -3.05 52.73 -23.74
C ASP B 318 -1.74 52.59 -24.46
N LYS B 319 -1.32 51.35 -24.68
CA LYS B 319 -0.07 51.03 -25.37
C LYS B 319 1.16 51.47 -24.59
N THR B 320 1.00 51.81 -23.32
CA THR B 320 2.09 52.28 -22.48
C THR B 320 2.24 51.37 -21.28
N ILE B 321 3.50 51.17 -20.87
CA ILE B 321 3.83 50.36 -19.70
C ILE B 321 4.46 51.29 -18.67
N LYS B 322 3.84 51.40 -17.50
CA LYS B 322 4.32 52.27 -16.44
C LYS B 322 5.01 51.45 -15.36
N MET B 323 6.16 51.93 -14.91
CA MET B 323 6.86 51.36 -13.77
C MET B 323 6.74 52.32 -12.60
N TRP B 324 6.33 51.81 -11.46
CA TRP B 324 5.86 52.61 -10.34
C TRP B 324 6.61 52.27 -9.07
N ASP B 325 6.88 53.31 -8.27
CA ASP B 325 7.54 53.18 -6.98
C ASP B 325 6.48 53.10 -5.91
N VAL B 326 6.30 51.92 -5.31
CA VAL B 326 5.26 51.71 -4.31
C VAL B 326 5.49 52.60 -3.10
N SER B 327 6.76 52.77 -2.71
CA SER B 327 7.07 53.58 -1.54
C SER B 327 6.64 55.03 -1.73
N THR B 328 6.88 55.60 -2.92
CA THR B 328 6.56 57.00 -3.16
C THR B 328 5.31 57.23 -3.97
N GLY B 329 4.82 56.21 -4.69
CA GLY B 329 3.63 56.40 -5.50
C GLY B 329 3.84 57.25 -6.73
N MET B 330 5.07 57.32 -7.24
CA MET B 330 5.40 58.14 -8.39
C MET B 330 5.58 57.28 -9.64
N CYS B 331 5.42 57.90 -10.80
CA CYS B 331 5.64 57.23 -12.08
C CYS B 331 7.14 57.28 -12.38
N LEU B 332 7.82 56.16 -12.16
CA LEU B 332 9.27 56.14 -12.38
C LEU B 332 9.62 56.34 -13.84
N MET B 333 9.03 55.54 -14.73
CA MET B 333 9.29 55.63 -16.16
C MET B 333 8.16 54.96 -16.93
N THR B 334 7.83 55.54 -18.08
CA THR B 334 6.82 55.01 -18.97
C THR B 334 7.48 54.59 -20.27
N LEU B 335 7.08 53.44 -20.78
CA LEU B 335 7.66 52.84 -21.97
C LEU B 335 6.58 52.68 -23.02
N VAL B 336 6.86 53.14 -24.24
CA VAL B 336 5.90 53.18 -25.32
C VAL B 336 6.53 52.49 -26.53
N GLY B 337 5.67 51.98 -27.42
CA GLY B 337 6.15 51.34 -28.63
C GLY B 337 5.26 50.20 -29.09
N HIS B 338 4.42 49.68 -28.21
CA HIS B 338 3.49 48.65 -28.61
C HIS B 338 2.37 49.23 -29.47
N ASP B 339 1.95 48.47 -30.47
CA ASP B 339 0.98 48.90 -31.45
C ASP B 339 -0.46 48.67 -31.00
N ASN B 340 -0.68 48.01 -29.87
CA ASN B 340 -2.02 47.72 -29.39
C ASN B 340 -1.95 47.52 -27.88
N TRP B 341 -3.03 46.99 -27.31
CA TRP B 341 -3.12 46.81 -25.87
C TRP B 341 -2.07 45.82 -25.39
N VAL B 342 -1.38 46.17 -24.32
CA VAL B 342 -0.42 45.27 -23.71
C VAL B 342 -1.15 44.26 -22.84
N ARG B 343 -0.85 42.97 -23.01
CA ARG B 343 -1.51 41.92 -22.27
C ARG B 343 -0.66 41.31 -21.17
N GLY B 344 0.65 41.32 -21.30
CA GLY B 344 1.52 40.78 -20.27
C GLY B 344 2.87 41.46 -20.29
N VAL B 345 3.44 41.65 -19.11
CA VAL B 345 4.74 42.28 -18.97
C VAL B 345 5.46 41.63 -17.79
N LEU B 346 6.77 41.39 -17.95
CA LEU B 346 7.53 40.75 -16.88
C LEU B 346 9.00 41.01 -17.07
N PHE B 347 9.76 40.69 -16.02
CA PHE B 347 11.21 40.87 -15.99
C PHE B 347 11.95 39.60 -16.35
N HIS B 348 13.01 39.76 -17.13
CA HIS B 348 13.97 38.69 -17.34
C HIS B 348 14.59 38.29 -16.01
N SER B 349 14.85 36.99 -15.86
CA SER B 349 15.38 36.48 -14.59
C SER B 349 16.69 37.17 -14.20
N GLY B 350 17.44 37.66 -15.17
CA GLY B 350 18.67 38.37 -14.89
C GLY B 350 18.51 39.81 -14.47
N GLY B 351 17.28 40.32 -14.45
CA GLY B 351 17.05 41.70 -14.06
C GLY B 351 17.71 42.70 -15.00
N LYS B 352 17.71 42.42 -16.30
CA LYS B 352 18.39 43.24 -17.28
C LYS B 352 17.56 43.58 -18.51
N PHE B 353 16.47 42.89 -18.76
CA PHE B 353 15.57 43.21 -19.86
C PHE B 353 14.12 43.17 -19.37
N ILE B 354 13.24 43.75 -20.15
CA ILE B 354 11.79 43.72 -19.91
C ILE B 354 11.14 43.04 -21.11
N LEU B 355 10.25 42.09 -20.83
CA LEU B 355 9.53 41.36 -21.87
C LEU B 355 8.07 41.74 -21.83
N SER B 356 7.47 41.88 -23.02
CA SER B 356 6.07 42.24 -23.09
C SER B 356 5.42 41.48 -24.24
N CYS B 357 4.19 41.07 -24.02
CA CYS B 357 3.33 40.50 -25.06
C CYS B 357 2.05 41.32 -25.10
N ALA B 358 1.64 41.67 -26.32
CA ALA B 358 0.55 42.61 -26.50
C ALA B 358 -0.38 42.09 -27.59
N ASP B 359 -1.43 42.85 -27.87
CA ASP B 359 -2.39 42.51 -28.91
C ASP B 359 -1.85 42.76 -30.31
N ASP B 360 -0.64 43.30 -30.42
CA ASP B 360 0.01 43.55 -31.71
C ASP B 360 0.55 42.28 -32.36
N LYS B 361 0.21 41.11 -31.83
CA LYS B 361 0.62 39.81 -32.37
C LYS B 361 2.13 39.62 -32.35
N THR B 362 2.85 40.43 -31.58
CA THR B 362 4.30 40.35 -31.48
C THR B 362 4.71 40.44 -30.02
N LEU B 363 5.84 39.82 -29.68
CA LEU B 363 6.43 39.95 -28.36
C LEU B 363 7.66 40.86 -28.47
N ARG B 364 7.81 41.76 -27.52
CA ARG B 364 8.83 42.79 -27.57
C ARG B 364 9.72 42.73 -26.33
N VAL B 365 11.03 42.68 -26.57
CA VAL B 365 12.04 42.70 -25.53
C VAL B 365 12.71 44.06 -25.55
N TRP B 366 12.52 44.83 -24.48
CA TRP B 366 13.04 46.17 -24.39
C TRP B 366 14.09 46.26 -23.29
N ASP B 367 14.98 47.23 -23.42
CA ASP B 367 15.96 47.55 -22.40
C ASP B 367 15.54 48.82 -21.68
N TYR B 368 15.54 48.79 -20.34
CA TYR B 368 15.10 49.93 -19.56
C TYR B 368 16.23 50.73 -18.93
N LYS B 369 17.37 50.11 -18.64
CA LYS B 369 18.47 50.84 -18.02
C LYS B 369 19.14 51.78 -19.02
N ASN B 370 19.37 51.31 -20.25
CA ASN B 370 20.08 52.07 -21.26
C ASN B 370 19.31 52.21 -22.57
N LYS B 371 18.16 51.57 -22.70
CA LYS B 371 17.30 51.68 -23.88
C LYS B 371 18.05 51.25 -25.15
N ARG B 372 18.99 50.32 -24.99
CA ARG B 372 19.78 49.83 -26.11
C ARG B 372 18.97 48.86 -26.98
N CYS B 373 18.17 48.00 -26.35
CA CYS B 373 17.47 46.94 -27.05
C CYS B 373 15.98 47.26 -27.15
N MET B 374 15.43 47.09 -28.35
CA MET B 374 14.02 47.29 -28.64
C MET B 374 13.51 46.19 -29.57
N LYS B 375 13.95 44.96 -29.32
CA LYS B 375 13.69 43.86 -30.23
C LYS B 375 12.20 43.52 -30.27
N THR B 376 11.72 43.16 -31.46
CA THR B 376 10.33 42.79 -31.66
C THR B 376 10.30 41.54 -32.54
N LEU B 377 9.51 40.55 -32.13
CA LEU B 377 9.38 39.30 -32.86
C LEU B 377 7.91 39.00 -33.12
N ASN B 378 7.60 38.53 -34.33
CA ASN B 378 6.22 38.20 -34.71
C ASN B 378 5.83 36.91 -33.99
N ALA B 379 5.25 37.09 -32.79
CA ALA B 379 4.95 35.95 -31.94
C ALA B 379 3.92 35.02 -32.58
N HIS B 380 2.79 35.57 -33.01
CA HIS B 380 1.67 34.75 -33.45
C HIS B 380 0.95 35.44 -34.60
N GLU B 381 0.18 34.64 -35.34
CA GLU B 381 -0.68 35.13 -36.39
C GLU B 381 -1.90 35.88 -35.85
N HIS B 382 -2.13 35.83 -34.54
CA HIS B 382 -3.30 36.46 -33.95
C HIS B 382 -2.88 36.99 -32.57
N PHE B 383 -3.86 37.27 -31.72
CA PHE B 383 -3.59 37.91 -30.43
C PHE B 383 -2.73 37.01 -29.56
N VAL B 384 -1.83 37.63 -28.78
CA VAL B 384 -1.04 36.93 -27.79
C VAL B 384 -1.59 37.26 -26.40
N THR B 385 -2.00 36.24 -25.67
CA THR B 385 -2.73 36.44 -24.41
C THR B 385 -1.83 36.49 -23.19
N SER B 386 -0.75 35.71 -23.15
CA SER B 386 0.11 35.70 -21.97
C SER B 386 1.50 35.22 -22.38
N LEU B 387 2.47 35.54 -21.52
CA LEU B 387 3.86 35.17 -21.74
C LEU B 387 4.48 34.79 -20.40
N ASP B 388 5.48 33.93 -20.45
CA ASP B 388 6.17 33.50 -19.22
C ASP B 388 7.61 33.15 -19.56
N PHE B 389 8.49 33.39 -18.58
CA PHE B 389 9.92 33.12 -18.68
C PHE B 389 10.30 32.11 -17.60
N HIS B 390 11.01 31.05 -17.99
CA HIS B 390 11.46 30.06 -17.03
C HIS B 390 12.56 30.63 -16.13
N LYS B 391 12.45 30.38 -14.83
CA LYS B 391 13.37 30.98 -13.87
C LYS B 391 14.81 30.54 -14.12
N THR B 392 15.01 29.26 -14.44
CA THR B 392 16.34 28.73 -14.69
C THR B 392 16.59 28.39 -16.15
N ALA B 393 15.68 27.65 -16.78
CA ALA B 393 15.86 27.28 -18.16
C ALA B 393 15.77 28.51 -19.07
N PRO B 394 16.51 28.54 -20.18
CA PRO B 394 16.43 29.68 -21.11
C PRO B 394 15.25 29.55 -22.08
N TYR B 395 14.09 29.27 -21.51
CA TYR B 395 12.88 29.00 -22.29
C TYR B 395 11.78 29.98 -21.91
N VAL B 396 11.03 30.43 -22.92
CA VAL B 396 9.88 31.29 -22.73
C VAL B 396 8.69 30.64 -23.42
N VAL B 397 7.49 30.90 -22.92
CA VAL B 397 6.27 30.32 -23.45
C VAL B 397 5.24 31.41 -23.64
N THR B 398 4.57 31.38 -24.79
CA THR B 398 3.57 32.38 -25.16
C THR B 398 2.26 31.67 -25.50
N GLY B 399 1.17 32.12 -24.86
CA GLY B 399 -0.14 31.67 -25.23
C GLY B 399 -0.84 32.67 -26.14
N SER B 400 -1.78 32.17 -26.94
CA SER B 400 -2.36 33.00 -27.98
C SER B 400 -3.80 32.58 -28.23
N VAL B 401 -4.56 33.49 -28.83
CA VAL B 401 -5.96 33.22 -29.19
C VAL B 401 -6.06 32.17 -30.28
N ASP B 402 -5.06 32.02 -31.14
CA ASP B 402 -5.13 31.05 -32.23
C ASP B 402 -5.03 29.61 -31.75
N GLN B 403 -5.14 29.39 -30.45
CA GLN B 403 -5.13 28.07 -29.82
C GLN B 403 -3.81 27.34 -29.99
N THR B 404 -2.73 28.09 -30.22
CA THR B 404 -1.39 27.53 -30.35
C THR B 404 -0.49 28.15 -29.29
N VAL B 405 0.24 27.30 -28.58
CA VAL B 405 1.17 27.71 -27.53
C VAL B 405 2.59 27.57 -28.07
N LYS B 406 3.32 28.68 -28.12
CA LYS B 406 4.63 28.70 -28.75
C LYS B 406 5.71 28.85 -27.70
N VAL B 407 6.73 27.98 -27.79
CA VAL B 407 7.86 28.03 -26.87
C VAL B 407 9.08 28.50 -27.65
N TRP B 408 9.90 29.33 -27.02
CA TRP B 408 11.08 29.91 -27.64
C TRP B 408 12.28 29.73 -26.73
N GLU B 409 13.46 29.65 -27.32
CA GLU B 409 14.70 29.50 -26.58
C GLU B 409 15.40 30.85 -26.45
N CYS B 410 16.22 30.98 -25.40
CA CYS B 410 16.98 32.19 -25.15
C CYS B 410 18.46 31.92 -25.40
N ARG B 411 19.11 32.86 -26.10
CA ARG B 411 20.54 32.75 -26.34
C ARG B 411 21.23 34.10 -26.18
N ILE C 96 36.87 13.06 2.15
CA ILE C 96 35.71 12.83 2.99
C ILE C 96 34.70 13.96 2.89
N PRO C 97 33.48 13.65 2.48
CA PRO C 97 32.45 14.68 2.39
C PRO C 97 32.03 15.16 3.77
N ARG C 98 31.61 16.43 3.85
CA ARG C 98 31.20 17.01 5.16
C ARG C 98 29.77 17.55 5.09
N PRO C 99 29.10 17.86 6.23
CA PRO C 99 27.68 18.29 6.22
C PRO C 99 27.25 19.40 5.25
N PRO C 100 28.00 20.52 5.02
CA PRO C 100 27.59 21.51 4.02
C PRO C 100 27.48 20.91 2.61
N GLU C 101 26.27 20.65 2.14
CA GLU C 101 26.08 20.16 0.74
C GLU C 101 26.33 21.33 -0.21
N LYS C 102 26.87 21.06 -1.40
CA LYS C 102 27.20 22.19 -2.28
C LYS C 102 25.98 22.62 -3.08
N TYR C 103 25.30 21.66 -3.70
CA TYR C 103 24.07 21.92 -4.45
C TYR C 103 23.03 20.86 -4.13
N ALA C 104 21.77 21.27 -4.17
CA ALA C 104 20.64 20.34 -4.05
C ALA C 104 19.85 20.41 -5.36
N LEU C 105 20.14 19.50 -6.27
CA LEU C 105 19.55 19.50 -7.60
C LEU C 105 18.24 18.73 -7.57
N SER C 106 17.13 19.43 -7.81
CA SER C 106 15.79 18.78 -7.80
C SER C 106 15.06 19.07 -9.12
N GLY C 107 14.63 18.03 -9.83
CA GLY C 107 13.87 18.20 -11.08
C GLY C 107 13.02 16.98 -11.38
N HIS C 108 13.39 15.83 -10.84
CA HIS C 108 12.66 14.56 -11.10
C HIS C 108 11.24 14.59 -10.50
N ARG C 109 10.28 13.96 -11.18
CA ARG C 109 8.90 13.87 -10.64
C ARG C 109 8.76 12.55 -9.88
N SER C 110 9.80 11.71 -9.89
CA SER C 110 9.75 10.39 -9.22
C SER C 110 11.06 10.13 -8.46
N PRO C 111 11.07 9.25 -7.42
CA PRO C 111 12.29 8.93 -6.67
C PRO C 111 13.52 8.60 -7.53
N VAL C 112 14.71 9.04 -7.10
CA VAL C 112 15.93 8.77 -7.83
C VAL C 112 16.42 7.38 -7.48
N THR C 113 17.00 6.67 -8.46
CA THR C 113 17.47 5.30 -8.26
C THR C 113 19.00 5.22 -8.26
N ARG C 114 19.66 5.76 -9.28
CA ARG C 114 21.10 5.69 -9.37
C ARG C 114 21.66 7.03 -9.82
N VAL C 115 22.83 7.36 -9.31
CA VAL C 115 23.57 8.57 -9.69
C VAL C 115 25.03 8.17 -9.89
N ILE C 116 25.63 8.65 -10.98
CA ILE C 116 27.01 8.31 -11.31
C ILE C 116 27.72 9.53 -11.88
N PHE C 117 29.04 9.42 -11.99
CA PHE C 117 29.88 10.46 -12.54
C PHE C 117 30.41 10.05 -13.90
N HIS C 118 30.39 10.98 -14.83
CA HIS C 118 31.06 10.75 -16.10
C HIS C 118 32.56 10.63 -15.85
N PRO C 119 33.23 9.61 -16.40
CA PRO C 119 34.63 9.39 -16.03
C PRO C 119 35.57 10.50 -16.47
N VAL C 120 35.19 11.33 -17.43
CA VAL C 120 36.09 12.35 -17.93
C VAL C 120 35.49 13.75 -17.71
N PHE C 121 34.36 14.02 -18.31
CA PHE C 121 33.80 15.36 -18.29
C PHE C 121 33.24 15.69 -16.91
N SER C 122 33.17 16.99 -16.64
CA SER C 122 32.67 17.49 -15.35
C SER C 122 31.14 17.55 -15.36
N VAL C 123 30.54 16.39 -15.55
CA VAL C 123 29.10 16.27 -15.71
C VAL C 123 28.63 15.04 -14.95
N MET C 124 27.46 15.15 -14.33
CA MET C 124 26.91 14.10 -13.48
C MET C 124 25.53 13.72 -14.01
N VAL C 125 25.19 12.44 -13.85
CA VAL C 125 23.98 11.86 -14.41
C VAL C 125 23.19 11.18 -13.31
N SER C 126 21.86 11.35 -13.35
CA SER C 126 20.98 10.75 -12.36
C SER C 126 19.81 10.09 -13.08
N ALA C 127 19.50 8.85 -12.70
CA ALA C 127 18.37 8.12 -13.24
C ALA C 127 17.26 8.09 -12.19
N SER C 128 16.01 8.22 -12.64
CA SER C 128 14.88 8.26 -11.74
C SER C 128 13.86 7.21 -12.12
N GLU C 129 12.76 7.15 -11.37
CA GLU C 129 11.68 6.16 -11.64
C GLU C 129 10.65 6.76 -12.60
N ASP C 130 10.94 7.92 -13.20
CA ASP C 130 10.02 8.52 -14.20
C ASP C 130 10.57 8.27 -15.61
N ALA C 131 11.45 7.27 -15.77
CA ALA C 131 12.02 6.92 -17.10
C ALA C 131 12.80 8.08 -17.69
N THR C 132 13.31 8.99 -16.86
CA THR C 132 14.10 10.09 -17.38
C THR C 132 15.52 10.03 -16.83
N ILE C 133 16.49 9.97 -17.73
CA ILE C 133 17.90 10.05 -17.35
C ILE C 133 18.31 11.51 -17.42
N LYS C 134 18.06 12.26 -16.36
CA LYS C 134 18.39 13.68 -16.35
C LYS C 134 19.88 13.87 -16.15
N VAL C 135 20.48 14.73 -16.97
CA VAL C 135 21.91 14.99 -16.91
C VAL C 135 22.12 16.40 -16.38
N TRP C 136 22.81 16.51 -15.24
CA TRP C 136 23.10 17.76 -14.55
C TRP C 136 24.57 18.09 -14.67
N ASP C 137 24.95 19.23 -14.11
CA ASP C 137 26.35 19.61 -13.99
C ASP C 137 26.66 19.91 -12.53
N TYR C 138 27.50 19.09 -11.92
CA TYR C 138 27.78 19.21 -10.50
C TYR C 138 28.69 20.39 -10.16
N GLU C 139 29.56 20.79 -11.08
CA GLU C 139 30.46 21.91 -10.79
C GLU C 139 29.68 23.20 -10.57
N THR C 140 28.68 23.47 -11.42
CA THR C 140 27.90 24.69 -11.33
C THR C 140 26.52 24.48 -10.73
N GLY C 141 26.12 23.26 -10.45
CA GLY C 141 24.79 22.99 -9.93
C GLY C 141 23.70 23.36 -10.92
N ASP C 142 23.90 23.03 -12.19
CA ASP C 142 23.00 23.42 -13.25
C ASP C 142 22.52 22.21 -14.03
N PHE C 143 21.23 22.19 -14.33
CA PHE C 143 20.67 21.19 -15.23
C PHE C 143 21.27 21.34 -16.63
N GLU C 144 21.59 20.22 -17.27
CA GLU C 144 22.19 20.25 -18.60
C GLU C 144 21.22 19.74 -19.66
N ARG C 145 20.74 18.51 -19.56
CA ARG C 145 19.71 18.05 -20.49
C ARG C 145 19.25 16.66 -20.08
N THR C 146 17.96 16.38 -20.27
CA THR C 146 17.39 15.08 -19.93
C THR C 146 17.56 14.10 -21.09
N LEU C 147 17.32 12.82 -20.79
CA LEU C 147 17.44 11.74 -21.78
C LEU C 147 16.25 10.79 -21.62
N LYS C 148 15.20 11.04 -22.39
CA LYS C 148 14.06 10.12 -22.39
C LYS C 148 14.29 8.99 -23.39
N GLY C 149 13.33 8.08 -23.46
CA GLY C 149 13.41 6.96 -24.36
C GLY C 149 12.93 5.66 -23.76
N HIS C 150 13.13 5.49 -22.45
CA HIS C 150 12.64 4.30 -21.79
C HIS C 150 11.16 4.46 -21.45
N THR C 151 10.48 3.32 -21.29
CA THR C 151 9.04 3.35 -21.03
C THR C 151 8.72 3.36 -19.54
N ASP C 152 9.49 2.65 -18.73
CA ASP C 152 9.25 2.56 -17.31
C ASP C 152 10.53 2.98 -16.57
N SER C 153 10.52 2.83 -15.24
CA SER C 153 11.58 3.36 -14.40
C SER C 153 12.95 2.80 -14.79
N VAL C 154 13.94 3.68 -14.83
CA VAL C 154 15.32 3.28 -15.07
C VAL C 154 15.92 2.83 -13.74
N GLN C 155 16.50 1.63 -13.72
CA GLN C 155 17.01 1.08 -12.48
C GLN C 155 18.52 1.26 -12.31
N ASP C 156 19.27 1.33 -13.40
CA ASP C 156 20.72 1.45 -13.27
C ASP C 156 21.26 2.04 -14.57
N ILE C 157 22.39 2.74 -14.45
CA ILE C 157 23.07 3.35 -15.58
C ILE C 157 24.57 3.17 -15.39
N SER C 158 25.30 3.12 -16.50
CA SER C 158 26.74 2.95 -16.41
C SER C 158 27.41 3.51 -17.65
N PHE C 159 28.63 4.00 -17.47
CA PHE C 159 29.46 4.50 -18.55
C PHE C 159 30.57 3.51 -18.85
N ASP C 160 31.09 3.57 -20.07
CA ASP C 160 32.21 2.70 -20.44
C ASP C 160 33.52 3.33 -19.96
N HIS C 161 34.65 2.77 -20.38
CA HIS C 161 35.92 3.29 -19.94
C HIS C 161 36.19 4.69 -20.48
N SER C 162 35.77 4.97 -21.71
CA SER C 162 36.00 6.27 -22.33
C SER C 162 34.87 7.26 -22.09
N GLY C 163 33.74 6.82 -21.56
CA GLY C 163 32.63 7.70 -21.28
C GLY C 163 31.78 8.08 -22.47
N LYS C 164 32.09 7.56 -23.66
CA LYS C 164 31.34 7.93 -24.85
C LYS C 164 29.99 7.22 -24.95
N LEU C 165 29.81 6.14 -24.19
CA LEU C 165 28.62 5.31 -24.27
C LEU C 165 28.00 5.20 -22.88
N LEU C 166 26.67 5.25 -22.80
CA LEU C 166 25.96 5.12 -21.54
C LEU C 166 24.91 4.03 -21.68
N ALA C 167 25.12 2.92 -20.99
CA ALA C 167 24.15 1.83 -21.00
C ALA C 167 23.21 1.98 -19.83
N SER C 168 21.91 1.92 -20.10
CA SER C 168 20.90 2.01 -19.07
C SER C 168 19.96 0.82 -19.17
N CYS C 169 19.44 0.39 -18.03
CA CYS C 169 18.48 -0.69 -17.97
C CYS C 169 17.22 -0.19 -17.29
N SER C 170 16.06 -0.59 -17.79
CA SER C 170 14.82 -0.06 -17.27
C SER C 170 13.92 -1.21 -16.80
N ALA C 171 12.82 -0.84 -16.18
CA ALA C 171 11.84 -1.80 -15.71
C ALA C 171 10.98 -2.37 -16.83
N ASP C 172 11.11 -1.85 -18.04
CA ASP C 172 10.38 -2.38 -19.18
C ASP C 172 11.12 -3.53 -19.86
N MET C 173 12.03 -4.20 -19.16
CA MET C 173 12.81 -5.32 -19.69
C MET C 173 13.68 -4.89 -20.87
N THR C 174 14.02 -3.61 -20.97
CA THR C 174 14.84 -3.10 -22.06
C THR C 174 16.12 -2.50 -21.53
N ILE C 175 17.22 -2.80 -22.23
CA ILE C 175 18.51 -2.19 -21.98
C ILE C 175 18.85 -1.30 -23.17
N LYS C 176 18.84 0.00 -22.96
CA LYS C 176 19.19 0.92 -24.04
C LYS C 176 20.66 1.28 -23.95
N LEU C 177 21.23 1.63 -25.11
CA LEU C 177 22.65 2.10 -25.16
C LEU C 177 22.60 3.55 -25.68
N TRP C 178 23.44 4.44 -25.16
CA TRP C 178 23.30 5.88 -25.54
C TRP C 178 24.59 6.47 -26.12
N ASP C 179 24.51 7.14 -27.28
CA ASP C 179 25.69 7.86 -27.83
C ASP C 179 25.74 9.19 -27.09
N PHE C 180 26.43 9.26 -25.95
CA PHE C 180 26.51 10.43 -25.10
C PHE C 180 27.04 11.67 -25.80
N GLN C 181 27.87 11.53 -26.82
CA GLN C 181 28.25 12.69 -27.62
C GLN C 181 27.03 13.27 -28.32
N GLY C 182 26.18 12.40 -28.87
CA GLY C 182 24.98 12.83 -29.57
C GLY C 182 23.70 12.76 -28.78
N PHE C 183 23.72 12.21 -27.57
CA PHE C 183 22.53 12.10 -26.72
C PHE C 183 21.41 11.32 -27.41
N GLU C 184 21.77 10.23 -28.08
CA GLU C 184 20.84 9.40 -28.83
C GLU C 184 20.95 7.94 -28.42
N CYS C 185 19.83 7.22 -28.56
CA CYS C 185 19.76 5.79 -28.26
C CYS C 185 20.11 5.02 -29.52
N ILE C 186 21.35 4.54 -29.60
CA ILE C 186 21.80 3.89 -30.84
C ILE C 186 21.38 2.43 -30.88
N ARG C 187 21.03 1.83 -29.74
CA ARG C 187 20.61 0.44 -29.75
C ARG C 187 19.75 0.15 -28.54
N THR C 188 18.94 -0.90 -28.67
CA THR C 188 18.08 -1.38 -27.61
C THR C 188 18.15 -2.90 -27.57
N MET C 189 18.07 -3.47 -26.38
CA MET C 189 18.18 -4.91 -26.20
C MET C 189 17.05 -5.42 -25.33
N HIS C 190 16.42 -6.52 -25.75
CA HIS C 190 15.37 -7.18 -25.00
C HIS C 190 15.74 -8.64 -24.79
N GLY C 191 15.01 -9.31 -23.90
CA GLY C 191 15.23 -10.72 -23.67
C GLY C 191 15.01 -11.17 -22.24
N HIS C 192 14.90 -10.24 -21.31
CA HIS C 192 14.70 -10.59 -19.91
C HIS C 192 13.22 -10.75 -19.62
N ASP C 193 12.88 -11.81 -18.88
CA ASP C 193 11.48 -12.12 -18.61
C ASP C 193 10.82 -11.03 -17.79
N HIS C 194 11.49 -10.51 -16.77
CA HIS C 194 10.91 -9.48 -15.92
C HIS C 194 11.88 -8.30 -15.94
N ASN C 195 11.63 -7.31 -15.10
CA ASN C 195 12.38 -6.05 -15.18
C ASN C 195 13.87 -6.27 -14.94
N VAL C 196 14.69 -5.49 -15.63
CA VAL C 196 16.13 -5.49 -15.46
C VAL C 196 16.47 -4.48 -14.36
N SER C 197 17.19 -4.93 -13.34
CA SER C 197 17.51 -4.08 -12.21
C SER C 197 19.01 -3.81 -12.06
N SER C 198 19.80 -4.10 -13.09
CA SER C 198 21.23 -3.79 -13.05
C SER C 198 21.79 -3.77 -14.46
N VAL C 199 22.95 -3.13 -14.60
CA VAL C 199 23.64 -3.06 -15.88
C VAL C 199 25.05 -2.58 -15.60
N ALA C 200 25.99 -3.02 -16.44
CA ALA C 200 27.39 -2.63 -16.31
C ALA C 200 28.11 -2.99 -17.59
N ILE C 201 29.09 -2.19 -17.97
CA ILE C 201 29.88 -2.43 -19.16
C ILE C 201 31.22 -3.05 -18.75
N MET C 202 31.62 -4.08 -19.46
CA MET C 202 32.95 -4.67 -19.24
C MET C 202 34.02 -3.60 -19.44
N PRO C 203 35.07 -3.60 -18.61
CA PRO C 203 36.17 -2.65 -18.83
C PRO C 203 36.82 -2.80 -20.18
N ASN C 204 36.76 -3.99 -20.79
CA ASN C 204 37.23 -4.16 -22.16
C ASN C 204 36.41 -3.33 -23.13
N GLY C 205 35.21 -2.92 -22.75
CA GLY C 205 34.39 -2.06 -23.58
C GLY C 205 33.71 -2.76 -24.74
N ASP C 206 33.70 -4.10 -24.76
CA ASP C 206 33.12 -4.84 -25.86
C ASP C 206 31.90 -5.66 -25.46
N HIS C 207 31.42 -5.50 -24.23
CA HIS C 207 30.28 -6.29 -23.78
C HIS C 207 29.53 -5.53 -22.69
N ILE C 208 28.29 -5.95 -22.46
CA ILE C 208 27.45 -5.44 -21.39
C ILE C 208 26.99 -6.65 -20.58
N VAL C 209 26.78 -6.45 -19.28
CA VAL C 209 26.15 -7.46 -18.44
C VAL C 209 24.95 -6.83 -17.76
N SER C 210 23.88 -7.60 -17.60
CA SER C 210 22.68 -7.12 -16.95
C SER C 210 22.11 -8.21 -16.06
N ALA C 211 21.44 -7.79 -15.00
CA ALA C 211 20.78 -8.68 -14.07
C ALA C 211 19.32 -8.31 -13.95
N SER C 212 18.46 -9.30 -13.79
CA SER C 212 17.02 -9.07 -13.86
C SER C 212 16.32 -9.92 -12.81
N ARG C 213 15.02 -9.67 -12.67
CA ARG C 213 14.17 -10.42 -11.77
C ARG C 213 13.88 -11.83 -12.28
N ASP C 214 14.29 -12.15 -13.50
CA ASP C 214 14.11 -13.49 -14.04
C ASP C 214 15.14 -14.48 -13.53
N LYS C 215 15.82 -14.15 -12.43
CA LYS C 215 16.76 -15.06 -11.76
C LYS C 215 17.90 -15.49 -12.68
N THR C 216 18.38 -14.59 -13.52
CA THR C 216 19.53 -14.88 -14.36
C THR C 216 20.22 -13.60 -14.78
N ILE C 217 21.45 -13.73 -15.24
CA ILE C 217 22.27 -12.61 -15.68
C ILE C 217 22.60 -12.82 -17.15
N LYS C 218 22.41 -11.81 -17.97
CA LYS C 218 22.65 -11.90 -19.40
C LYS C 218 23.86 -11.06 -19.79
N MET C 219 24.54 -11.49 -20.85
CA MET C 219 25.70 -10.80 -21.36
C MET C 219 25.50 -10.53 -22.84
N TRP C 220 25.70 -9.28 -23.25
CA TRP C 220 25.43 -8.80 -24.60
C TRP C 220 26.72 -8.29 -25.23
N GLU C 221 26.74 -8.28 -26.56
CA GLU C 221 27.87 -7.76 -27.32
C GLU C 221 27.54 -6.36 -27.85
N VAL C 222 28.53 -5.47 -27.81
CA VAL C 222 28.29 -4.06 -28.13
C VAL C 222 28.05 -3.87 -29.63
N GLN C 223 28.77 -4.61 -30.47
CA GLN C 223 28.69 -4.38 -31.91
C GLN C 223 27.30 -4.68 -32.47
N THR C 224 26.66 -5.74 -31.98
CA THR C 224 25.38 -6.17 -32.54
C THR C 224 24.23 -6.04 -31.55
N GLY C 225 24.42 -6.41 -30.30
CA GLY C 225 23.35 -6.44 -29.33
C GLY C 225 22.79 -7.82 -29.04
N TYR C 226 23.48 -8.88 -29.46
CA TYR C 226 22.98 -10.24 -29.32
C TYR C 226 23.53 -10.89 -28.07
N CYS C 227 22.64 -11.49 -27.26
CA CYS C 227 23.05 -12.19 -26.05
C CYS C 227 24.04 -13.29 -26.39
N VAL C 228 25.12 -13.36 -25.64
CA VAL C 228 26.16 -14.35 -25.87
C VAL C 228 26.32 -15.33 -24.72
N LYS C 229 26.05 -14.92 -23.48
CA LYS C 229 26.18 -15.79 -22.33
C LYS C 229 25.04 -15.52 -21.37
N THR C 230 24.65 -16.56 -20.64
CA THR C 230 23.54 -16.46 -19.68
C THR C 230 23.95 -17.20 -18.42
N PHE C 231 24.35 -16.44 -17.40
CA PHE C 231 24.70 -16.98 -16.10
C PHE C 231 23.42 -17.31 -15.33
N THR C 232 23.30 -18.56 -14.90
CA THR C 232 22.15 -19.02 -14.13
C THR C 232 22.63 -19.76 -12.90
N GLY C 233 21.78 -19.78 -11.89
CA GLY C 233 22.14 -20.38 -10.61
C GLY C 233 21.55 -19.66 -9.42
N HIS C 234 21.23 -18.38 -9.58
CA HIS C 234 20.51 -17.67 -8.53
C HIS C 234 19.09 -18.19 -8.45
N ARG C 235 18.58 -18.31 -7.22
CA ARG C 235 17.25 -18.86 -6.98
C ARG C 235 16.19 -17.79 -6.81
N GLU C 236 16.54 -16.51 -6.95
CA GLU C 236 15.58 -15.43 -6.76
C GLU C 236 16.03 -14.21 -7.57
N TRP C 237 15.31 -13.11 -7.37
CA TRP C 237 15.59 -11.84 -8.02
C TRP C 237 17.04 -11.44 -7.84
N VAL C 238 17.75 -11.18 -8.94
CA VAL C 238 19.12 -10.70 -8.88
C VAL C 238 19.08 -9.17 -8.90
N ARG C 239 19.64 -8.56 -7.85
CA ARG C 239 19.50 -7.12 -7.68
C ARG C 239 20.58 -6.35 -8.43
N MET C 240 21.81 -6.84 -8.46
CA MET C 240 22.92 -6.05 -8.95
C MET C 240 24.03 -6.95 -9.45
N VAL C 241 24.67 -6.54 -10.55
CA VAL C 241 25.85 -7.22 -11.07
C VAL C 241 26.92 -6.18 -11.34
N ARG C 242 28.14 -6.46 -10.89
CA ARG C 242 29.25 -5.54 -11.08
C ARG C 242 30.54 -6.31 -11.30
N PRO C 243 31.17 -6.16 -12.46
CA PRO C 243 32.39 -6.90 -12.76
C PRO C 243 33.58 -6.35 -11.98
N ASN C 244 34.64 -7.13 -11.97
CA ASN C 244 35.89 -6.73 -11.33
C ASN C 244 36.65 -5.77 -12.25
N GLN C 245 37.88 -5.43 -11.88
CA GLN C 245 38.60 -4.39 -12.59
C GLN C 245 39.05 -4.85 -13.98
N ASP C 246 39.61 -6.06 -14.08
CA ASP C 246 40.09 -6.53 -15.37
C ASP C 246 39.01 -7.20 -16.21
N GLY C 247 37.82 -7.40 -15.66
CA GLY C 247 36.71 -7.93 -16.43
C GLY C 247 36.68 -9.43 -16.58
N THR C 248 37.58 -10.17 -15.91
CA THR C 248 37.59 -11.61 -16.01
C THR C 248 36.64 -12.28 -15.03
N LEU C 249 36.05 -11.52 -14.11
CA LEU C 249 35.10 -12.05 -13.15
C LEU C 249 33.94 -11.07 -13.01
N ILE C 250 32.79 -11.58 -12.55
CA ILE C 250 31.70 -10.71 -12.18
C ILE C 250 31.17 -11.15 -10.83
N ALA C 251 30.38 -10.28 -10.22
CA ALA C 251 29.77 -10.56 -8.93
C ALA C 251 28.32 -10.11 -8.96
N SER C 252 27.43 -10.97 -8.47
CA SER C 252 26.00 -10.69 -8.51
C SER C 252 25.38 -11.00 -7.17
N CYS C 253 24.59 -10.06 -6.65
CA CYS C 253 23.85 -10.26 -5.43
C CYS C 253 22.38 -10.47 -5.77
N SER C 254 21.67 -11.21 -4.92
CA SER C 254 20.30 -11.58 -5.23
C SER C 254 19.46 -11.60 -3.97
N ASN C 255 18.14 -11.70 -4.15
CA ASN C 255 17.21 -11.81 -3.04
C ASN C 255 17.28 -13.13 -2.31
N ASP C 256 18.02 -14.11 -2.83
CA ASP C 256 18.22 -15.36 -2.13
C ASP C 256 19.24 -15.25 -1.02
N GLN C 257 19.60 -14.03 -0.62
CA GLN C 257 20.52 -13.77 0.48
C GLN C 257 21.89 -14.38 0.23
N THR C 258 22.33 -14.40 -1.02
CA THR C 258 23.65 -14.89 -1.37
C THR C 258 24.30 -13.94 -2.37
N VAL C 259 25.62 -13.98 -2.42
CA VAL C 259 26.41 -13.21 -3.37
C VAL C 259 27.28 -14.18 -4.14
N ARG C 260 27.04 -14.29 -5.45
CA ARG C 260 27.75 -15.25 -6.28
C ARG C 260 28.79 -14.55 -7.13
N VAL C 261 30.02 -15.05 -7.08
CA VAL C 261 31.11 -14.58 -7.91
C VAL C 261 31.31 -15.58 -9.04
N TRP C 262 31.17 -15.10 -10.28
CA TRP C 262 31.15 -15.88 -11.50
C TRP C 262 32.42 -15.61 -12.29
N VAL C 263 32.81 -16.59 -13.09
CA VAL C 263 33.92 -16.46 -14.03
C VAL C 263 33.34 -16.21 -15.41
N VAL C 264 33.77 -15.12 -16.05
CA VAL C 264 33.23 -14.76 -17.35
C VAL C 264 33.65 -15.77 -18.41
N ALA C 265 34.87 -16.28 -18.32
CA ALA C 265 35.41 -17.11 -19.38
C ALA C 265 34.62 -18.40 -19.56
N THR C 266 34.21 -19.03 -18.46
CA THR C 266 33.55 -20.33 -18.53
C THR C 266 32.23 -20.42 -17.77
N LYS C 267 31.66 -19.30 -17.35
CA LYS C 267 30.35 -19.24 -16.71
C LYS C 267 30.27 -20.04 -15.41
N GLU C 268 31.40 -20.49 -14.88
CA GLU C 268 31.40 -21.31 -13.67
C GLU C 268 31.28 -20.43 -12.42
N CYS C 269 30.53 -20.92 -11.44
CA CYS C 269 30.31 -20.19 -10.20
C CYS C 269 31.54 -20.34 -9.31
N LYS C 270 32.39 -19.32 -9.32
CA LYS C 270 33.64 -19.40 -8.55
C LYS C 270 33.37 -19.40 -7.05
N ALA C 271 32.43 -18.59 -6.59
CA ALA C 271 32.18 -18.52 -5.15
C ALA C 271 30.71 -18.24 -4.88
N GLU C 272 30.23 -18.71 -3.73
CA GLU C 272 28.86 -18.47 -3.26
C GLU C 272 28.95 -18.00 -1.81
N LEU C 273 29.13 -16.70 -1.64
CA LEU C 273 29.27 -16.10 -0.32
C LEU C 273 27.89 -15.86 0.28
N ARG C 274 27.52 -16.65 1.29
CA ARG C 274 26.20 -16.56 1.89
C ARG C 274 26.34 -16.54 3.41
N GLU C 275 26.34 -15.34 3.98
CA GLU C 275 26.27 -15.16 5.42
C GLU C 275 25.31 -14.07 5.84
N HIS C 276 24.74 -13.32 4.91
CA HIS C 276 23.78 -12.30 5.27
C HIS C 276 22.47 -12.95 5.72
N GLU C 277 21.73 -12.22 6.55
CA GLU C 277 20.47 -12.70 7.09
C GLU C 277 19.28 -12.09 6.38
N HIS C 278 19.49 -11.43 5.25
CA HIS C 278 18.41 -10.74 4.56
C HIS C 278 18.82 -10.56 3.10
N VAL C 279 17.99 -9.84 2.36
CA VAL C 279 18.20 -9.61 0.94
C VAL C 279 19.40 -8.70 0.74
N VAL C 280 20.36 -9.15 -0.07
CA VAL C 280 21.52 -8.32 -0.36
C VAL C 280 21.13 -7.27 -1.39
N GLU C 281 21.33 -6.00 -1.03
CA GLU C 281 20.90 -4.87 -1.86
C GLU C 281 21.97 -4.39 -2.82
N CYS C 282 23.24 -4.41 -2.42
CA CYS C 282 24.28 -3.77 -3.21
C CYS C 282 25.62 -4.42 -2.93
N ILE C 283 26.51 -4.36 -3.92
CA ILE C 283 27.86 -4.88 -3.82
C ILE C 283 28.82 -3.88 -4.47
N SER C 284 30.11 -4.10 -4.25
CA SER C 284 31.14 -3.27 -4.86
C SER C 284 32.50 -3.93 -4.73
N TRP C 285 33.27 -3.93 -5.81
CA TRP C 285 34.60 -4.52 -5.78
C TRP C 285 35.58 -3.60 -5.05
N ALA C 286 36.74 -4.16 -4.74
CA ALA C 286 37.82 -3.42 -4.09
C ALA C 286 38.84 -2.96 -5.10
N PRO C 287 39.09 -1.65 -5.21
CA PRO C 287 40.13 -1.18 -6.14
C PRO C 287 41.49 -1.72 -5.75
N GLU C 288 42.34 -1.93 -6.77
CA GLU C 288 43.63 -2.56 -6.53
C GLU C 288 44.48 -1.76 -5.57
N SER C 289 44.37 -0.43 -5.61
CA SER C 289 45.18 0.43 -4.74
C SER C 289 44.98 0.10 -3.27
N SER C 290 43.82 -0.46 -2.91
CA SER C 290 43.53 -0.77 -1.52
C SER C 290 43.92 -2.19 -1.13
N TYR C 291 44.28 -3.04 -2.10
CA TYR C 291 44.58 -4.45 -1.82
C TYR C 291 45.45 -4.61 -0.59
N SER C 292 46.67 -4.05 -0.62
CA SER C 292 47.59 -4.21 0.50
C SER C 292 46.97 -3.71 1.79
N SER C 293 46.32 -2.53 1.75
CA SER C 293 45.70 -2.00 2.96
C SER C 293 44.71 -2.98 3.54
N ILE C 294 43.97 -3.68 2.68
CA ILE C 294 43.02 -4.69 3.16
C ILE C 294 43.73 -5.72 4.01
N SER C 295 44.87 -6.23 3.51
CA SER C 295 45.59 -7.27 4.24
C SER C 295 46.02 -6.76 5.61
N GLU C 296 46.19 -5.44 5.75
CA GLU C 296 46.59 -4.90 7.04
C GLU C 296 45.41 -4.85 8.01
N ALA C 297 44.22 -4.53 7.49
CA ALA C 297 43.09 -4.32 8.40
C ALA C 297 42.57 -5.63 8.97
N THR C 298 42.40 -6.64 8.12
CA THR C 298 41.89 -7.93 8.55
C THR C 298 42.99 -8.91 8.95
N GLY C 299 44.25 -8.57 8.70
CA GLY C 299 45.33 -9.49 8.98
C GLY C 299 45.39 -10.69 8.08
N SER C 300 44.77 -10.61 6.90
CA SER C 300 44.72 -11.75 5.99
C SER C 300 46.12 -12.10 5.49
N GLU C 301 46.41 -13.39 5.43
CA GLU C 301 47.72 -13.86 5.02
C GLU C 301 47.79 -14.04 3.50
N THR C 302 48.96 -13.76 2.95
CA THR C 302 49.16 -13.83 1.50
C THR C 302 49.47 -15.27 1.08
N LYS C 303 49.16 -15.56 -0.19
CA LYS C 303 49.34 -16.89 -0.74
C LYS C 303 50.67 -16.96 -1.50
N LYS C 304 50.89 -18.06 -2.22
CA LYS C 304 52.17 -18.28 -2.89
C LYS C 304 52.43 -17.25 -3.98
N SER C 305 51.41 -16.93 -4.77
CA SER C 305 51.60 -16.02 -5.90
C SER C 305 51.85 -14.58 -5.46
N GLY C 306 51.58 -14.26 -4.21
CA GLY C 306 51.73 -12.91 -3.71
C GLY C 306 50.52 -12.02 -3.87
N LYS C 307 49.57 -12.41 -4.71
CA LYS C 307 48.34 -11.66 -4.86
C LYS C 307 47.46 -11.89 -3.65
N PRO C 308 47.06 -10.85 -2.92
CA PRO C 308 46.27 -11.07 -1.70
C PRO C 308 44.90 -11.69 -1.96
N GLY C 309 44.41 -11.60 -3.19
CA GLY C 309 43.10 -12.12 -3.51
C GLY C 309 42.07 -11.01 -3.56
N PRO C 310 41.31 -10.94 -4.65
CA PRO C 310 40.33 -9.85 -4.80
C PRO C 310 39.33 -9.85 -3.66
N PHE C 311 39.00 -8.65 -3.19
CA PHE C 311 38.08 -8.47 -2.09
C PHE C 311 36.80 -7.81 -2.59
N LEU C 312 35.75 -7.91 -1.79
CA LEU C 312 34.43 -7.50 -2.24
C LEU C 312 33.61 -7.06 -1.04
N LEU C 313 32.66 -6.16 -1.28
CA LEU C 313 31.77 -5.68 -0.24
C LEU C 313 30.33 -6.03 -0.59
N SER C 314 29.54 -6.31 0.45
CA SER C 314 28.14 -6.67 0.26
C SER C 314 27.32 -5.98 1.33
N GLY C 315 26.41 -5.11 0.90
CA GLY C 315 25.45 -4.50 1.81
C GLY C 315 24.11 -5.18 1.63
N SER C 316 23.41 -5.36 2.75
CA SER C 316 22.14 -6.07 2.75
C SER C 316 21.12 -5.29 3.56
N ARG C 317 19.91 -5.84 3.61
CA ARG C 317 18.86 -5.29 4.44
C ARG C 317 19.00 -5.69 5.89
N ASP C 318 19.98 -6.55 6.22
CA ASP C 318 20.27 -6.88 7.60
C ASP C 318 21.05 -5.77 8.31
N LYS C 319 21.13 -4.59 7.70
CA LYS C 319 21.71 -3.39 8.28
C LYS C 319 23.21 -3.52 8.50
N THR C 320 23.86 -4.47 7.84
CA THR C 320 25.28 -4.72 8.02
C THR C 320 25.96 -4.79 6.67
N ILE C 321 27.23 -4.40 6.64
CA ILE C 321 28.05 -4.44 5.44
C ILE C 321 29.16 -5.45 5.67
N LYS C 322 29.13 -6.55 4.94
CA LYS C 322 30.15 -7.57 5.09
C LYS C 322 31.20 -7.40 4.01
N MET C 323 32.41 -7.88 4.29
CA MET C 323 33.50 -7.80 3.33
C MET C 323 34.12 -9.18 3.18
N TRP C 324 34.21 -9.66 1.95
CA TRP C 324 34.64 -11.01 1.65
C TRP C 324 35.94 -11.00 0.87
N ASP C 325 36.71 -12.08 1.03
CA ASP C 325 37.89 -12.33 0.22
C ASP C 325 37.48 -13.39 -0.80
N VAL C 326 37.50 -13.03 -2.08
CA VAL C 326 37.06 -13.94 -3.13
C VAL C 326 37.95 -15.17 -3.18
N SER C 327 39.27 -14.97 -3.07
CA SER C 327 40.21 -16.08 -3.23
C SER C 327 39.95 -17.19 -2.22
N THR C 328 39.42 -16.85 -1.05
CA THR C 328 39.13 -17.84 -0.02
C THR C 328 37.66 -18.01 0.30
N GLY C 329 36.82 -17.06 -0.11
CA GLY C 329 35.40 -17.19 0.13
C GLY C 329 34.97 -17.05 1.56
N MET C 330 35.73 -16.31 2.36
CA MET C 330 35.44 -16.15 3.78
C MET C 330 35.22 -14.68 4.12
N CYS C 331 34.38 -14.45 5.12
CA CYS C 331 34.00 -13.09 5.54
C CYS C 331 35.13 -12.49 6.35
N LEU C 332 35.89 -11.58 5.73
CA LEU C 332 37.01 -10.96 6.41
C LEU C 332 36.55 -10.11 7.60
N MET C 333 35.49 -9.33 7.41
CA MET C 333 35.02 -8.48 8.49
C MET C 333 33.57 -8.09 8.23
N THR C 334 32.92 -7.62 9.27
CA THR C 334 31.57 -7.08 9.20
C THR C 334 31.55 -5.69 9.80
N LEU C 335 30.71 -4.82 9.25
CA LEU C 335 30.57 -3.45 9.70
C LEU C 335 29.11 -3.20 10.05
N VAL C 336 28.88 -2.64 11.24
CA VAL C 336 27.55 -2.46 11.79
C VAL C 336 27.41 -0.99 12.18
N GLY C 337 26.16 -0.52 12.21
CA GLY C 337 25.89 0.83 12.65
C GLY C 337 24.74 1.49 11.92
N HIS C 338 24.41 0.99 10.74
CA HIS C 338 23.28 1.52 10.01
C HIS C 338 21.98 1.17 10.73
N ASP C 339 21.01 2.07 10.65
CA ASP C 339 19.73 1.91 11.32
C ASP C 339 18.64 1.40 10.41
N ASN C 340 18.98 1.00 9.18
CA ASN C 340 17.98 0.57 8.20
C ASN C 340 18.71 -0.16 7.09
N TRP C 341 17.99 -0.48 6.02
CA TRP C 341 18.56 -1.28 4.94
C TRP C 341 19.63 -0.49 4.20
N VAL C 342 20.80 -1.10 4.06
CA VAL C 342 21.87 -0.51 3.27
C VAL C 342 21.49 -0.55 1.80
N ARG C 343 21.64 0.59 1.12
CA ARG C 343 21.30 0.68 -0.29
C ARG C 343 22.51 0.76 -1.20
N GLY C 344 23.56 1.46 -0.80
CA GLY C 344 24.75 1.54 -1.62
C GLY C 344 25.98 1.52 -0.74
N VAL C 345 27.04 0.92 -1.25
CA VAL C 345 28.31 0.85 -0.50
C VAL C 345 29.44 0.88 -1.51
N LEU C 346 30.50 1.60 -1.17
CA LEU C 346 31.62 1.76 -2.09
C LEU C 346 32.87 2.14 -1.32
N PHE C 347 34.00 1.98 -2.00
CA PHE C 347 35.30 2.31 -1.44
C PHE C 347 35.70 3.73 -1.77
N HIS C 348 36.35 4.38 -0.81
CA HIS C 348 37.00 5.65 -1.07
C HIS C 348 38.17 5.41 -2.03
N SER C 349 38.35 6.33 -2.98
CA SER C 349 39.38 6.16 -4.00
C SER C 349 40.76 5.99 -3.39
N GLY C 350 40.99 6.54 -2.20
CA GLY C 350 42.26 6.39 -1.52
C GLY C 350 42.45 5.09 -0.80
N GLY C 351 41.46 4.21 -0.80
CA GLY C 351 41.56 2.94 -0.09
C GLY C 351 41.72 3.12 1.41
N LYS C 352 41.01 4.09 1.99
CA LYS C 352 41.13 4.37 3.41
C LYS C 352 39.80 4.50 4.12
N PHE C 353 38.70 4.74 3.40
CA PHE C 353 37.38 4.79 4.00
C PHE C 353 36.39 4.02 3.13
N ILE C 354 35.31 3.61 3.77
CA ILE C 354 34.19 2.97 3.10
C ILE C 354 33.00 3.90 3.20
N LEU C 355 32.50 4.37 2.08
CA LEU C 355 31.29 5.19 2.04
C LEU C 355 30.09 4.29 1.87
N SER C 356 28.98 4.66 2.49
CA SER C 356 27.76 3.89 2.28
C SER C 356 26.55 4.76 2.53
N CYS C 357 25.43 4.39 1.91
CA CYS C 357 24.17 5.07 2.11
C CYS C 357 23.08 4.02 2.31
N ALA C 358 22.15 4.32 3.20
CA ALA C 358 21.11 3.39 3.58
C ALA C 358 19.78 4.12 3.62
N ASP C 359 18.74 3.41 4.01
CA ASP C 359 17.41 3.99 4.14
C ASP C 359 17.23 4.71 5.46
N ASP C 360 18.26 4.79 6.30
CA ASP C 360 18.22 5.55 7.53
C ASP C 360 18.39 7.04 7.30
N LYS C 361 18.28 7.49 6.05
CA LYS C 361 18.44 8.88 5.66
C LYS C 361 19.83 9.42 5.99
N THR C 362 20.84 8.55 6.03
CA THR C 362 22.18 8.98 6.41
C THR C 362 23.21 8.43 5.44
N LEU C 363 24.22 9.26 5.15
CA LEU C 363 25.43 8.85 4.48
C LEU C 363 26.50 8.61 5.55
N ARG C 364 27.03 7.39 5.59
CA ARG C 364 27.99 7.03 6.63
C ARG C 364 29.35 6.77 6.02
N VAL C 365 30.37 7.40 6.58
CA VAL C 365 31.76 7.19 6.22
C VAL C 365 32.41 6.39 7.32
N TRP C 366 32.81 5.16 7.03
CA TRP C 366 33.34 4.24 8.01
C TRP C 366 34.81 3.99 7.74
N ASP C 367 35.53 3.63 8.79
CA ASP C 367 36.95 3.30 8.69
C ASP C 367 37.15 1.83 8.99
N TYR C 368 37.96 1.17 8.16
CA TYR C 368 38.20 -0.26 8.28
C TYR C 368 39.60 -0.62 8.74
N LYS C 369 40.59 0.24 8.53
CA LYS C 369 41.94 -0.07 8.96
C LYS C 369 42.08 0.08 10.47
N ASN C 370 41.74 1.25 10.99
CA ASN C 370 41.87 1.55 12.41
C ASN C 370 40.52 1.73 13.10
N LYS C 371 39.42 1.62 12.36
CA LYS C 371 38.08 1.91 12.89
C LYS C 371 38.04 3.30 13.53
N ARG C 372 38.67 4.26 12.84
CA ARG C 372 38.89 5.60 13.38
C ARG C 372 37.66 6.49 13.25
N CYS C 373 37.15 6.66 12.03
CA CYS C 373 36.05 7.58 11.75
C CYS C 373 34.77 6.80 11.48
N MET C 374 33.67 7.28 12.03
CA MET C 374 32.33 6.75 11.80
C MET C 374 31.39 7.91 11.52
N LYS C 375 31.79 8.75 10.57
CA LYS C 375 31.07 9.98 10.31
C LYS C 375 29.68 9.70 9.76
N THR C 376 28.71 10.52 10.17
CA THR C 376 27.31 10.36 9.81
C THR C 376 26.82 11.68 9.21
N LEU C 377 26.04 11.59 8.13
CA LEU C 377 25.50 12.76 7.47
C LEU C 377 24.00 12.59 7.30
N ASN C 378 23.22 13.57 7.76
CA ASN C 378 21.78 13.56 7.54
C ASN C 378 21.53 14.00 6.10
N ALA C 379 21.74 13.05 5.18
CA ALA C 379 21.84 13.39 3.77
C ALA C 379 20.52 13.90 3.21
N HIS C 380 19.43 13.18 3.45
CA HIS C 380 18.15 13.52 2.83
C HIS C 380 17.03 13.38 3.85
N GLU C 381 15.88 13.95 3.51
CA GLU C 381 14.70 13.89 4.34
C GLU C 381 13.92 12.60 4.16
N HIS C 382 14.38 11.71 3.29
CA HIS C 382 13.72 10.43 3.09
C HIS C 382 14.82 9.42 2.73
N PHE C 383 14.43 8.25 2.23
CA PHE C 383 15.39 7.19 2.00
C PHE C 383 16.45 7.62 1.00
N VAL C 384 17.68 7.16 1.22
CA VAL C 384 18.78 7.44 0.31
C VAL C 384 19.03 6.20 -0.54
N THR C 385 18.85 6.33 -1.84
CA THR C 385 18.84 5.16 -2.72
C THR C 385 20.20 4.79 -3.27
N SER C 386 21.09 5.76 -3.52
CA SER C 386 22.37 5.45 -4.11
C SER C 386 23.33 6.61 -3.88
N LEU C 387 24.62 6.32 -4.04
CA LEU C 387 25.64 7.34 -3.89
C LEU C 387 26.75 7.06 -4.90
N ASP C 388 27.59 8.06 -5.11
CA ASP C 388 28.80 7.83 -5.90
C ASP C 388 29.83 8.88 -5.53
N PHE C 389 31.09 8.46 -5.59
CA PHE C 389 32.26 9.28 -5.26
C PHE C 389 33.09 9.47 -6.52
N HIS C 390 33.37 10.72 -6.86
CA HIS C 390 34.15 11.02 -8.05
C HIS C 390 35.57 10.45 -7.90
N LYS C 391 36.10 9.92 -9.01
CA LYS C 391 37.42 9.30 -8.95
C LYS C 391 38.50 10.30 -8.60
N THR C 392 38.46 11.50 -9.17
CA THR C 392 39.49 12.50 -8.96
C THR C 392 39.00 13.72 -8.22
N ALA C 393 37.94 14.36 -8.70
CA ALA C 393 37.43 15.57 -8.08
C ALA C 393 36.85 15.23 -6.70
N PRO C 394 36.99 16.13 -5.72
CA PRO C 394 36.53 15.85 -4.35
C PRO C 394 35.04 16.14 -4.14
N TYR C 395 34.20 15.38 -4.81
CA TYR C 395 32.76 15.55 -4.71
C TYR C 395 32.07 14.21 -4.52
N VAL C 396 30.90 14.25 -3.90
CA VAL C 396 30.06 13.08 -3.69
C VAL C 396 28.65 13.46 -4.13
N VAL C 397 27.94 12.51 -4.73
CA VAL C 397 26.53 12.70 -5.07
C VAL C 397 25.70 11.59 -4.46
N THR C 398 24.52 11.95 -3.97
CA THR C 398 23.59 10.97 -3.40
C THR C 398 22.20 11.23 -3.95
N GLY C 399 21.56 10.15 -4.43
CA GLY C 399 20.16 10.21 -4.77
C GLY C 399 19.28 9.96 -3.58
N SER C 400 17.97 10.06 -3.78
CA SER C 400 17.04 9.89 -2.68
C SER C 400 15.63 9.64 -3.21
N VAL C 401 14.76 9.22 -2.29
CA VAL C 401 13.35 9.05 -2.62
C VAL C 401 12.59 10.38 -2.55
N ASP C 402 13.15 11.37 -1.83
CA ASP C 402 12.50 12.71 -1.79
C ASP C 402 12.63 13.36 -3.17
N GLN C 403 13.05 12.60 -4.19
CA GLN C 403 13.17 13.11 -5.59
C GLN C 403 14.18 14.25 -5.68
N THR C 404 15.19 14.28 -4.79
CA THR C 404 16.23 15.33 -4.85
C THR C 404 17.63 14.72 -4.81
N VAL C 405 18.51 15.12 -5.73
CA VAL C 405 19.89 14.67 -5.70
C VAL C 405 20.68 15.72 -4.94
N LYS C 406 21.69 15.29 -4.19
CA LYS C 406 22.52 16.21 -3.45
C LYS C 406 23.99 16.01 -3.80
N VAL C 407 24.73 17.12 -3.82
CA VAL C 407 26.16 17.12 -4.09
C VAL C 407 26.86 17.67 -2.85
N TRP C 408 27.77 16.87 -2.29
CA TRP C 408 28.56 17.25 -1.13
C TRP C 408 30.01 17.42 -1.56
N GLU C 409 30.71 18.35 -0.89
CA GLU C 409 32.11 18.60 -1.19
C GLU C 409 32.99 17.85 -0.20
N CYS C 410 34.12 17.34 -0.70
CA CYS C 410 35.08 16.62 0.12
C CYS C 410 36.16 17.59 0.59
N ARG C 411 36.41 17.59 1.90
CA ARG C 411 37.39 18.50 2.48
C ARG C 411 38.26 17.78 3.50
PB ADP D . 4.10 -28.12 31.65
O1B ADP D . 3.95 -28.00 33.16
O2B ADP D . 4.83 -29.38 31.24
O3B ADP D . 2.80 -27.93 30.91
PA ADP D . 6.63 -26.78 30.95
O1A ADP D . 7.36 -27.48 32.05
O2A ADP D . 6.89 -27.20 29.54
O3A ADP D . 5.06 -26.89 31.22
O5' ADP D . 6.86 -25.20 31.09
C5' ADP D . 6.83 -24.63 32.42
C4' ADP D . 7.21 -23.17 32.33
O4' ADP D . 7.29 -22.63 33.68
C3' ADP D . 8.56 -22.87 31.69
O3' ADP D . 8.54 -21.60 31.05
C2' ADP D . 9.49 -22.86 32.91
O2' ADP D . 10.71 -22.20 32.67
C1' ADP D . 8.60 -22.15 33.93
N9 ADP D . 8.93 -22.44 35.31
C8 ADP D . 8.03 -22.76 36.31
N7 ADP D . 8.58 -22.97 37.47
C5 ADP D . 9.94 -22.78 37.24
C6 ADP D . 11.06 -22.85 38.10
N6 ADP D . 10.98 -23.16 39.39
N1 ADP D . 12.27 -22.59 37.56
C2 ADP D . 12.34 -22.28 36.26
N3 ADP D . 11.36 -22.18 35.37
C4 ADP D . 10.17 -22.44 35.93
PB ADP E . -7.47 -12.52 6.03
O1B ADP E . -7.70 -11.33 6.93
O2B ADP E . -6.13 -13.15 6.25
O3B ADP E . -8.59 -13.53 6.07
PA ADP E . -6.32 -11.36 3.56
O1A ADP E . -5.32 -10.64 4.40
O2A ADP E . -5.84 -12.47 2.67
O3A ADP E . -7.47 -11.93 4.52
O5' ADP E . -7.14 -10.29 2.69
C5' ADP E . -6.39 -9.47 1.76
C4' ADP E . -7.33 -8.55 1.02
O4' ADP E . -7.87 -7.57 1.95
C3' ADP E . -6.70 -7.72 -0.10
O3' ADP E . -7.69 -7.31 -1.03
C2' ADP E . -6.16 -6.52 0.71
O2' ADP E . -5.86 -5.39 -0.07
C1' ADP E . -7.34 -6.29 1.65
N9 ADP E . -6.99 -5.63 2.90
C8 ADP E . -6.78 -6.22 4.12
N7 ADP E . -6.47 -5.38 5.07
C5 ADP E . -6.45 -4.16 4.44
C6 ADP E . -6.17 -2.86 4.90
N6 ADP E . -5.85 -2.57 6.16
N1 ADP E . -6.23 -1.84 4.01
C2 ADP E . -6.54 -2.12 2.74
N3 ADP E . -6.82 -3.30 2.18
C4 ADP E . -6.76 -4.29 3.10
#